data_1FLO
#
_entry.id   1FLO
#
_cell.length_a   81.480
_cell.length_b   180.180
_cell.length_c   98.600
_cell.angle_alpha   90.00
_cell.angle_beta   97.02
_cell.angle_gamma   90.00
#
_symmetry.space_group_name_H-M   'P 1 21 1'
#
loop_
_entity.id
_entity.type
_entity.pdbx_description
1 polymer 'SYMMETRIZED FRT DNA SITES'
2 polymer 'SYMMETRIZED FRT DNA SITES'
3 polymer 'FLP RECOMBINASE'
4 non-polymer 'PHOSPHONIC ACID'
5 water water
#
loop_
_entity_poly.entity_id
_entity_poly.type
_entity_poly.pdbx_seq_one_letter_code
_entity_poly.pdbx_strand_id
1 'polydeoxyribonucleotide' (DT)(DA)(DA)(DG)(DT)(DT)(DC)(DC)(DT)(DA)(DT)(DT)(DC) E,G,I,K
2 'polydeoxyribonucleotide' (DT)(DT)(DT)(DA)(DA)(DA)(DA)(DG)(DA)(DA)(DT)(DA)(DG)(DG)(DA)(DA)(DC)(DT)(DT)(DC) F,H,J,L
3 'polypeptide(L)'
;PQFDILCKTPPKVLVRQFVERFERPSGEKIALCAAELTYLCWMITHNGTAIKRATFMSYNTIISNSLSFDIVNKSLQFKY
KTQKATILEASLKKLIPAWEFTIIPYYGQKHQSDITDIVSSLQLQFESSEEADKGNSHSKKMLKALLSEGESIWEITEKI
LNSFEYTSRFTKTKTLYQFLFLATFINCGRFSDIKNVDPKSFKLVQNKYLGVIIQCLVTETKTSVSRHIYFFSARGRIDP
LVYLDEFLRNSEPVLKRVNRTGNSSSNKQEYQLLKDNLVRSYNKALKKNAPYSIFAIKNGPKSHIGRHLMTSFLSMKGLT
ELTNVVGNWSDKRASAVARTTYTHQITAIPDHYFALVSRYYAYDPISKEMIALKDETNPIEEWQHIEQLKGSAEGSIRYP
AWNGIISQEVLDYLSSYINRRI
;
A,B,C,D
#
# COMPACT_ATOMS: atom_id res chain seq x y z
N PRO I 1 -34.65 28.91 12.62
CA PRO I 1 -33.63 28.80 11.55
C PRO I 1 -34.24 28.16 10.29
N GLN I 2 -33.95 28.74 9.13
CA GLN I 2 -34.46 28.25 7.85
C GLN I 2 -34.49 26.74 7.69
N PHE I 3 -33.32 26.10 7.76
CA PHE I 3 -33.21 24.67 7.60
C PHE I 3 -34.20 23.92 8.47
N ASP I 4 -34.35 24.33 9.73
CA ASP I 4 -35.28 23.63 10.62
C ASP I 4 -36.74 23.68 10.12
N ILE I 5 -37.14 24.86 9.66
CA ILE I 5 -38.47 25.06 9.10
C ILE I 5 -38.61 24.18 7.85
N LEU I 6 -37.58 24.20 7.03
CA LEU I 6 -37.59 23.40 5.82
C LEU I 6 -37.76 21.91 6.13
N CYS I 7 -37.18 21.45 7.23
CA CYS I 7 -37.31 20.04 7.63
C CYS I 7 -38.72 19.72 8.10
N LYS I 8 -39.50 20.77 8.36
CA LYS I 8 -40.86 20.62 8.84
C LYS I 8 -41.92 20.59 7.75
N THR I 9 -41.74 21.39 6.70
CA THR I 9 -42.72 21.44 5.62
C THR I 9 -42.63 20.21 4.73
N PRO I 10 -43.78 19.62 4.35
CA PRO I 10 -43.86 18.43 3.49
C PRO I 10 -43.41 18.74 2.07
N PRO I 11 -42.72 17.80 1.44
CA PRO I 11 -42.21 17.95 0.08
C PRO I 11 -43.19 18.56 -0.91
N LYS I 12 -44.44 18.11 -0.90
CA LYS I 12 -45.44 18.64 -1.83
C LYS I 12 -45.76 20.09 -1.54
N VAL I 13 -45.69 20.51 -0.27
CA VAL I 13 -45.94 21.90 0.05
C VAL I 13 -44.75 22.73 -0.45
N LEU I 14 -43.55 22.17 -0.36
CA LEU I 14 -42.38 22.90 -0.85
C LEU I 14 -42.52 23.23 -2.34
N VAL I 15 -42.92 22.25 -3.15
CA VAL I 15 -43.09 22.48 -4.58
C VAL I 15 -44.19 23.53 -4.87
N ARG I 16 -45.37 23.34 -4.29
CA ARG I 16 -46.47 24.25 -4.48
C ARG I 16 -46.00 25.68 -4.29
N GLN I 17 -45.55 25.98 -3.07
CA GLN I 17 -45.05 27.33 -2.70
C GLN I 17 -44.05 27.88 -3.71
N PHE I 18 -43.36 26.99 -4.41
CA PHE I 18 -42.40 27.41 -5.40
C PHE I 18 -43.06 27.80 -6.73
N VAL I 19 -43.95 26.93 -7.21
CA VAL I 19 -44.66 27.21 -8.46
C VAL I 19 -45.52 28.44 -8.20
N GLU I 20 -46.04 28.51 -6.98
CA GLU I 20 -46.87 29.62 -6.56
C GLU I 20 -46.21 30.97 -6.93
N ARG I 21 -44.90 31.09 -6.67
CA ARG I 21 -44.14 32.32 -6.94
C ARG I 21 -44.09 32.85 -8.37
N PHE I 22 -44.27 31.97 -9.36
CA PHE I 22 -44.19 32.43 -10.74
C PHE I 22 -45.52 32.67 -11.46
N GLU I 23 -46.62 32.29 -10.82
CA GLU I 23 -47.95 32.50 -11.40
C GLU I 23 -48.25 33.99 -11.42
N ARG I 24 -47.80 34.69 -10.39
CA ARG I 24 -47.97 36.14 -10.31
C ARG I 24 -46.60 36.79 -10.39
N PRO I 25 -45.91 36.63 -11.53
CA PRO I 25 -44.58 37.19 -11.75
C PRO I 25 -44.29 38.53 -11.05
N SER I 26 -43.83 38.45 -9.80
CA SER I 26 -43.50 39.65 -9.03
C SER I 26 -42.18 39.49 -8.31
N GLY I 27 -41.31 40.49 -8.41
CA GLY I 27 -40.01 40.43 -7.76
C GLY I 27 -40.10 39.93 -6.34
N GLU I 28 -41.06 40.46 -5.58
CA GLU I 28 -41.26 40.10 -4.18
C GLU I 28 -41.28 38.60 -3.83
N LYS I 29 -42.02 37.82 -4.59
CA LYS I 29 -42.12 36.38 -4.34
C LYS I 29 -40.95 35.59 -4.93
N ILE I 30 -40.37 36.09 -6.02
CA ILE I 30 -39.26 35.39 -6.65
C ILE I 30 -37.96 35.47 -5.83
N ALA I 31 -37.63 36.66 -5.33
CA ALA I 31 -36.42 36.83 -4.56
C ALA I 31 -36.31 35.90 -3.35
N LEU I 32 -37.46 35.44 -2.84
CA LEU I 32 -37.48 34.56 -1.67
C LEU I 32 -37.50 33.07 -2.06
N CYS I 33 -37.19 32.77 -3.30
CA CYS I 33 -37.22 31.39 -3.76
C CYS I 33 -35.91 30.62 -3.54
N ALA I 34 -34.91 31.30 -2.97
CA ALA I 34 -33.59 30.71 -2.71
C ALA I 34 -33.55 29.40 -1.90
N ALA I 35 -34.18 29.36 -0.74
CA ALA I 35 -34.15 28.13 0.03
C ALA I 35 -34.83 27.04 -0.79
N GLU I 36 -36.05 27.30 -1.24
CA GLU I 36 -36.77 26.32 -2.05
C GLU I 36 -35.92 25.82 -3.20
N LEU I 37 -35.34 26.75 -3.94
CA LEU I 37 -34.53 26.38 -5.07
C LEU I 37 -33.38 25.44 -4.67
N THR I 38 -32.68 25.79 -3.57
CA THR I 38 -31.56 24.98 -3.06
C THR I 38 -32.01 23.55 -2.80
N TYR I 39 -33.09 23.42 -2.03
CA TYR I 39 -33.65 22.13 -1.68
C TYR I 39 -33.99 21.33 -2.94
N LEU I 40 -34.56 22.04 -3.90
CA LEU I 40 -35.00 21.47 -5.16
C LEU I 40 -33.85 20.98 -6.04
N CYS I 41 -32.84 21.82 -6.25
CA CYS I 41 -31.71 21.44 -7.07
C CYS I 41 -30.99 20.20 -6.53
N TRP I 42 -30.94 20.07 -5.20
CA TRP I 42 -30.27 18.92 -4.61
C TRP I 42 -31.07 17.65 -4.90
N MET I 43 -32.32 17.65 -4.46
CA MET I 43 -33.18 16.50 -4.68
C MET I 43 -33.21 16.07 -6.15
N ILE I 44 -32.97 16.98 -7.08
CA ILE I 44 -32.96 16.61 -8.49
C ILE I 44 -31.66 15.87 -8.83
N THR I 45 -30.53 16.46 -8.43
CA THR I 45 -29.21 15.86 -8.69
C THR I 45 -28.87 14.63 -7.83
N HIS I 46 -29.68 14.35 -6.80
CA HIS I 46 -29.40 13.20 -5.92
C HIS I 46 -30.57 12.22 -5.81
N ASN I 47 -31.46 12.29 -6.79
CA ASN I 47 -32.64 11.42 -6.84
C ASN I 47 -33.35 11.21 -5.52
N GLY I 48 -33.49 12.29 -4.74
CA GLY I 48 -34.18 12.19 -3.47
C GLY I 48 -33.37 11.92 -2.21
N THR I 49 -32.05 11.86 -2.31
CA THR I 49 -31.20 11.63 -1.14
C THR I 49 -31.22 12.88 -0.24
N ALA I 50 -31.28 12.66 1.07
CA ALA I 50 -31.29 13.74 2.04
C ALA I 50 -30.13 14.76 1.88
N ILE I 51 -30.35 15.95 2.44
CA ILE I 51 -29.39 17.05 2.40
C ILE I 51 -29.03 17.42 3.85
N LYS I 52 -27.73 17.60 4.13
CA LYS I 52 -27.31 17.93 5.50
C LYS I 52 -27.38 19.42 5.77
N ARG I 53 -27.64 19.76 7.02
CA ARG I 53 -27.76 21.15 7.45
C ARG I 53 -26.67 22.05 6.89
N ALA I 54 -25.42 21.77 7.24
CA ALA I 54 -24.30 22.59 6.76
C ALA I 54 -24.28 22.72 5.27
N THR I 55 -24.46 21.60 4.59
CA THR I 55 -24.41 21.64 3.13
C THR I 55 -25.51 22.52 2.53
N PHE I 56 -26.71 22.40 3.08
CA PHE I 56 -27.82 23.19 2.65
C PHE I 56 -27.47 24.70 2.78
N MET I 57 -27.15 25.13 4.00
CA MET I 57 -26.80 26.54 4.25
C MET I 57 -25.75 27.08 3.27
N SER I 58 -24.70 26.31 3.05
CA SER I 58 -23.63 26.72 2.16
C SER I 58 -24.16 27.02 0.77
N TYR I 59 -24.96 26.09 0.26
CA TYR I 59 -25.52 26.19 -1.07
C TYR I 59 -26.53 27.32 -1.21
N ASN I 60 -27.32 27.55 -0.17
CA ASN I 60 -28.31 28.61 -0.15
C ASN I 60 -27.62 29.96 -0.40
N THR I 61 -26.58 30.23 0.38
CA THR I 61 -25.83 31.46 0.26
C THR I 61 -25.26 31.64 -1.14
N ILE I 62 -24.82 30.55 -1.77
CA ILE I 62 -24.26 30.70 -3.11
C ILE I 62 -25.34 31.17 -4.09
N ILE I 63 -26.58 30.74 -3.87
CA ILE I 63 -27.68 31.14 -4.73
C ILE I 63 -28.09 32.57 -4.44
N SER I 64 -28.27 32.90 -3.16
CA SER I 64 -28.66 34.25 -2.81
C SER I 64 -27.77 35.32 -3.39
N ASN I 65 -26.46 35.13 -3.37
CA ASN I 65 -25.60 36.17 -3.92
C ASN I 65 -25.56 36.07 -5.44
N SER I 66 -26.32 35.17 -6.03
CA SER I 66 -26.27 35.04 -7.50
C SER I 66 -27.60 35.05 -8.25
N LEU I 67 -28.72 35.01 -7.52
CA LEU I 67 -30.04 34.98 -8.11
C LEU I 67 -30.38 36.23 -8.93
N SER I 68 -30.58 36.04 -10.24
CA SER I 68 -30.89 37.14 -11.14
C SER I 68 -32.05 36.79 -12.08
N PHE I 69 -32.97 37.71 -12.30
CA PHE I 69 -34.09 37.39 -13.18
C PHE I 69 -34.74 38.57 -13.91
N ASP I 70 -35.54 38.25 -14.92
CA ASP I 70 -36.26 39.23 -15.75
C ASP I 70 -37.74 38.88 -15.95
N ILE I 71 -38.62 39.53 -15.19
CA ILE I 71 -40.07 39.27 -15.29
C ILE I 71 -40.69 39.48 -16.68
N VAL I 72 -40.13 40.41 -17.46
CA VAL I 72 -40.64 40.65 -18.80
C VAL I 72 -40.50 39.34 -19.59
N ASN I 73 -39.26 39.01 -19.96
CA ASN I 73 -38.94 37.82 -20.73
C ASN I 73 -39.13 36.49 -20.02
N LYS I 74 -39.09 36.49 -18.69
CA LYS I 74 -39.26 35.28 -17.90
C LYS I 74 -38.04 34.33 -17.95
N SER I 75 -36.91 34.85 -17.50
CA SER I 75 -35.65 34.12 -17.46
C SER I 75 -35.06 34.26 -16.05
N LEU I 76 -34.42 33.20 -15.56
CA LEU I 76 -33.82 33.22 -14.23
C LEU I 76 -32.49 32.44 -14.14
N GLN I 77 -31.47 33.08 -13.57
CA GLN I 77 -30.19 32.38 -13.43
C GLN I 77 -29.60 32.42 -12.05
N PHE I 78 -28.57 31.60 -11.84
CA PHE I 78 -27.89 31.50 -10.56
C PHE I 78 -26.75 30.48 -10.58
N LYS I 79 -25.93 30.50 -9.52
CA LYS I 79 -24.80 29.59 -9.39
C LYS I 79 -25.13 28.37 -8.52
N TYR I 80 -24.51 27.25 -8.85
CA TYR I 80 -24.71 26.01 -8.10
C TYR I 80 -23.61 24.98 -8.43
N LYS I 81 -23.09 24.30 -7.41
CA LYS I 81 -22.03 23.29 -7.60
C LYS I 81 -22.55 21.99 -8.22
N THR I 82 -22.24 21.76 -9.49
CA THR I 82 -22.68 20.55 -10.18
C THR I 82 -22.13 20.51 -11.58
N GLN I 83 -22.13 19.29 -12.12
CA GLN I 83 -21.66 19.02 -13.47
C GLN I 83 -22.87 18.92 -14.40
N LYS I 84 -23.92 18.28 -13.87
CA LYS I 84 -25.16 18.07 -14.60
C LYS I 84 -26.09 19.29 -14.63
N ALA I 85 -25.74 20.30 -15.41
CA ALA I 85 -26.56 21.51 -15.52
C ALA I 85 -27.80 21.26 -16.38
N THR I 86 -27.56 20.86 -17.62
CA THR I 86 -28.60 20.61 -18.61
C THR I 86 -29.75 19.82 -18.00
N ILE I 87 -29.42 18.73 -17.34
CA ILE I 87 -30.41 17.88 -16.69
C ILE I 87 -31.22 18.75 -15.73
N LEU I 88 -30.49 19.49 -14.91
CA LEU I 88 -31.07 20.37 -13.90
C LEU I 88 -31.94 21.47 -14.49
N GLU I 89 -31.40 22.20 -15.45
CA GLU I 89 -32.13 23.27 -16.11
C GLU I 89 -33.41 22.68 -16.67
N ALA I 90 -33.25 21.67 -17.52
CA ALA I 90 -34.38 21.00 -18.12
C ALA I 90 -35.42 20.69 -17.04
N SER I 91 -35.02 19.91 -16.05
CA SER I 91 -35.91 19.54 -14.98
C SER I 91 -36.66 20.72 -14.40
N LEU I 92 -36.00 21.86 -14.31
CA LEU I 92 -36.65 23.04 -13.75
C LEU I 92 -37.70 23.62 -14.70
N LYS I 93 -37.36 23.64 -15.98
CA LYS I 93 -38.29 24.20 -16.96
C LYS I 93 -39.56 23.40 -16.94
N LYS I 94 -39.45 22.09 -16.72
CA LYS I 94 -40.63 21.27 -16.68
C LYS I 94 -41.58 21.87 -15.66
N LEU I 95 -41.18 21.87 -14.40
CA LEU I 95 -42.00 22.42 -13.32
C LEU I 95 -42.64 23.75 -13.66
N ILE I 96 -41.90 24.60 -14.38
CA ILE I 96 -42.38 25.92 -14.76
C ILE I 96 -41.99 26.18 -16.22
N PRO I 97 -42.85 25.70 -17.15
CA PRO I 97 -42.83 25.73 -18.61
C PRO I 97 -42.51 27.04 -19.35
N ALA I 98 -43.07 28.15 -18.89
CA ALA I 98 -42.89 29.44 -19.54
C ALA I 98 -41.61 30.19 -19.19
N TRP I 99 -40.70 29.51 -18.49
CA TRP I 99 -39.47 30.16 -18.08
C TRP I 99 -38.21 29.46 -18.57
N GLU I 100 -37.14 30.24 -18.69
CA GLU I 100 -35.87 29.72 -19.15
C GLU I 100 -34.89 29.78 -17.98
N PHE I 101 -34.40 28.61 -17.55
CA PHE I 101 -33.45 28.55 -16.43
C PHE I 101 -32.02 28.30 -16.88
N THR I 102 -31.10 29.12 -16.38
CA THR I 102 -29.69 28.97 -16.73
C THR I 102 -28.82 28.80 -15.47
N ILE I 103 -28.16 27.66 -15.36
CA ILE I 103 -27.28 27.38 -14.22
C ILE I 103 -25.84 27.80 -14.50
N ILE I 104 -25.30 28.66 -13.66
CA ILE I 104 -23.93 29.14 -13.80
C ILE I 104 -23.03 28.41 -12.79
N PRO I 105 -21.95 27.77 -13.27
CA PRO I 105 -21.00 27.04 -12.43
C PRO I 105 -20.16 27.86 -11.45
N TYR I 106 -20.35 27.60 -10.16
CA TYR I 106 -19.59 28.26 -9.10
C TYR I 106 -18.25 27.58 -9.19
N TYR I 107 -17.24 28.28 -9.69
CA TYR I 107 -15.92 27.65 -9.82
C TYR I 107 -14.77 28.56 -9.43
N SER I 113 -7.55 33.73 -15.34
CA SER I 113 -6.10 33.88 -15.35
C SER I 113 -5.64 34.73 -16.54
N ASP I 114 -6.05 35.99 -16.57
CA ASP I 114 -5.61 36.86 -17.66
C ASP I 114 -4.14 37.19 -17.42
N ILE I 115 -3.34 37.12 -18.48
CA ILE I 115 -1.92 37.40 -18.38
C ILE I 115 -1.63 38.80 -17.83
N THR I 116 -2.48 39.77 -18.16
CA THR I 116 -2.30 41.15 -17.69
C THR I 116 -2.79 41.33 -16.26
N ASP I 117 -3.91 40.71 -15.91
CA ASP I 117 -4.46 40.81 -14.55
C ASP I 117 -3.38 40.23 -13.62
N ILE I 118 -2.60 39.32 -14.18
CA ILE I 118 -1.52 38.67 -13.48
C ILE I 118 -0.30 39.60 -13.43
N VAL I 119 0.07 40.17 -14.59
CA VAL I 119 1.20 41.09 -14.65
C VAL I 119 0.96 42.30 -13.76
N SER I 120 -0.30 42.74 -13.70
CA SER I 120 -0.66 43.89 -12.87
C SER I 120 -0.39 43.54 -11.42
N SER I 121 -1.07 42.50 -10.94
CA SER I 121 -0.93 42.05 -9.57
C SER I 121 0.55 41.83 -9.24
N LEU I 122 1.28 41.20 -10.16
CA LEU I 122 2.69 40.94 -9.96
C LEU I 122 3.47 42.25 -9.86
N GLN I 123 3.06 43.23 -10.68
CA GLN I 123 3.69 44.55 -10.69
C GLN I 123 3.35 45.34 -9.43
N LEU I 124 2.08 45.33 -9.07
CA LEU I 124 1.60 46.02 -7.89
C LEU I 124 2.33 45.47 -6.67
N GLN I 125 2.83 44.25 -6.82
CA GLN I 125 3.56 43.58 -5.76
C GLN I 125 5.02 44.00 -5.77
N PHE I 126 5.60 44.10 -6.96
CA PHE I 126 7.00 44.47 -7.08
C PHE I 126 7.38 45.83 -6.49
N GLU I 127 6.39 46.71 -6.33
CA GLU I 127 6.64 48.04 -5.76
C GLU I 127 6.45 48.10 -4.24
N SER I 128 5.32 47.57 -3.76
CA SER I 128 5.04 47.55 -2.33
C SER I 128 6.11 46.75 -1.59
N LYS I 134 0.06 36.59 2.54
CA LYS I 134 -1.21 35.88 2.68
C LYS I 134 -1.81 35.98 4.08
N GLY I 135 -3.07 35.56 4.20
CA GLY I 135 -3.77 35.55 5.47
C GLY I 135 -3.45 34.22 6.12
N ASN I 136 -3.04 33.28 5.27
CA ASN I 136 -2.66 31.93 5.70
C ASN I 136 -1.18 31.95 6.07
N SER I 137 -0.37 32.60 5.24
CA SER I 137 1.06 32.70 5.47
C SER I 137 1.34 33.32 6.83
N HIS I 138 0.67 34.42 7.14
CA HIS I 138 0.88 35.09 8.41
C HIS I 138 0.45 34.19 9.56
N SER I 139 -0.55 33.36 9.27
CA SER I 139 -1.12 32.44 10.25
C SER I 139 -0.16 31.30 10.58
N LYS I 140 0.49 30.74 9.57
CA LYS I 140 1.43 29.65 9.79
C LYS I 140 2.63 30.20 10.52
N LYS I 141 3.14 31.33 10.03
CA LYS I 141 4.28 31.97 10.65
C LYS I 141 4.10 31.96 12.16
N MET I 142 3.01 32.56 12.62
CA MET I 142 2.75 32.62 14.05
C MET I 142 2.71 31.24 14.69
N LEU I 143 2.02 30.29 14.06
CA LEU I 143 1.94 28.95 14.62
C LEU I 143 3.33 28.33 14.83
N LYS I 144 4.21 28.50 13.85
CA LYS I 144 5.58 27.99 13.91
C LYS I 144 6.31 28.54 15.14
N ALA I 145 6.23 29.86 15.31
CA ALA I 145 6.85 30.54 16.45
C ALA I 145 6.29 30.02 17.78
N LEU I 146 4.97 30.16 17.97
CA LEU I 146 4.31 29.70 19.20
C LEU I 146 4.81 28.32 19.66
N LEU I 147 5.42 27.57 18.74
CA LEU I 147 5.92 26.24 19.05
C LEU I 147 7.43 26.14 19.12
N SER I 148 8.12 26.84 18.22
CA SER I 148 9.58 26.82 18.15
C SER I 148 10.27 27.35 19.40
N GLU I 149 9.83 28.52 19.86
CA GLU I 149 10.37 29.16 21.05
C GLU I 149 10.53 28.29 22.31
N GLY I 150 10.92 28.92 23.40
CA GLY I 150 11.14 28.20 24.64
C GLY I 150 10.11 27.17 25.04
N GLU I 151 8.93 27.64 25.40
CA GLU I 151 7.82 26.81 25.88
C GLU I 151 7.49 25.51 25.16
N SER I 152 7.18 24.50 25.96
CA SER I 152 6.81 23.20 25.47
C SER I 152 5.28 23.15 25.35
N ILE I 153 4.79 22.10 24.69
CA ILE I 153 3.37 21.89 24.51
C ILE I 153 2.64 21.91 25.85
N TRP I 154 3.12 21.12 26.81
CA TRP I 154 2.50 21.10 28.11
C TRP I 154 2.48 22.44 28.84
N GLU I 155 3.45 23.31 28.56
CA GLU I 155 3.46 24.60 29.21
C GLU I 155 2.45 25.52 28.53
N ILE I 156 2.39 25.43 27.20
CA ILE I 156 1.47 26.20 26.39
C ILE I 156 0.00 25.86 26.71
N THR I 157 -0.23 24.58 27.01
CA THR I 157 -1.56 24.12 27.36
C THR I 157 -1.99 24.70 28.70
N GLU I 158 -1.08 24.74 29.66
CA GLU I 158 -1.42 25.28 30.98
C GLU I 158 -1.77 26.77 30.89
N LYS I 159 -1.10 27.52 30.02
CA LYS I 159 -1.38 28.94 29.93
C LYS I 159 -2.72 29.23 29.26
N ILE I 160 -3.01 28.53 28.18
CA ILE I 160 -4.27 28.73 27.50
C ILE I 160 -5.38 28.32 28.45
N LEU I 161 -5.25 27.13 29.00
CA LEU I 161 -6.24 26.62 29.92
C LEU I 161 -6.46 27.51 31.15
N ASN I 162 -5.50 28.34 31.49
CA ASN I 162 -5.65 29.21 32.66
C ASN I 162 -6.20 30.59 32.31
N SER I 163 -6.13 30.95 31.03
CA SER I 163 -6.60 32.25 30.57
C SER I 163 -8.13 32.34 30.72
N PHE I 164 -8.72 31.26 31.20
CA PHE I 164 -10.15 31.17 31.37
C PHE I 164 -10.57 31.26 32.81
N GLU I 165 -9.66 30.89 33.69
CA GLU I 165 -9.87 30.83 35.14
C GLU I 165 -10.47 32.03 35.86
N TYR I 166 -10.14 33.24 35.41
CA TYR I 166 -10.67 34.44 36.07
C TYR I 166 -11.21 35.48 35.09
N THR I 167 -11.52 35.05 33.88
CA THR I 167 -12.02 35.97 32.86
C THR I 167 -13.49 35.70 32.43
N SER I 168 -14.05 34.58 32.88
CA SER I 168 -15.41 34.21 32.51
C SER I 168 -16.50 34.82 33.38
N ARG I 169 -17.70 34.96 32.84
CA ARG I 169 -18.78 35.55 33.60
C ARG I 169 -19.36 34.60 34.65
N PHE I 170 -19.60 33.35 34.29
CA PHE I 170 -20.14 32.38 35.26
C PHE I 170 -19.27 31.12 35.36
N THR I 171 -19.39 30.37 36.46
CA THR I 171 -18.61 29.15 36.64
C THR I 171 -18.93 28.15 35.54
N LYS I 172 -20.20 28.15 35.12
CA LYS I 172 -20.64 27.24 34.08
C LYS I 172 -19.84 27.44 32.79
N THR I 173 -19.61 28.68 32.38
CA THR I 173 -18.82 28.92 31.16
C THR I 173 -17.34 28.64 31.38
N LYS I 174 -16.84 29.01 32.56
CA LYS I 174 -15.45 28.75 32.89
C LYS I 174 -15.22 27.26 32.71
N THR I 175 -16.16 26.49 33.22
CA THR I 175 -16.11 25.05 33.16
C THR I 175 -16.07 24.46 31.77
N LEU I 176 -16.97 24.93 30.91
CA LEU I 176 -17.03 24.40 29.56
C LEU I 176 -15.79 24.73 28.76
N TYR I 177 -15.41 26.00 28.77
CA TYR I 177 -14.26 26.45 28.02
C TYR I 177 -13.01 25.65 28.37
N GLN I 178 -12.81 25.37 29.64
CA GLN I 178 -11.65 24.61 30.06
C GLN I 178 -11.73 23.17 29.57
N PHE I 179 -12.86 22.52 29.85
CA PHE I 179 -13.11 21.14 29.45
C PHE I 179 -12.98 20.92 27.93
N LEU I 180 -13.65 21.76 27.14
CA LEU I 180 -13.62 21.67 25.68
C LEU I 180 -12.20 21.78 25.10
N PHE I 181 -11.36 22.64 25.67
CA PHE I 181 -10.01 22.78 25.15
C PHE I 181 -9.18 21.51 25.46
N LEU I 182 -9.16 21.12 26.71
CA LEU I 182 -8.44 19.95 27.11
C LEU I 182 -8.88 18.69 26.32
N ALA I 183 -10.17 18.63 26.04
CA ALA I 183 -10.73 17.49 25.31
C ALA I 183 -10.32 17.50 23.85
N THR I 184 -10.13 18.67 23.26
CA THR I 184 -9.76 18.64 21.85
C THR I 184 -8.27 18.35 21.68
N PHE I 185 -7.49 18.79 22.66
CA PHE I 185 -6.05 18.56 22.65
C PHE I 185 -5.76 17.10 22.94
N ILE I 186 -6.43 16.56 23.95
CA ILE I 186 -6.20 15.18 24.35
C ILE I 186 -6.55 14.15 23.29
N ASN I 187 -7.52 14.46 22.44
CA ASN I 187 -7.91 13.49 21.42
C ASN I 187 -7.54 13.97 20.02
N CYS I 188 -7.02 15.18 19.92
CA CYS I 188 -6.68 15.75 18.61
C CYS I 188 -8.00 15.87 17.81
N GLY I 189 -9.09 16.17 18.52
CA GLY I 189 -10.39 16.28 17.88
C GLY I 189 -10.92 17.67 17.59
N ARG I 190 -11.95 17.72 16.75
CA ARG I 190 -12.64 18.97 16.37
C ARG I 190 -13.69 19.28 17.42
N PHE I 191 -14.31 20.43 17.26
CA PHE I 191 -15.39 20.85 18.15
C PHE I 191 -16.52 19.83 18.00
N SER I 192 -16.86 19.55 16.74
CA SER I 192 -17.93 18.59 16.47
C SER I 192 -17.61 17.20 17.02
N ASP I 193 -16.34 16.82 17.01
CA ASP I 193 -15.95 15.50 17.52
C ASP I 193 -16.33 15.34 18.99
N ILE I 194 -16.26 16.42 19.76
CA ILE I 194 -16.64 16.38 21.16
C ILE I 194 -18.15 16.67 21.33
N LYS I 195 -18.67 17.70 20.65
CA LYS I 195 -20.09 18.08 20.73
C LYS I 195 -21.06 16.93 20.44
N ASN I 196 -20.86 16.28 19.31
CA ASN I 196 -21.71 15.17 18.93
C ASN I 196 -21.55 13.86 19.71
N VAL I 197 -20.82 13.86 20.82
CA VAL I 197 -20.64 12.62 21.58
C VAL I 197 -21.96 12.18 22.21
N ASP I 198 -22.22 10.89 22.16
CA ASP I 198 -23.42 10.32 22.79
C ASP I 198 -23.09 9.99 24.26
N PRO I 199 -23.77 10.68 25.21
CA PRO I 199 -23.59 10.53 26.66
C PRO I 199 -23.80 9.11 27.15
N LYS I 200 -24.76 8.43 26.56
CA LYS I 200 -25.06 7.06 26.96
C LYS I 200 -23.97 6.08 26.59
N SER I 201 -22.97 6.53 25.83
CA SER I 201 -21.92 5.60 25.41
C SER I 201 -20.66 5.52 26.27
N PHE I 202 -20.60 6.27 27.37
CA PHE I 202 -19.45 6.24 28.25
C PHE I 202 -19.17 4.81 28.76
N LYS I 203 -17.91 4.40 28.74
CA LYS I 203 -17.55 3.06 29.23
C LYS I 203 -16.18 3.06 29.91
N LEU I 204 -15.94 2.05 30.74
CA LEU I 204 -14.64 1.91 31.39
C LEU I 204 -13.92 0.83 30.61
N VAL I 205 -12.78 1.19 30.04
CA VAL I 205 -12.01 0.26 29.24
C VAL I 205 -10.65 0.20 29.88
N GLN I 206 -10.07 -0.99 29.94
CA GLN I 206 -8.77 -1.09 30.58
C GLN I 206 -7.59 -0.97 29.64
N ASN I 207 -6.61 -0.24 30.10
CA ASN I 207 -5.39 -0.01 29.36
C ASN I 207 -4.29 -0.56 30.27
N LYS I 208 -3.36 -1.32 29.70
CA LYS I 208 -2.28 -1.94 30.48
C LYS I 208 -1.28 -0.97 31.13
N TYR I 209 -1.43 0.33 30.92
CA TYR I 209 -0.54 1.28 31.54
C TYR I 209 -1.18 2.06 32.68
N LEU I 210 -2.49 2.30 32.57
CA LEU I 210 -3.21 3.08 33.57
C LEU I 210 -4.29 2.30 34.32
N GLY I 211 -4.54 1.07 33.90
CA GLY I 211 -5.56 0.28 34.56
C GLY I 211 -6.90 0.44 33.86
N VAL I 212 -7.44 1.66 33.88
CA VAL I 212 -8.70 1.93 33.20
C VAL I 212 -8.65 3.26 32.51
N ILE I 213 -9.54 3.41 31.52
CA ILE I 213 -9.61 4.61 30.71
C ILE I 213 -11.08 4.84 30.41
N ILE I 214 -11.54 6.09 30.40
CA ILE I 214 -12.93 6.35 30.06
C ILE I 214 -13.09 6.53 28.55
N GLN I 215 -14.05 5.80 27.94
CA GLN I 215 -14.29 5.86 26.51
C GLN I 215 -15.73 6.25 26.20
N CYS I 216 -15.90 7.12 25.16
CA CYS I 216 -17.27 7.47 24.67
C CYS I 216 -17.20 7.44 23.14
N LEU I 217 -18.35 7.36 22.47
CA LEU I 217 -18.37 7.29 20.99
C LEU I 217 -19.02 8.49 20.30
N VAL I 218 -18.62 8.73 19.04
CA VAL I 218 -19.18 9.79 18.18
C VAL I 218 -19.38 9.26 16.75
N THR I 219 -20.60 9.39 16.25
CA THR I 219 -20.93 8.88 14.92
C THR I 219 -21.06 9.95 13.85
N GLU I 220 -21.75 11.03 14.19
CA GLU I 220 -21.98 12.12 13.25
C GLU I 220 -20.73 13.01 13.20
N THR I 221 -19.81 12.66 12.30
CA THR I 221 -18.54 13.37 12.14
C THR I 221 -18.35 13.87 10.73
N LYS I 222 -17.49 14.87 10.57
CA LYS I 222 -17.29 15.47 9.28
C LYS I 222 -17.14 14.50 8.10
N THR I 223 -16.45 13.38 8.27
CA THR I 223 -16.26 12.45 7.16
C THR I 223 -17.15 11.21 7.27
N SER I 224 -18.01 11.23 8.27
CA SER I 224 -18.94 10.14 8.55
C SER I 224 -18.26 8.84 8.98
N VAL I 225 -17.05 8.94 9.55
CA VAL I 225 -16.33 7.77 10.03
C VAL I 225 -16.24 7.87 11.55
N SER I 226 -16.94 6.98 12.24
CA SER I 226 -16.97 7.00 13.69
C SER I 226 -15.62 6.88 14.43
N ARG I 227 -15.56 7.44 15.64
CA ARG I 227 -14.35 7.38 16.45
C ARG I 227 -14.65 7.48 17.94
N HIS I 228 -13.66 7.10 18.75
CA HIS I 228 -13.79 7.18 20.20
C HIS I 228 -13.18 8.46 20.76
N ILE I 229 -13.63 8.84 21.94
CA ILE I 229 -13.17 10.01 22.63
C ILE I 229 -12.83 9.56 24.05
N TYR I 230 -11.67 9.99 24.54
CA TYR I 230 -11.25 9.55 25.86
C TYR I 230 -10.97 10.62 26.92
N PHE I 231 -10.84 10.13 28.15
CA PHE I 231 -10.51 10.93 29.32
C PHE I 231 -9.71 9.94 30.23
N PHE I 232 -8.69 10.43 30.92
CA PHE I 232 -7.86 9.57 31.77
C PHE I 232 -7.05 10.34 32.78
N SER I 233 -6.35 9.60 33.65
CA SER I 233 -5.52 10.21 34.69
C SER I 233 -4.23 10.78 34.11
N ALA I 234 -3.74 11.85 34.70
CA ALA I 234 -2.51 12.47 34.22
C ALA I 234 -1.73 13.02 35.40
N ARG I 235 -0.45 12.68 35.46
CA ARG I 235 0.41 13.12 36.54
C ARG I 235 0.90 14.55 36.32
N GLY I 236 0.54 15.43 37.26
CA GLY I 236 0.94 16.81 37.17
C GLY I 236 -0.19 17.70 37.62
N ARG I 237 -0.12 18.96 37.23
CA ARG I 237 -1.17 19.89 37.60
C ARG I 237 -2.40 19.86 36.68
N ILE I 238 -2.24 19.37 35.46
CA ILE I 238 -3.35 19.26 34.50
C ILE I 238 -3.92 17.85 34.44
N ASP I 239 -5.02 17.59 35.14
CA ASP I 239 -5.60 16.24 35.14
C ASP I 239 -7.01 16.15 34.53
N PRO I 240 -7.10 15.66 33.28
CA PRO I 240 -8.36 15.49 32.54
C PRO I 240 -9.56 15.08 33.38
N LEU I 241 -9.41 14.04 34.20
CA LEU I 241 -10.51 13.58 35.03
C LEU I 241 -11.06 14.71 35.91
N VAL I 242 -10.17 15.55 36.41
CA VAL I 242 -10.59 16.66 37.26
C VAL I 242 -11.51 17.58 36.46
N TYR I 243 -11.08 17.90 35.24
CA TYR I 243 -11.85 18.76 34.37
C TYR I 243 -13.16 18.12 33.96
N LEU I 244 -13.16 16.80 33.80
CA LEU I 244 -14.37 16.06 33.45
C LEU I 244 -15.32 16.24 34.62
N ASP I 245 -14.76 16.12 35.82
CA ASP I 245 -15.53 16.24 37.05
C ASP I 245 -16.25 17.57 37.15
N GLU I 246 -15.54 18.66 36.91
CA GLU I 246 -16.12 20.00 37.00
C GLU I 246 -17.17 20.25 35.94
N PHE I 247 -16.98 19.66 34.77
CA PHE I 247 -17.94 19.80 33.70
C PHE I 247 -19.27 19.16 34.05
N LEU I 248 -19.21 17.87 34.36
CA LEU I 248 -20.41 17.10 34.67
C LEU I 248 -21.26 17.67 35.76
N ARG I 249 -20.62 18.30 36.74
CA ARG I 249 -21.37 18.87 37.84
C ARG I 249 -22.00 20.22 37.48
N ASN I 250 -21.49 20.88 36.45
CA ASN I 250 -22.02 22.19 36.08
C ASN I 250 -22.81 22.25 34.78
N SER I 251 -22.95 21.13 34.10
CA SER I 251 -23.71 21.11 32.85
C SER I 251 -24.73 20.00 32.86
N GLU I 252 -25.55 19.95 31.81
CA GLU I 252 -26.59 18.94 31.68
C GLU I 252 -26.59 18.38 30.25
N PRO I 253 -27.29 17.26 30.03
CA PRO I 253 -27.36 16.68 28.69
C PRO I 253 -28.09 17.64 27.75
N VAL I 254 -27.94 17.43 26.45
CA VAL I 254 -28.57 18.29 25.45
C VAL I 254 -29.26 17.45 24.42
N LEU I 255 -30.53 17.76 24.14
CA LEU I 255 -31.29 17.01 23.14
C LEU I 255 -30.59 17.04 21.79
N LYS I 256 -30.43 15.88 21.18
CA LYS I 256 -29.77 15.81 19.88
C LYS I 256 -30.50 16.68 18.84
N ARG I 257 -29.77 17.60 18.22
CA ARG I 257 -30.36 18.45 17.21
C ARG I 257 -30.39 17.62 15.93
N VAL I 258 -31.46 17.72 15.14
CA VAL I 258 -31.54 16.94 13.91
C VAL I 258 -30.84 17.78 12.88
N ASN I 259 -30.03 17.14 12.03
CA ASN I 259 -29.27 17.87 11.04
C ASN I 259 -29.26 17.29 9.64
N ARG I 260 -30.32 16.56 9.30
CA ARG I 260 -30.47 15.97 7.98
C ARG I 260 -31.94 16.12 7.57
N THR I 261 -32.19 16.40 6.29
CA THR I 261 -33.58 16.54 5.85
C THR I 261 -34.20 15.16 5.71
N GLY I 262 -33.43 14.14 6.10
CA GLY I 262 -33.93 12.78 6.00
C GLY I 262 -35.26 12.59 6.68
N ASN I 263 -35.54 13.42 7.70
CA ASN I 263 -36.79 13.32 8.45
C ASN I 263 -37.06 11.84 8.74
N SER I 264 -35.99 11.13 9.06
CA SER I 264 -36.00 9.70 9.33
C SER I 264 -36.59 9.32 10.69
N SER I 265 -37.08 8.09 10.77
CA SER I 265 -37.66 7.53 11.99
C SER I 265 -36.52 6.96 12.82
N SER I 266 -35.32 6.99 12.23
CA SER I 266 -34.11 6.49 12.87
C SER I 266 -33.22 7.62 13.37
N ASN I 267 -33.61 8.22 14.48
CA ASN I 267 -32.83 9.30 15.10
C ASN I 267 -31.79 8.62 15.97
N LYS I 268 -32.21 7.51 16.59
CA LYS I 268 -31.34 6.75 17.45
C LYS I 268 -30.89 7.68 18.57
N GLN I 269 -29.70 8.26 18.42
CA GLN I 269 -29.13 9.14 19.42
C GLN I 269 -30.15 10.14 19.96
N GLU I 270 -30.38 10.08 21.28
CA GLU I 270 -31.32 10.98 21.93
C GLU I 270 -30.65 12.27 22.40
N TYR I 271 -29.51 12.15 23.09
CA TYR I 271 -28.82 13.32 23.57
C TYR I 271 -27.49 13.54 22.85
N GLN I 272 -26.89 14.70 23.12
CA GLN I 272 -25.56 15.05 22.64
C GLN I 272 -24.81 15.63 23.85
N LEU I 273 -23.48 15.77 23.77
CA LEU I 273 -22.70 16.24 24.91
C LEU I 273 -22.67 17.75 25.16
N LEU I 274 -22.47 18.52 24.11
CA LEU I 274 -22.43 19.98 24.23
C LEU I 274 -23.47 20.65 23.31
N LYS I 275 -23.54 21.99 23.36
CA LYS I 275 -24.47 22.78 22.54
C LYS I 275 -23.80 23.34 21.31
N ASP I 276 -24.41 23.15 20.14
CA ASP I 276 -23.85 23.66 18.89
C ASP I 276 -23.36 25.13 18.98
N ASN I 277 -24.08 25.96 19.74
CA ASN I 277 -23.68 27.35 19.83
C ASN I 277 -22.50 27.67 20.73
N LEU I 278 -22.09 26.70 21.54
CA LEU I 278 -20.94 26.90 22.44
C LEU I 278 -19.70 27.40 21.68
N VAL I 279 -19.42 26.82 20.52
CA VAL I 279 -18.28 27.24 19.73
C VAL I 279 -18.18 28.76 19.50
N ARG I 280 -19.30 29.46 19.35
CA ARG I 280 -19.25 30.92 19.10
C ARG I 280 -18.80 31.71 20.30
N SER I 281 -19.32 31.36 21.48
CA SER I 281 -18.92 32.06 22.68
C SER I 281 -17.48 31.68 23.07
N TYR I 282 -17.12 30.40 22.88
CA TYR I 282 -15.79 29.91 23.18
C TYR I 282 -14.76 30.63 22.31
N ASN I 283 -15.04 30.72 21.01
CA ASN I 283 -14.13 31.39 20.12
C ASN I 283 -13.91 32.84 20.52
N LYS I 284 -14.95 33.51 21.00
CA LYS I 284 -14.78 34.91 21.41
C LYS I 284 -13.88 35.01 22.62
N ALA I 285 -14.16 34.21 23.64
CA ALA I 285 -13.37 34.21 24.88
C ALA I 285 -11.90 34.02 24.53
N LEU I 286 -11.63 32.99 23.74
CA LEU I 286 -10.30 32.67 23.30
C LEU I 286 -9.68 33.88 22.64
N LYS I 287 -10.41 34.48 21.70
CA LYS I 287 -9.90 35.64 20.98
C LYS I 287 -9.53 36.81 21.88
N LYS I 288 -10.31 37.03 22.94
CA LYS I 288 -10.05 38.11 23.85
C LYS I 288 -9.11 37.79 25.02
N ASN I 289 -8.75 36.53 25.22
CA ASN I 289 -7.92 36.21 26.39
C ASN I 289 -6.67 35.31 26.28
N ALA I 290 -6.59 34.47 25.26
CA ALA I 290 -5.43 33.59 25.11
C ALA I 290 -4.16 34.42 25.05
N PRO I 291 -3.15 34.02 25.80
CA PRO I 291 -1.88 34.74 25.84
C PRO I 291 -0.92 34.46 24.69
N TYR I 292 -1.44 34.48 23.47
CA TYR I 292 -0.62 34.26 22.29
C TYR I 292 -1.15 35.06 21.13
N SER I 293 -0.22 35.58 20.34
CA SER I 293 -0.58 36.42 19.21
C SER I 293 -1.33 35.67 18.12
N ILE I 294 -1.07 34.36 17.99
CA ILE I 294 -1.76 33.61 16.95
C ILE I 294 -3.25 33.83 17.04
N PHE I 295 -3.74 33.90 18.27
CA PHE I 295 -5.15 34.06 18.52
C PHE I 295 -5.80 35.37 18.10
N ALA I 296 -5.00 36.29 17.58
CA ALA I 296 -5.55 37.57 17.17
C ALA I 296 -5.53 37.76 15.64
N ILE I 297 -5.24 36.69 14.91
CA ILE I 297 -5.18 36.80 13.47
C ILE I 297 -6.52 36.41 12.86
N LYS I 298 -7.14 37.34 12.15
CA LYS I 298 -8.44 37.10 11.52
C LYS I 298 -8.48 35.83 10.68
N ASN I 299 -9.45 34.97 10.99
CA ASN I 299 -9.66 33.68 10.31
C ASN I 299 -8.68 32.60 10.70
N GLY I 300 -7.95 32.84 11.79
CA GLY I 300 -6.97 31.88 12.27
C GLY I 300 -7.58 30.84 13.16
N PRO I 301 -6.90 29.69 13.38
CA PRO I 301 -7.42 28.63 14.23
C PRO I 301 -7.81 29.15 15.59
N LYS I 302 -8.98 28.73 16.05
CA LYS I 302 -9.47 29.13 17.36
C LYS I 302 -9.75 27.85 18.16
N SER I 303 -10.95 27.30 18.04
CA SER I 303 -11.24 26.10 18.79
C SER I 303 -10.47 24.97 18.13
N HIS I 304 -10.04 25.21 16.89
CA HIS I 304 -9.28 24.18 16.18
C HIS I 304 -7.79 24.08 16.66
N ILE I 305 -7.41 24.89 17.65
CA ILE I 305 -6.04 24.92 18.13
C ILE I 305 -5.54 23.63 18.74
N GLY I 306 -6.41 22.90 19.40
CA GLY I 306 -5.99 21.66 20.02
C GLY I 306 -5.55 20.63 18.99
N ARG I 307 -6.02 20.76 17.75
CA ARG I 307 -5.66 19.81 16.71
C ARG I 307 -4.26 20.10 16.26
N HIS I 308 -3.96 21.38 16.13
CA HIS I 308 -2.63 21.80 15.75
C HIS I 308 -1.60 21.43 16.83
N LEU I 309 -1.95 21.61 18.10
CA LEU I 309 -1.04 21.30 19.18
C LEU I 309 -0.63 19.82 19.23
N MET I 310 -1.61 18.93 19.34
CA MET I 310 -1.33 17.50 19.43
C MET I 310 -0.65 16.98 18.19
N THR I 311 -1.14 17.36 17.02
CA THR I 311 -0.53 16.91 15.77
C THR I 311 0.99 17.17 15.81
N SER I 312 1.35 18.42 16.08
CA SER I 312 2.74 18.85 16.15
C SER I 312 3.55 18.07 17.19
N PHE I 313 2.97 17.92 18.38
CA PHE I 313 3.62 17.19 19.45
C PHE I 313 4.13 15.84 18.92
N LEU I 314 3.26 15.10 18.24
CA LEU I 314 3.65 13.80 17.71
C LEU I 314 4.74 13.89 16.62
N SER I 315 4.67 14.90 15.77
CA SER I 315 5.67 15.03 14.74
C SER I 315 7.04 15.17 15.41
N MET I 316 7.11 16.05 16.39
CA MET I 316 8.34 16.31 17.11
C MET I 316 8.86 15.04 17.79
N LYS I 317 7.99 14.33 18.49
CA LYS I 317 8.32 13.09 19.18
C LYS I 317 8.61 11.94 18.23
N GLY I 318 8.71 12.23 16.95
CA GLY I 318 8.94 11.16 15.99
C GLY I 318 7.94 10.02 16.07
N LEU I 319 6.66 10.35 16.27
CA LEU I 319 5.63 9.33 16.38
C LEU I 319 4.49 9.56 15.37
N THR I 320 4.84 9.97 14.16
CA THR I 320 3.86 10.23 13.14
C THR I 320 3.09 9.00 12.68
N GLU I 321 3.35 7.86 13.29
CA GLU I 321 2.62 6.68 12.89
C GLU I 321 1.32 6.61 13.65
N LEU I 322 1.16 7.48 14.64
CA LEU I 322 -0.08 7.49 15.41
C LEU I 322 -1.03 8.62 14.94
N THR I 323 -0.49 9.56 14.16
CA THR I 323 -1.27 10.69 13.70
C THR I 323 -2.65 10.45 13.04
N ASN I 324 -2.70 9.75 11.90
CA ASN I 324 -3.97 9.52 11.23
C ASN I 324 -5.01 8.83 12.11
N VAL I 325 -4.57 7.97 13.02
CA VAL I 325 -5.50 7.24 13.87
C VAL I 325 -5.95 8.06 15.06
N VAL I 326 -5.10 8.95 15.53
CA VAL I 326 -5.44 9.78 16.68
C VAL I 326 -6.38 10.90 16.20
N GLY I 327 -6.01 11.53 15.09
CA GLY I 327 -6.82 12.62 14.56
C GLY I 327 -7.98 12.22 13.69
N ASN I 328 -8.02 10.94 13.31
CA ASN I 328 -9.06 10.37 12.47
C ASN I 328 -9.06 10.86 11.03
N TRP I 329 -7.93 10.65 10.36
CA TRP I 329 -7.73 11.00 8.97
C TRP I 329 -7.79 9.68 8.20
N SER I 330 -8.09 9.72 6.90
CA SER I 330 -8.12 8.48 6.12
C SER I 330 -6.71 7.96 5.85
N ASP I 331 -6.54 6.66 5.99
CA ASP I 331 -5.26 6.02 5.76
C ASP I 331 -5.55 4.91 4.76
N LYS I 332 -5.07 5.06 3.53
CA LYS I 332 -5.34 4.03 2.53
C LYS I 332 -4.83 2.65 2.93
N THR I 340 -14.60 -6.78 4.74
CA THR I 340 -15.39 -7.14 5.92
C THR I 340 -16.27 -5.96 6.32
N THR I 341 -16.75 -5.24 5.31
CA THR I 341 -17.61 -4.06 5.50
C THR I 341 -18.87 -4.32 6.31
N TYR I 342 -19.40 -5.54 6.23
CA TYR I 342 -20.60 -5.84 6.99
C TYR I 342 -20.30 -5.70 8.48
N THR I 343 -21.08 -4.83 9.12
CA THR I 343 -20.92 -4.51 10.53
C THR I 343 -19.52 -4.02 10.78
N HIS I 344 -19.26 -2.79 10.36
CA HIS I 344 -17.95 -2.18 10.52
C HIS I 344 -17.56 -1.81 11.96
N GLN I 345 -16.28 -2.01 12.27
CA GLN I 345 -15.71 -1.70 13.58
C GLN I 345 -14.58 -0.68 13.36
N ILE I 346 -14.54 0.35 14.22
CA ILE I 346 -13.53 1.40 14.11
C ILE I 346 -12.15 1.05 14.67
N THR I 347 -11.12 1.57 14.02
CA THR I 347 -9.74 1.33 14.44
C THR I 347 -9.48 1.98 15.81
N ALA I 348 -8.92 1.18 16.72
CA ALA I 348 -8.64 1.64 18.06
C ALA I 348 -7.29 2.35 18.14
N ILE I 349 -7.18 3.28 19.07
CA ILE I 349 -5.95 4.02 19.33
C ILE I 349 -5.10 3.11 20.22
N PRO I 350 -3.83 2.87 19.87
CA PRO I 350 -2.88 2.03 20.61
C PRO I 350 -2.64 2.48 22.06
N ASP I 351 -2.62 1.52 22.99
CA ASP I 351 -2.42 1.81 24.41
C ASP I 351 -1.25 2.70 24.77
N HIS I 352 -0.12 2.58 24.06
CA HIS I 352 1.02 3.42 24.43
C HIS I 352 0.73 4.88 24.33
N TYR I 353 -0.06 5.27 23.34
CA TYR I 353 -0.42 6.67 23.16
C TYR I 353 -0.84 7.28 24.48
N PHE I 354 -1.71 6.58 25.20
CA PHE I 354 -2.22 7.07 26.48
C PHE I 354 -1.17 7.08 27.59
N ALA I 355 -0.19 6.18 27.47
CA ALA I 355 0.90 6.08 28.44
C ALA I 355 1.74 7.34 28.35
N LEU I 356 1.92 7.81 27.11
CA LEU I 356 2.71 8.99 26.82
C LEU I 356 2.03 10.27 27.29
N VAL I 357 0.84 10.52 26.80
CA VAL I 357 0.07 11.70 27.14
C VAL I 357 -0.30 11.77 28.62
N SER I 358 -0.48 10.61 29.26
CA SER I 358 -0.81 10.60 30.70
C SER I 358 0.30 11.24 31.54
N ARG I 359 1.50 11.36 30.95
CA ARG I 359 2.67 11.95 31.60
C ARG I 359 3.26 11.09 32.73
N TYR I 360 2.77 9.86 32.88
CA TYR I 360 3.26 8.97 33.91
C TYR I 360 4.49 8.25 33.36
N TYR I 361 4.48 8.00 32.05
CA TYR I 361 5.58 7.32 31.39
C TYR I 361 6.32 8.23 30.42
N ALA I 362 7.45 7.76 29.92
CA ALA I 362 8.22 8.50 28.95
C ALA I 362 8.49 7.55 27.80
N TYR I 363 8.56 8.09 26.59
CA TYR I 363 8.83 7.28 25.41
C TYR I 363 10.33 7.18 25.25
N ASP I 364 10.84 5.95 25.20
CA ASP I 364 12.27 5.76 25.01
C ASP I 364 12.58 5.50 23.54
N PRO I 365 13.30 6.43 22.88
CA PRO I 365 13.63 6.27 21.47
C PRO I 365 14.32 4.95 21.15
N ILE I 366 15.52 4.80 21.68
CA ILE I 366 16.35 3.60 21.46
C ILE I 366 15.58 2.27 21.45
N SER I 367 14.89 1.97 22.54
CA SER I 367 14.14 0.73 22.62
C SER I 367 12.72 0.81 22.07
N LYS I 368 12.17 2.03 22.01
CA LYS I 368 10.82 2.25 21.50
C LYS I 368 9.78 1.72 22.50
N GLU I 369 10.15 1.76 23.78
CA GLU I 369 9.26 1.29 24.83
C GLU I 369 8.94 2.40 25.82
N MET I 370 7.88 2.20 26.59
CA MET I 370 7.46 3.20 27.58
C MET I 370 8.08 2.90 28.95
N ILE I 371 8.77 3.89 29.51
CA ILE I 371 9.41 3.76 30.82
C ILE I 371 8.68 4.56 31.89
N ALA I 372 8.18 3.86 32.91
CA ALA I 372 7.48 4.54 33.99
C ALA I 372 8.48 5.52 34.59
N LEU I 373 7.99 6.48 35.37
CA LEU I 373 8.90 7.44 35.98
C LEU I 373 9.10 7.07 37.46
N LYS I 374 10.33 7.26 37.95
CA LYS I 374 10.68 6.94 39.34
C LYS I 374 9.64 7.39 40.37
N ASP I 375 8.91 8.45 40.03
CA ASP I 375 7.87 9.01 40.90
C ASP I 375 7.09 7.91 41.67
N GLU I 376 7.04 8.07 42.99
CA GLU I 376 6.37 7.13 43.90
C GLU I 376 5.15 6.37 43.36
N THR I 377 3.97 6.81 43.78
CA THR I 377 2.69 6.20 43.41
C THR I 377 2.42 5.97 41.91
N ASN I 378 2.35 4.69 41.55
CA ASN I 378 2.09 4.26 40.19
C ASN I 378 0.58 4.16 40.02
N PRO I 379 0.06 4.56 38.85
CA PRO I 379 -1.36 4.56 38.51
C PRO I 379 -2.05 3.19 38.48
N ILE I 380 -1.34 2.16 38.01
CA ILE I 380 -1.94 0.83 37.96
C ILE I 380 -2.31 0.41 39.38
N GLU I 381 -1.49 0.84 40.34
CA GLU I 381 -1.69 0.53 41.74
C GLU I 381 -3.00 1.17 42.21
N GLU I 382 -3.07 2.51 42.17
CA GLU I 382 -4.28 3.21 42.60
C GLU I 382 -5.57 2.64 41.97
N TRP I 383 -5.50 2.26 40.71
CA TRP I 383 -6.66 1.68 40.05
C TRP I 383 -7.15 0.51 40.90
N GLN I 384 -6.21 -0.30 41.38
CA GLN I 384 -6.52 -1.48 42.19
C GLN I 384 -7.12 -1.11 43.55
N HIS I 385 -6.51 -0.12 44.21
CA HIS I 385 -7.01 0.33 45.51
C HIS I 385 -8.46 0.80 45.35
N ILE I 386 -8.78 1.32 44.17
CA ILE I 386 -10.13 1.82 43.89
C ILE I 386 -11.09 0.70 43.47
N GLU I 387 -10.67 -0.16 42.56
CA GLU I 387 -11.54 -1.26 42.17
C GLU I 387 -12.00 -2.03 43.39
N GLN I 388 -11.17 -2.03 44.44
CA GLN I 388 -11.46 -2.74 45.69
C GLN I 388 -12.79 -2.37 46.34
N LEU I 389 -12.77 -1.36 47.20
CA LEU I 389 -13.97 -0.93 47.90
C LEU I 389 -15.17 -0.88 46.96
N LYS I 390 -16.23 -1.59 47.34
CA LYS I 390 -17.45 -1.68 46.53
C LYS I 390 -18.67 -1.00 47.17
N GLY I 391 -19.69 -0.77 46.34
CA GLY I 391 -20.93 -0.16 46.80
C GLY I 391 -20.93 1.35 47.02
N SER I 392 -20.28 2.10 46.12
CA SER I 392 -20.22 3.55 46.25
C SER I 392 -21.33 4.26 45.46
N ALA I 393 -22.55 4.23 45.99
CA ALA I 393 -23.69 4.90 45.34
C ALA I 393 -23.49 6.41 45.32
N GLU I 394 -22.35 6.84 45.87
CA GLU I 394 -21.98 8.25 45.94
C GLU I 394 -21.94 8.86 44.54
N GLY I 395 -21.44 8.07 43.59
CA GLY I 395 -21.35 8.54 42.22
C GLY I 395 -22.66 9.16 41.80
N SER I 396 -23.74 8.51 42.18
CA SER I 396 -25.07 8.99 41.84
C SER I 396 -25.43 10.32 42.49
N ILE I 397 -24.85 10.59 43.66
CA ILE I 397 -25.17 11.82 44.37
C ILE I 397 -24.53 13.09 43.82
N ARG I 398 -23.29 13.01 43.36
CA ARG I 398 -22.63 14.21 42.84
C ARG I 398 -22.86 14.52 41.36
N TYR I 399 -23.45 13.61 40.62
CA TYR I 399 -23.69 13.86 39.20
C TYR I 399 -25.16 13.65 38.88
N PRO I 400 -26.05 14.25 39.68
CA PRO I 400 -27.50 14.12 39.47
C PRO I 400 -27.98 14.25 38.04
N ALA I 401 -27.67 15.34 37.36
CA ALA I 401 -28.15 15.53 35.99
C ALA I 401 -27.67 14.52 34.95
N TRP I 402 -26.78 13.61 35.35
CA TRP I 402 -26.26 12.61 34.41
C TRP I 402 -26.62 11.21 34.85
N ASN I 403 -27.46 11.19 35.88
CA ASN I 403 -27.98 9.98 36.49
C ASN I 403 -28.98 9.33 35.51
N GLY I 404 -28.75 8.07 35.18
CA GLY I 404 -29.66 7.38 34.28
C GLY I 404 -29.24 7.49 32.82
N ILE I 405 -28.29 8.39 32.55
CA ILE I 405 -27.79 8.56 31.19
C ILE I 405 -26.42 7.90 31.05
N ILE I 406 -25.51 8.24 31.95
CA ILE I 406 -24.16 7.65 31.95
C ILE I 406 -24.18 6.46 32.89
N SER I 407 -23.62 5.33 32.45
CA SER I 407 -23.57 4.13 33.28
C SER I 407 -23.11 4.38 34.71
N GLN I 408 -23.83 3.78 35.65
CA GLN I 408 -23.53 3.91 37.08
C GLN I 408 -22.08 3.52 37.37
N GLU I 409 -21.56 2.57 36.62
CA GLU I 409 -20.19 2.14 36.83
C GLU I 409 -19.19 3.30 36.75
N VAL I 410 -19.34 4.13 35.71
CA VAL I 410 -18.46 5.26 35.45
C VAL I 410 -18.60 6.43 36.44
N LEU I 411 -19.82 6.82 36.74
CA LEU I 411 -20.01 7.92 37.67
C LEU I 411 -19.49 7.51 39.04
N ASP I 412 -19.59 6.22 39.36
CA ASP I 412 -19.08 5.77 40.66
C ASP I 412 -17.57 5.75 40.67
N TYR I 413 -16.95 5.46 39.53
CA TYR I 413 -15.50 5.42 39.39
C TYR I 413 -14.93 6.82 39.50
N LEU I 414 -15.44 7.72 38.66
CA LEU I 414 -14.96 9.10 38.68
C LEU I 414 -15.12 9.68 40.08
N SER I 415 -16.26 9.38 40.68
CA SER I 415 -16.60 9.83 42.02
C SER I 415 -15.51 9.35 42.98
N SER I 416 -15.14 8.08 42.88
CA SER I 416 -14.12 7.51 43.75
C SER I 416 -12.72 8.06 43.49
N TYR I 417 -12.38 8.25 42.21
CA TYR I 417 -11.07 8.79 41.88
C TYR I 417 -10.90 10.16 42.50
N ILE I 418 -11.85 11.04 42.20
CA ILE I 418 -11.84 12.43 42.66
C ILE I 418 -11.82 12.59 44.17
N ASN I 419 -12.57 11.76 44.88
CA ASN I 419 -12.61 11.89 46.32
C ASN I 419 -11.36 11.30 46.97
N ARG I 420 -10.74 10.35 46.30
CA ARG I 420 -9.55 9.69 46.80
C ARG I 420 -8.26 10.41 46.39
N ARG I 421 -8.35 11.70 46.10
CA ARG I 421 -7.15 12.42 45.68
C ARG I 421 -6.93 13.75 46.41
N ILE I 422 -5.95 13.76 47.30
CA ILE I 422 -5.61 14.96 48.06
C ILE I 422 -4.16 15.37 47.80
N PRO J 1 28.68 -21.40 -30.06
CA PRO J 1 27.34 -20.78 -29.96
C PRO J 1 27.31 -19.35 -30.50
N GLN J 2 26.39 -19.10 -31.43
CA GLN J 2 26.24 -17.79 -32.06
C GLN J 2 26.56 -16.63 -31.13
N PHE J 3 25.78 -16.50 -30.05
CA PHE J 3 25.97 -15.40 -29.11
C PHE J 3 27.41 -15.18 -28.69
N ASP J 4 28.09 -16.26 -28.29
CA ASP J 4 29.49 -16.16 -27.87
C ASP J 4 30.38 -15.55 -28.94
N ILE J 5 30.24 -16.03 -30.17
CA ILE J 5 30.99 -15.50 -31.29
C ILE J 5 30.66 -14.02 -31.46
N LEU J 6 29.38 -13.68 -31.34
CA LEU J 6 28.95 -12.29 -31.50
C LEU J 6 29.62 -11.38 -30.47
N CYS J 7 29.85 -11.90 -29.27
CA CYS J 7 30.50 -11.13 -28.20
C CYS J 7 31.97 -10.94 -28.52
N LYS J 8 32.46 -11.68 -29.52
CA LYS J 8 33.86 -11.61 -29.89
C LYS J 8 34.15 -10.61 -31.01
N THR J 9 33.25 -10.52 -31.99
CA THR J 9 33.46 -9.62 -33.11
C THR J 9 33.26 -8.15 -32.73
N PRO J 10 34.16 -7.28 -33.18
CA PRO J 10 34.08 -5.85 -32.89
C PRO J 10 32.91 -5.21 -33.62
N PRO J 11 32.19 -4.29 -32.94
CA PRO J 11 31.05 -3.58 -33.51
C PRO J 11 31.19 -3.13 -34.97
N LYS J 12 32.34 -2.56 -35.33
CA LYS J 12 32.58 -2.07 -36.69
C LYS J 12 32.58 -3.18 -37.74
N VAL J 13 32.98 -4.38 -37.32
CA VAL J 13 33.03 -5.55 -38.19
C VAL J 13 31.61 -5.99 -38.55
N LEU J 14 30.81 -6.24 -37.53
CA LEU J 14 29.44 -6.68 -37.72
C LEU J 14 28.72 -5.77 -38.71
N VAL J 15 28.63 -4.50 -38.38
CA VAL J 15 27.93 -3.54 -39.22
C VAL J 15 28.43 -3.65 -40.65
N ARG J 16 29.73 -3.93 -40.79
CA ARG J 16 30.35 -4.07 -42.10
C ARG J 16 29.83 -5.33 -42.77
N GLN J 17 30.06 -6.47 -42.14
CA GLN J 17 29.60 -7.74 -42.68
C GLN J 17 28.16 -7.56 -43.14
N PHE J 18 27.36 -6.93 -42.29
CA PHE J 18 25.97 -6.69 -42.56
C PHE J 18 25.69 -5.92 -43.87
N VAL J 19 26.05 -4.64 -43.92
CA VAL J 19 25.81 -3.84 -45.13
C VAL J 19 26.32 -4.52 -46.39
N GLU J 20 27.44 -5.22 -46.25
CA GLU J 20 28.05 -5.94 -47.36
C GLU J 20 27.00 -6.77 -48.08
N ARG J 21 26.24 -7.54 -47.28
CA ARG J 21 25.19 -8.44 -47.76
C ARG J 21 24.23 -7.81 -48.76
N PHE J 22 23.96 -6.53 -48.60
CA PHE J 22 23.03 -5.86 -49.49
C PHE J 22 23.66 -5.18 -50.68
N GLU J 23 25.00 -5.05 -50.65
CA GLU J 23 25.74 -4.44 -51.74
C GLU J 23 26.30 -5.59 -52.58
N ARG J 24 25.59 -5.89 -53.66
CA ARG J 24 25.85 -6.99 -54.59
C ARG J 24 25.03 -8.14 -54.02
N PRO J 25 23.72 -7.88 -53.78
CA PRO J 25 22.69 -8.76 -53.23
C PRO J 25 22.60 -10.20 -53.74
N SER J 26 22.73 -11.15 -52.83
CA SER J 26 22.62 -12.56 -53.16
C SER J 26 21.68 -13.18 -52.12
N GLY J 27 20.88 -14.15 -52.55
CA GLY J 27 19.94 -14.79 -51.64
C GLY J 27 20.57 -15.41 -50.41
N GLU J 28 21.72 -16.05 -50.59
CA GLU J 28 22.42 -16.72 -49.51
C GLU J 28 22.95 -15.75 -48.45
N LYS J 29 23.59 -14.68 -48.88
CA LYS J 29 24.14 -13.71 -47.93
C LYS J 29 23.07 -12.99 -47.11
N ILE J 30 21.89 -12.78 -47.68
CA ILE J 30 20.82 -12.08 -46.97
C ILE J 30 20.17 -12.92 -45.88
N ALA J 31 19.86 -14.17 -46.19
CA ALA J 31 19.22 -15.06 -45.24
C ALA J 31 20.03 -15.29 -43.97
N LEU J 32 21.34 -15.00 -44.01
CA LEU J 32 22.19 -15.19 -42.84
C LEU J 32 22.37 -13.92 -42.02
N CYS J 33 21.64 -12.88 -42.37
CA CYS J 33 21.72 -11.59 -41.68
C CYS J 33 20.94 -11.51 -40.37
N ALA J 34 20.26 -12.58 -39.99
CA ALA J 34 19.44 -12.60 -38.79
C ALA J 34 20.14 -12.19 -37.49
N ALA J 35 21.27 -12.82 -37.17
CA ALA J 35 21.99 -12.47 -35.95
C ALA J 35 22.39 -11.00 -35.95
N GLU J 36 23.04 -10.59 -37.04
CA GLU J 36 23.47 -9.21 -37.23
C GLU J 36 22.31 -8.25 -37.09
N LEU J 37 21.16 -8.61 -37.66
CA LEU J 37 19.97 -7.77 -37.62
C LEU J 37 19.45 -7.62 -36.20
N THR J 38 19.40 -8.73 -35.48
CA THR J 38 18.95 -8.73 -34.09
C THR J 38 19.78 -7.74 -33.29
N TYR J 39 21.09 -7.97 -33.29
CA TYR J 39 22.05 -7.12 -32.59
C TYR J 39 21.87 -5.64 -32.94
N LEU J 40 21.71 -5.37 -34.22
CA LEU J 40 21.53 -4.02 -34.74
C LEU J 40 20.25 -3.36 -34.26
N CYS J 41 19.14 -4.07 -34.36
CA CYS J 41 17.86 -3.52 -33.93
C CYS J 41 17.86 -3.19 -32.44
N TRP J 42 18.56 -3.99 -31.64
CA TRP J 42 18.61 -3.73 -30.21
C TRP J 42 19.45 -2.50 -29.90
N MET J 43 20.65 -2.45 -30.46
CA MET J 43 21.55 -1.33 -30.22
C MET J 43 20.94 -0.02 -30.69
N ILE J 44 20.03 -0.09 -31.67
CA ILE J 44 19.36 1.12 -32.16
C ILE J 44 18.31 1.59 -31.15
N THR J 45 17.45 0.68 -30.71
CA THR J 45 16.39 1.00 -29.77
C THR J 45 16.83 1.27 -28.33
N HIS J 46 18.07 0.88 -28.00
CA HIS J 46 18.57 1.10 -26.64
C HIS J 46 19.83 1.94 -26.59
N ASN J 47 20.03 2.77 -27.60
CA ASN J 47 21.18 3.64 -27.67
C ASN J 47 22.46 3.02 -27.14
N GLY J 48 22.77 1.81 -27.62
CA GLY J 48 24.00 1.15 -27.21
C GLY J 48 24.06 0.34 -25.93
N THR J 49 22.94 0.19 -25.23
CA THR J 49 22.92 -0.62 -24.01
C THR J 49 23.14 -2.08 -24.39
N ALA J 50 23.81 -2.84 -23.53
CA ALA J 50 24.10 -4.26 -23.80
C ALA J 50 22.87 -5.16 -23.92
N ILE J 51 23.04 -6.27 -24.64
CA ILE J 51 21.97 -7.24 -24.85
C ILE J 51 22.34 -8.55 -24.14
N LYS J 52 21.38 -9.12 -23.42
CA LYS J 52 21.61 -10.35 -22.68
C LYS J 52 21.49 -11.60 -23.55
N ARG J 53 22.24 -12.64 -23.18
CA ARG J 53 22.27 -13.92 -23.89
C ARG J 53 20.88 -14.46 -24.23
N ALA J 54 20.07 -14.71 -23.21
CA ALA J 54 18.73 -15.24 -23.43
C ALA J 54 17.88 -14.37 -24.35
N THR J 55 17.88 -13.07 -24.06
CA THR J 55 17.10 -12.13 -24.85
C THR J 55 17.51 -12.09 -26.30
N PHE J 56 18.81 -12.15 -26.54
CA PHE J 56 19.32 -12.15 -27.89
C PHE J 56 18.78 -13.37 -28.63
N MET J 57 18.98 -14.54 -28.04
CA MET J 57 18.54 -15.78 -28.64
C MET J 57 17.06 -15.73 -28.98
N SER J 58 16.25 -15.33 -28.00
CA SER J 58 14.81 -15.23 -28.19
C SER J 58 14.43 -14.35 -29.38
N TYR J 59 15.07 -13.19 -29.48
CA TYR J 59 14.78 -12.27 -30.56
C TYR J 59 15.26 -12.77 -31.92
N ASN J 60 16.38 -13.48 -31.92
CA ASN J 60 16.95 -14.00 -33.15
C ASN J 60 15.94 -14.91 -33.83
N THR J 61 15.40 -15.86 -33.07
CA THR J 61 14.42 -16.81 -33.58
C THR J 61 13.18 -16.13 -34.19
N ILE J 62 12.67 -15.12 -33.52
CA ILE J 62 11.50 -14.41 -34.03
C ILE J 62 11.83 -13.84 -35.40
N ILE J 63 13.07 -13.44 -35.61
CA ILE J 63 13.49 -12.88 -36.90
C ILE J 63 13.65 -14.01 -37.92
N SER J 64 14.29 -15.08 -37.52
CA SER J 64 14.48 -16.20 -38.43
C SER J 64 13.18 -16.73 -39.00
N ASN J 65 12.14 -16.82 -38.17
CA ASN J 65 10.87 -17.34 -38.69
C ASN J 65 10.05 -16.29 -39.43
N SER J 66 10.60 -15.08 -39.62
CA SER J 66 9.82 -14.04 -40.28
C SER J 66 10.54 -13.27 -41.39
N LEU J 67 11.84 -13.46 -41.51
CA LEU J 67 12.60 -12.73 -42.53
C LEU J 67 12.12 -13.02 -43.94
N SER J 68 11.71 -11.98 -44.64
CA SER J 68 11.22 -12.07 -46.02
C SER J 68 11.78 -10.90 -46.85
N PHE J 69 12.17 -11.16 -48.09
CA PHE J 69 12.74 -10.09 -48.91
C PHE J 69 12.64 -10.29 -50.42
N ASP J 70 12.75 -9.17 -51.13
CA ASP J 70 12.72 -9.13 -52.59
C ASP J 70 14.05 -8.52 -53.03
N ILE J 71 14.96 -9.36 -53.52
CA ILE J 71 16.26 -8.89 -53.97
C ILE J 71 16.07 -7.98 -55.17
N VAL J 72 15.00 -8.21 -55.93
CA VAL J 72 14.69 -7.41 -57.12
C VAL J 72 14.18 -6.01 -56.76
N ASN J 73 13.13 -5.93 -55.95
CA ASN J 73 12.57 -4.63 -55.53
C ASN J 73 13.26 -4.07 -54.30
N LYS J 74 14.28 -4.80 -53.84
CA LYS J 74 15.07 -4.40 -52.70
C LYS J 74 14.24 -3.95 -51.49
N SER J 75 13.43 -4.90 -50.99
CA SER J 75 12.58 -4.67 -49.84
C SER J 75 12.77 -5.85 -48.89
N LEU J 76 12.78 -5.55 -47.59
CA LEU J 76 12.97 -6.59 -46.59
C LEU J 76 12.13 -6.33 -45.35
N GLN J 77 11.48 -7.38 -44.83
CA GLN J 77 10.66 -7.26 -43.63
C GLN J 77 10.85 -8.40 -42.63
N PHE J 78 10.39 -8.16 -41.40
CA PHE J 78 10.50 -9.14 -40.32
C PHE J 78 9.82 -8.64 -39.05
N LYS J 79 9.68 -9.53 -38.08
CA LYS J 79 9.04 -9.22 -36.81
C LYS J 79 10.04 -8.87 -35.73
N TYR J 80 9.65 -7.97 -34.83
CA TYR J 80 10.54 -7.56 -33.75
C TYR J 80 9.73 -6.84 -32.69
N LYS J 81 9.96 -7.19 -31.43
CA LYS J 81 9.23 -6.58 -30.31
C LYS J 81 9.66 -5.14 -30.03
N THR J 82 8.80 -4.19 -30.41
CA THR J 82 9.08 -2.77 -30.16
C THR J 82 7.92 -1.87 -30.56
N GLN J 83 7.92 -0.68 -29.97
CA GLN J 83 6.91 0.33 -30.23
C GLN J 83 7.43 1.27 -31.32
N LYS J 84 8.71 1.61 -31.19
CA LYS J 84 9.39 2.50 -32.12
C LYS J 84 9.82 1.82 -33.42
N ALA J 85 8.89 1.64 -34.35
CA ALA J 85 9.20 1.00 -35.64
C ALA J 85 9.77 2.02 -36.61
N THR J 86 9.03 3.09 -36.84
CA THR J 86 9.45 4.15 -37.75
C THR J 86 10.91 4.52 -37.52
N ILE J 87 11.24 4.82 -36.27
CA ILE J 87 12.61 5.17 -35.90
C ILE J 87 13.58 4.09 -36.37
N LEU J 88 13.23 2.85 -36.07
CA LEU J 88 14.04 1.68 -36.42
C LEU J 88 14.15 1.49 -37.92
N GLU J 89 13.02 1.52 -38.62
CA GLU J 89 13.02 1.35 -40.06
C GLU J 89 13.90 2.44 -40.67
N ALA J 90 13.58 3.68 -40.35
CA ALA J 90 14.35 4.81 -40.85
C ALA J 90 15.84 4.52 -40.67
N SER J 91 16.24 4.38 -39.42
CA SER J 91 17.64 4.10 -39.08
C SER J 91 18.26 3.04 -39.97
N LEU J 92 17.52 1.98 -40.25
CA LEU J 92 18.04 0.92 -41.10
C LEU J 92 18.21 1.38 -42.55
N LYS J 93 17.27 2.17 -43.05
CA LYS J 93 17.36 2.64 -44.43
C LYS J 93 18.61 3.48 -44.61
N LYS J 94 19.00 4.19 -43.56
CA LYS J 94 20.19 5.01 -43.63
C LYS J 94 21.36 4.14 -44.00
N LEU J 95 21.65 3.17 -43.14
CA LEU J 95 22.76 2.23 -43.36
C LEU J 95 22.74 1.66 -44.78
N ILE J 96 21.54 1.37 -45.27
CA ILE J 96 21.39 0.82 -46.60
C ILE J 96 20.26 1.57 -47.31
N PRO J 97 20.61 2.71 -47.93
CA PRO J 97 19.80 3.67 -48.69
C PRO J 97 18.88 3.17 -49.79
N ALA J 98 19.32 2.20 -50.58
CA ALA J 98 18.51 1.68 -51.69
C ALA J 98 17.54 0.57 -51.31
N TRP J 99 17.25 0.43 -50.02
CA TRP J 99 16.32 -0.61 -49.60
C TRP J 99 15.20 -0.08 -48.72
N GLU J 100 14.06 -0.77 -48.73
CA GLU J 100 12.90 -0.37 -47.94
C GLU J 100 12.67 -1.38 -46.82
N PHE J 101 12.82 -0.95 -45.57
CA PHE J 101 12.63 -1.83 -44.43
C PHE J 101 11.27 -1.67 -43.79
N THR J 102 10.58 -2.79 -43.55
CA THR J 102 9.26 -2.79 -42.91
C THR J 102 9.21 -3.72 -41.68
N ILE J 103 9.04 -3.12 -40.51
CA ILE J 103 8.98 -3.88 -39.26
C ILE J 103 7.54 -4.31 -38.92
N ILE J 104 7.34 -5.60 -38.77
CA ILE J 104 6.04 -6.16 -38.42
C ILE J 104 6.04 -6.55 -36.94
N PRO J 105 5.08 -6.03 -36.17
CA PRO J 105 4.95 -6.28 -34.73
C PRO J 105 4.59 -7.70 -34.34
N TYR J 106 5.49 -8.33 -33.57
CA TYR J 106 5.29 -9.68 -33.04
C TYR J 106 4.31 -9.42 -31.93
N TYR J 107 3.05 -9.79 -32.11
CA TYR J 107 2.11 -9.44 -31.06
C TYR J 107 1.04 -10.41 -30.70
N GLY J 108 -0.04 -9.77 -30.28
CA GLY J 108 -1.27 -10.39 -29.86
C GLY J 108 -2.34 -9.34 -30.04
N GLN J 109 -2.67 -9.03 -31.30
CA GLN J 109 -3.78 -8.11 -31.58
C GLN J 109 -4.88 -9.12 -31.34
N LYS J 110 -4.46 -10.19 -30.64
CA LYS J 110 -5.23 -11.34 -30.25
C LYS J 110 -5.44 -12.17 -31.50
N HIS J 111 -6.01 -13.35 -31.34
CA HIS J 111 -6.27 -14.20 -32.49
C HIS J 111 -7.10 -13.26 -33.37
N GLN J 112 -6.97 -13.38 -34.69
CA GLN J 112 -7.72 -12.50 -35.59
C GLN J 112 -9.22 -12.71 -35.40
N SER J 113 -9.56 -12.88 -34.12
CA SER J 113 -10.89 -13.11 -33.59
C SER J 113 -12.04 -13.03 -34.58
N ASP J 114 -11.97 -13.84 -35.63
CA ASP J 114 -13.04 -13.86 -36.62
C ASP J 114 -14.18 -14.57 -35.93
N ILE J 115 -15.36 -13.96 -35.96
CA ILE J 115 -16.53 -14.56 -35.34
C ILE J 115 -16.71 -16.00 -35.78
N THR J 116 -16.48 -16.27 -37.07
CA THR J 116 -16.65 -17.61 -37.62
C THR J 116 -15.53 -18.57 -37.24
N ASP J 117 -14.29 -18.10 -37.23
CA ASP J 117 -13.14 -18.93 -36.85
C ASP J 117 -13.39 -19.39 -35.42
N ILE J 118 -14.12 -18.55 -34.69
CA ILE J 118 -14.47 -18.81 -33.31
C ILE J 118 -15.65 -19.79 -33.31
N VAL J 119 -16.67 -19.50 -34.11
CA VAL J 119 -17.84 -20.38 -34.17
C VAL J 119 -17.44 -21.77 -34.61
N SER J 120 -16.47 -21.86 -35.49
CA SER J 120 -16.00 -23.14 -35.99
C SER J 120 -15.39 -23.90 -34.82
N SER J 121 -14.41 -23.26 -34.18
CA SER J 121 -13.72 -23.87 -33.05
C SER J 121 -14.71 -24.26 -31.96
N LEU J 122 -15.65 -23.36 -31.65
CA LEU J 122 -16.64 -23.64 -30.61
C LEU J 122 -17.50 -24.83 -31.02
N GLN J 123 -17.76 -24.93 -32.32
CA GLN J 123 -18.57 -26.02 -32.86
C GLN J 123 -17.79 -27.33 -32.83
N LEU J 124 -16.55 -27.28 -33.32
CA LEU J 124 -15.69 -28.47 -33.34
C LEU J 124 -15.56 -29.04 -31.93
N GLN J 125 -15.79 -28.17 -30.95
CA GLN J 125 -15.70 -28.54 -29.54
C GLN J 125 -17.00 -29.17 -29.05
N PHE J 126 -18.11 -28.61 -29.50
CA PHE J 126 -19.43 -29.09 -29.09
C PHE J 126 -19.72 -30.55 -29.46
N GLU J 127 -19.01 -31.06 -30.46
CA GLU J 127 -19.20 -32.44 -30.90
C GLU J 127 -18.23 -33.39 -30.22
N SER J 128 -16.96 -32.99 -30.16
CA SER J 128 -15.94 -33.81 -29.51
C SER J 128 -16.24 -33.88 -28.02
N LYS J 134 -6.63 -29.68 -22.15
CA LYS J 134 -5.70 -28.55 -22.19
C LYS J 134 -4.36 -28.91 -21.57
N GLY J 135 -3.30 -28.27 -22.09
CA GLY J 135 -1.96 -28.53 -21.58
C GLY J 135 -1.72 -27.80 -20.26
N ASN J 136 -2.11 -26.53 -20.23
CA ASN J 136 -1.96 -25.72 -19.03
C ASN J 136 -2.86 -26.32 -17.95
N SER J 137 -4.10 -26.64 -18.35
CA SER J 137 -5.10 -27.21 -17.46
C SER J 137 -4.77 -28.63 -16.97
N HIS J 138 -4.35 -29.48 -17.89
CA HIS J 138 -4.02 -30.85 -17.52
C HIS J 138 -2.85 -30.85 -16.53
N SER J 139 -1.95 -29.88 -16.68
CA SER J 139 -0.78 -29.74 -15.83
C SER J 139 -1.15 -29.37 -14.39
N LYS J 140 -2.07 -28.41 -14.24
CA LYS J 140 -2.50 -27.97 -12.91
C LYS J 140 -3.23 -29.12 -12.24
N LYS J 141 -4.16 -29.72 -12.97
CA LYS J 141 -4.92 -30.85 -12.45
C LYS J 141 -3.96 -31.79 -11.72
N MET J 142 -2.96 -32.30 -12.43
CA MET J 142 -2.00 -33.22 -11.84
C MET J 142 -1.29 -32.65 -10.62
N LEU J 143 -0.90 -31.38 -10.68
CA LEU J 143 -0.23 -30.76 -9.55
C LEU J 143 -1.14 -30.76 -8.31
N LYS J 144 -2.41 -30.45 -8.51
CA LYS J 144 -3.37 -30.43 -7.40
C LYS J 144 -3.43 -31.80 -6.73
N ALA J 145 -3.56 -32.84 -7.54
CA ALA J 145 -3.62 -34.23 -7.06
C ALA J 145 -2.36 -34.64 -6.29
N LEU J 146 -1.22 -34.47 -6.93
CA LEU J 146 0.07 -34.78 -6.31
C LEU J 146 0.20 -34.23 -4.89
N LEU J 147 -0.58 -33.21 -4.57
CA LEU J 147 -0.54 -32.58 -3.26
C LEU J 147 -1.72 -32.90 -2.36
N SER J 148 -2.92 -32.93 -2.95
CA SER J 148 -4.16 -33.21 -2.21
C SER J 148 -4.18 -34.58 -1.54
N GLU J 149 -3.82 -35.61 -2.29
CA GLU J 149 -3.83 -36.99 -1.80
C GLU J 149 -3.11 -37.22 -0.47
N GLY J 150 -3.03 -38.49 -0.08
CA GLY J 150 -2.41 -38.84 1.19
C GLY J 150 -1.08 -38.16 1.55
N GLU J 151 -0.05 -38.47 0.79
CA GLU J 151 1.29 -37.96 1.02
C GLU J 151 1.47 -36.48 1.33
N SER J 152 2.43 -36.23 2.22
CA SER J 152 2.79 -34.89 2.66
C SER J 152 4.00 -34.43 1.85
N ILE J 153 4.29 -33.13 1.92
CA ILE J 153 5.42 -32.55 1.21
C ILE J 153 6.71 -33.29 1.56
N TRP J 154 6.92 -33.56 2.84
CA TRP J 154 8.14 -34.23 3.24
C TRP J 154 8.24 -35.68 2.76
N GLU J 155 7.11 -36.31 2.48
CA GLU J 155 7.13 -37.69 1.98
C GLU J 155 7.39 -37.64 0.48
N ILE J 156 6.77 -36.67 -0.18
CA ILE J 156 6.93 -36.49 -1.61
C ILE J 156 8.37 -36.17 -1.93
N THR J 157 8.99 -35.37 -1.07
CA THR J 157 10.38 -34.98 -1.29
C THR J 157 11.31 -36.21 -1.18
N GLU J 158 11.04 -37.08 -0.23
CA GLU J 158 11.87 -38.25 -0.06
C GLU J 158 11.78 -39.17 -1.29
N LYS J 159 10.59 -39.31 -1.86
CA LYS J 159 10.43 -40.19 -3.01
C LYS J 159 11.10 -39.68 -4.27
N ILE J 160 10.98 -38.38 -4.53
CA ILE J 160 11.60 -37.78 -5.70
C ILE J 160 13.12 -37.86 -5.53
N LEU J 161 13.58 -37.45 -4.36
CA LEU J 161 14.99 -37.45 -4.04
C LEU J 161 15.58 -38.85 -4.13
N ASN J 162 14.77 -39.89 -3.92
CA ASN J 162 15.29 -41.26 -3.98
C ASN J 162 15.23 -41.88 -5.37
N SER J 163 14.46 -41.27 -6.25
CA SER J 163 14.33 -41.77 -7.61
C SER J 163 15.62 -41.59 -8.37
N PHE J 164 16.61 -41.05 -7.68
CA PHE J 164 17.92 -40.80 -8.29
C PHE J 164 18.97 -41.80 -7.81
N GLU J 165 18.73 -42.38 -6.63
CA GLU J 165 19.62 -43.33 -5.99
C GLU J 165 20.17 -44.50 -6.77
N TYR J 166 19.35 -45.15 -7.60
CA TYR J 166 19.87 -46.31 -8.35
C TYR J 166 19.85 -46.23 -9.86
N THR J 167 19.37 -45.12 -10.42
CA THR J 167 19.28 -44.99 -11.88
C THR J 167 20.35 -44.09 -12.46
N SER J 168 21.06 -43.39 -11.58
CA SER J 168 22.14 -42.51 -11.98
C SER J 168 23.32 -43.38 -12.38
N ARG J 169 23.94 -43.06 -13.52
CA ARG J 169 25.07 -43.82 -14.01
C ARG J 169 26.34 -43.67 -13.17
N PHE J 170 26.74 -42.42 -12.91
CA PHE J 170 27.93 -42.16 -12.10
C PHE J 170 27.47 -41.61 -10.77
N THR J 171 28.39 -41.57 -9.81
CA THR J 171 28.09 -41.02 -8.50
C THR J 171 28.04 -39.50 -8.62
N LYS J 172 28.84 -38.94 -9.52
CA LYS J 172 28.88 -37.51 -9.70
C LYS J 172 27.47 -36.98 -10.07
N THR J 173 26.80 -37.63 -11.04
CA THR J 173 25.45 -37.17 -11.43
C THR J 173 24.42 -37.45 -10.34
N LYS J 174 24.55 -38.59 -9.68
CA LYS J 174 23.64 -38.94 -8.61
C LYS J 174 23.66 -37.80 -7.62
N THR J 175 24.88 -37.39 -7.30
CA THR J 175 25.16 -36.32 -6.37
C THR J 175 24.53 -34.97 -6.74
N LEU J 176 24.75 -34.53 -7.96
CA LEU J 176 24.22 -33.25 -8.40
C LEU J 176 22.70 -33.23 -8.40
N TYR J 177 22.09 -34.23 -9.03
CA TYR J 177 20.62 -34.31 -9.12
C TYR J 177 19.99 -34.23 -7.74
N GLN J 178 20.57 -34.93 -6.78
CA GLN J 178 20.00 -34.92 -5.44
C GLN J 178 20.14 -33.56 -4.78
N PHE J 179 21.35 -33.02 -4.83
CA PHE J 179 21.66 -31.72 -4.26
C PHE J 179 20.81 -30.61 -4.88
N LEU J 180 20.80 -30.54 -6.22
CA LEU J 180 20.03 -29.51 -6.93
C LEU J 180 18.53 -29.48 -6.56
N PHE J 181 17.91 -30.66 -6.44
CA PHE J 181 16.50 -30.71 -6.08
C PHE J 181 16.29 -30.15 -4.68
N LEU J 182 16.98 -30.74 -3.70
CA LEU J 182 16.86 -30.31 -2.31
C LEU J 182 17.08 -28.82 -2.12
N ALA J 183 18.02 -28.26 -2.89
CA ALA J 183 18.34 -26.85 -2.82
C ALA J 183 17.28 -25.96 -3.44
N THR J 184 16.57 -26.46 -4.44
CA THR J 184 15.53 -25.64 -5.06
C THR J 184 14.29 -25.63 -4.17
N PHE J 185 14.07 -26.74 -3.48
CA PHE J 185 12.92 -26.84 -2.60
C PHE J 185 13.17 -26.05 -1.32
N ILE J 186 14.35 -26.24 -0.74
CA ILE J 186 14.70 -25.55 0.50
C ILE J 186 14.70 -24.01 0.39
N ASN J 187 14.98 -23.49 -0.80
CA ASN J 187 15.01 -22.05 -0.99
C ASN J 187 13.90 -21.54 -1.87
N CYS J 188 13.07 -22.45 -2.37
CA CYS J 188 11.99 -22.07 -3.26
C CYS J 188 12.61 -21.30 -4.41
N GLY J 189 13.79 -21.75 -4.86
CA GLY J 189 14.46 -21.07 -5.95
C GLY J 189 14.49 -21.81 -7.28
N ARG J 190 14.83 -21.08 -8.33
CA ARG J 190 14.92 -21.60 -9.68
C ARG J 190 16.27 -22.29 -9.85
N PHE J 191 16.48 -22.85 -11.03
CA PHE J 191 17.74 -23.51 -11.36
C PHE J 191 18.81 -22.42 -11.35
N SER J 192 18.56 -21.36 -12.08
CA SER J 192 19.51 -20.25 -12.18
C SER J 192 19.84 -19.67 -10.81
N ASP J 193 18.88 -19.70 -9.89
CA ASP J 193 19.12 -19.16 -8.57
C ASP J 193 20.21 -19.95 -7.85
N ILE J 194 20.35 -21.22 -8.17
CA ILE J 194 21.37 -22.05 -7.53
C ILE J 194 22.65 -22.06 -8.39
N LYS J 195 22.48 -22.20 -9.70
CA LYS J 195 23.61 -22.25 -10.60
C LYS J 195 24.50 -21.02 -10.46
N ASN J 196 23.90 -19.84 -10.58
CA ASN J 196 24.64 -18.59 -10.51
C ASN J 196 25.23 -18.20 -9.15
N VAL J 197 25.18 -19.09 -8.16
CA VAL J 197 25.74 -18.79 -6.83
C VAL J 197 27.24 -18.60 -6.93
N ASP J 198 27.75 -17.60 -6.21
CA ASP J 198 29.18 -17.31 -6.19
C ASP J 198 29.73 -18.14 -5.02
N PRO J 199 30.64 -19.09 -5.31
CA PRO J 199 31.28 -19.99 -4.33
C PRO J 199 32.07 -19.29 -3.22
N LYS J 200 32.65 -18.14 -3.56
CA LYS J 200 33.43 -17.37 -2.61
C LYS J 200 32.57 -16.63 -1.60
N SER J 201 31.25 -16.67 -1.75
CA SER J 201 30.39 -15.94 -0.83
C SER J 201 29.82 -16.72 0.34
N PHE J 202 30.20 -18.00 0.46
CA PHE J 202 29.72 -18.83 1.57
C PHE J 202 30.11 -18.25 2.92
N LYS J 203 29.16 -18.19 3.85
CA LYS J 203 29.43 -17.63 5.18
C LYS J 203 28.64 -18.37 6.25
N LEU J 204 29.07 -18.21 7.49
CA LEU J 204 28.36 -18.81 8.61
C LEU J 204 27.58 -17.67 9.24
N VAL J 205 26.27 -17.81 9.30
CA VAL J 205 25.43 -16.79 9.91
C VAL J 205 24.71 -17.49 11.04
N GLN J 206 24.49 -16.80 12.14
CA GLN J 206 23.81 -17.45 13.24
C GLN J 206 22.32 -17.16 13.28
N ASN J 207 21.58 -18.23 13.55
CA ASN J 207 20.13 -18.17 13.65
C ASN J 207 19.80 -18.64 15.07
N LYS J 208 18.92 -17.90 15.74
CA LYS J 208 18.57 -18.20 17.13
C LYS J 208 17.89 -19.53 17.38
N TYR J 209 17.62 -20.30 16.33
CA TYR J 209 16.97 -21.59 16.52
C TYR J 209 17.92 -22.76 16.26
N LEU J 210 18.87 -22.55 15.35
CA LEU J 210 19.82 -23.61 15.00
C LEU J 210 21.27 -23.29 15.32
N GLY J 211 21.51 -22.09 15.83
CA GLY J 211 22.87 -21.72 16.16
C GLY J 211 23.58 -21.09 14.97
N VAL J 212 23.79 -21.87 13.92
CA VAL J 212 24.43 -21.39 12.70
C VAL J 212 23.72 -21.90 11.45
N ILE J 213 23.89 -21.16 10.36
CA ILE J 213 23.27 -21.46 9.08
C ILE J 213 24.27 -21.08 8.01
N ILE J 214 24.36 -21.85 6.94
CA ILE J 214 25.28 -21.51 5.86
C ILE J 214 24.57 -20.62 4.83
N GLN J 215 25.22 -19.52 4.46
CA GLN J 215 24.63 -18.56 3.55
C GLN J 215 25.56 -18.28 2.37
N CYS J 216 24.96 -18.16 1.18
CA CYS J 216 25.74 -17.76 -0.02
C CYS J 216 24.87 -16.78 -0.80
N LEU J 217 25.46 -16.09 -1.78
CA LEU J 217 24.75 -15.06 -2.55
C LEU J 217 24.69 -15.27 -4.05
N VAL J 218 23.63 -14.75 -4.67
CA VAL J 218 23.42 -14.79 -6.12
C VAL J 218 22.97 -13.42 -6.62
N THR J 219 23.63 -12.93 -7.67
CA THR J 219 23.34 -11.60 -8.22
C THR J 219 22.67 -11.61 -9.59
N GLU J 220 23.18 -12.43 -10.48
CA GLU J 220 22.64 -12.53 -11.82
C GLU J 220 21.38 -13.39 -11.75
N THR J 221 20.24 -12.76 -11.51
CA THR J 221 18.96 -13.47 -11.41
C THR J 221 17.96 -12.99 -12.45
N LYS J 222 16.92 -13.77 -12.71
CA LYS J 222 15.94 -13.37 -13.72
C LYS J 222 15.43 -11.92 -13.62
N THR J 223 15.17 -11.43 -12.41
CA THR J 223 14.66 -10.05 -12.28
C THR J 223 15.75 -9.06 -11.88
N SER J 224 16.97 -9.56 -11.78
CA SER J 224 18.13 -8.77 -11.43
C SER J 224 18.13 -8.23 -10.01
N VAL J 225 17.40 -8.91 -9.13
CA VAL J 225 17.33 -8.54 -7.72
C VAL J 225 18.05 -9.65 -6.97
N SER J 226 19.15 -9.32 -6.31
CA SER J 226 19.93 -10.32 -5.60
C SER J 226 19.20 -10.99 -4.44
N ARG J 227 19.66 -12.18 -4.08
CA ARG J 227 19.10 -12.93 -2.96
C ARG J 227 20.12 -13.92 -2.39
N HIS J 228 19.84 -14.44 -1.19
CA HIS J 228 20.70 -15.41 -0.52
C HIS J 228 20.19 -16.84 -0.73
N ILE J 229 21.10 -17.79 -0.57
CA ILE J 229 20.77 -19.19 -0.71
C ILE J 229 21.35 -19.91 0.50
N TYR J 230 20.53 -20.72 1.18
CA TYR J 230 20.96 -21.40 2.40
C TYR J 230 21.04 -22.93 2.38
N PHE J 231 21.64 -23.44 3.45
CA PHE J 231 21.83 -24.86 3.72
C PHE J 231 21.90 -24.94 5.25
N PHE J 232 21.30 -25.98 5.84
CA PHE J 232 21.27 -26.10 7.29
C PHE J 232 20.96 -27.51 7.76
N SER J 233 20.97 -27.71 9.07
CA SER J 233 20.70 -29.01 9.64
C SER J 233 19.20 -29.28 9.63
N ALA J 234 18.84 -30.56 9.58
CA ALA J 234 17.44 -30.96 9.57
C ALA J 234 17.25 -32.30 10.26
N ARG J 235 16.33 -32.36 11.20
CA ARG J 235 16.04 -33.58 11.93
C ARG J 235 15.23 -34.55 11.09
N GLY J 236 15.78 -35.74 10.89
CA GLY J 236 15.11 -36.76 10.11
C GLY J 236 16.08 -37.46 9.18
N ARG J 237 15.55 -38.11 8.15
CA ARG J 237 16.38 -38.82 7.20
C ARG J 237 16.95 -37.91 6.09
N ILE J 238 16.28 -36.78 5.85
CA ILE J 238 16.69 -35.83 4.81
C ILE J 238 17.45 -34.65 5.45
N ASP J 239 18.78 -34.66 5.37
CA ASP J 239 19.58 -33.58 5.95
C ASP J 239 20.42 -32.82 4.93
N PRO J 240 19.99 -31.60 4.58
CA PRO J 240 20.68 -30.75 3.61
C PRO J 240 22.21 -30.75 3.71
N LEU J 241 22.74 -30.53 4.90
CA LEU J 241 24.18 -30.50 5.09
C LEU J 241 24.85 -31.78 4.56
N VAL J 242 24.19 -32.92 4.71
CA VAL J 242 24.74 -34.17 4.21
C VAL J 242 24.82 -34.10 2.70
N TYR J 243 23.75 -33.65 2.06
CA TYR J 243 23.75 -33.55 0.61
C TYR J 243 24.74 -32.52 0.13
N LEU J 244 24.97 -31.47 0.92
CA LEU J 244 25.94 -30.45 0.56
C LEU J 244 27.30 -31.12 0.56
N ASP J 245 27.51 -31.95 1.58
CA ASP J 245 28.75 -32.67 1.78
C ASP J 245 29.10 -33.58 0.61
N GLU J 246 28.10 -34.31 0.12
CA GLU J 246 28.32 -35.22 -1.00
C GLU J 246 28.59 -34.47 -2.29
N PHE J 247 27.94 -33.33 -2.47
CA PHE J 247 28.13 -32.53 -3.66
C PHE J 247 29.56 -32.00 -3.74
N LEU J 248 29.99 -31.28 -2.69
CA LEU J 248 31.32 -30.68 -2.64
C LEU J 248 32.44 -31.65 -2.90
N ARG J 249 32.31 -32.86 -2.39
CA ARG J 249 33.33 -33.88 -2.58
C ARG J 249 33.35 -34.46 -3.98
N ASN J 250 32.24 -34.35 -4.71
CA ASN J 250 32.19 -34.93 -6.04
C ASN J 250 32.18 -33.97 -7.20
N SER J 251 32.19 -32.68 -6.92
CA SER J 251 32.20 -31.68 -7.99
C SER J 251 33.31 -30.66 -7.79
N GLU J 252 33.42 -29.73 -8.74
CA GLU J 252 34.44 -28.70 -8.70
C GLU J 252 33.84 -27.36 -9.12
N PRO J 253 34.55 -26.25 -8.87
CA PRO J 253 34.08 -24.92 -9.24
C PRO J 253 33.96 -24.80 -10.75
N VAL J 254 33.17 -23.84 -11.22
CA VAL J 254 32.97 -23.63 -12.65
C VAL J 254 33.20 -22.17 -13.04
N LEU J 255 34.03 -21.95 -14.04
CA LEU J 255 34.31 -20.58 -14.48
C LEU J 255 33.02 -19.90 -14.88
N LYS J 256 32.83 -18.69 -14.39
CA LYS J 256 31.64 -17.93 -14.71
C LYS J 256 31.52 -17.72 -16.22
N ARG J 257 30.39 -18.13 -16.78
CA ARG J 257 30.17 -17.95 -18.20
C ARG J 257 29.72 -16.50 -18.36
N VAL J 258 30.16 -15.83 -19.40
CA VAL J 258 29.75 -14.44 -19.61
C VAL J 258 28.42 -14.50 -20.34
N ASN J 259 27.45 -13.69 -19.91
CA ASN J 259 26.15 -13.72 -20.55
C ASN J 259 25.56 -12.37 -20.95
N ARG J 260 26.43 -11.38 -21.17
CA ARG J 260 26.01 -10.04 -21.60
C ARG J 260 26.99 -9.57 -22.68
N THR J 261 26.49 -8.83 -23.68
CA THR J 261 27.35 -8.32 -24.74
C THR J 261 28.07 -7.08 -24.24
N GLY J 262 27.91 -6.80 -22.95
CA GLY J 262 28.56 -5.65 -22.37
C GLY J 262 30.06 -5.68 -22.58
N ASN J 263 30.61 -6.88 -22.71
CA ASN J 263 32.05 -7.07 -22.90
C ASN J 263 32.76 -6.14 -21.92
N SER J 264 32.19 -6.06 -20.72
CA SER J 264 32.68 -5.22 -19.65
C SER J 264 33.97 -5.71 -18.97
N SER J 265 34.68 -4.77 -18.37
CA SER J 265 35.93 -5.06 -17.66
C SER J 265 35.54 -5.43 -16.23
N SER J 266 34.23 -5.33 -15.95
CA SER J 266 33.69 -5.64 -14.64
C SER J 266 32.95 -6.98 -14.62
N ASN J 267 33.72 -8.07 -14.62
CA ASN J 267 33.16 -9.42 -14.59
C ASN J 267 32.90 -9.73 -13.12
N LYS J 268 33.83 -9.25 -12.29
CA LYS J 268 33.76 -9.48 -10.86
C LYS J 268 33.74 -10.98 -10.62
N GLN J 269 32.55 -11.54 -10.46
CA GLN J 269 32.38 -12.97 -10.21
C GLN J 269 33.28 -13.82 -11.13
N GLU J 270 34.14 -14.63 -10.49
CA GLU J 270 35.07 -15.48 -11.22
C GLU J 270 34.48 -16.87 -11.49
N TYR J 271 33.92 -17.49 -10.45
CA TYR J 271 33.32 -18.81 -10.58
C TYR J 271 31.82 -18.81 -10.37
N GLN J 272 31.21 -19.95 -10.67
CA GLN J 272 29.78 -20.16 -10.45
C GLN J 272 29.67 -21.53 -9.80
N LEU J 273 28.51 -21.83 -9.21
CA LEU J 273 28.33 -23.09 -8.51
C LEU J 273 28.07 -24.34 -9.37
N LEU J 274 27.22 -24.23 -10.38
CA LEU J 274 26.90 -25.38 -11.25
C LEU J 274 27.13 -25.07 -12.72
N LYS J 275 26.86 -26.06 -13.58
CA LYS J 275 27.03 -25.88 -15.02
C LYS J 275 25.71 -25.56 -15.71
N ASP J 276 25.71 -24.57 -16.59
CA ASP J 276 24.48 -24.21 -17.28
C ASP J 276 23.80 -25.41 -17.92
N ASN J 277 24.57 -26.36 -18.45
CA ASN J 277 23.98 -27.52 -19.11
C ASN J 277 23.48 -28.63 -18.21
N LEU J 278 23.66 -28.50 -16.90
CA LEU J 278 23.17 -29.50 -15.96
C LEU J 278 21.64 -29.64 -16.03
N VAL J 279 20.94 -28.52 -16.21
CA VAL J 279 19.49 -28.54 -16.30
C VAL J 279 18.93 -29.53 -17.34
N ARG J 280 19.59 -29.68 -18.48
CA ARG J 280 19.10 -30.59 -19.51
C ARG J 280 19.21 -32.05 -19.10
N SER J 281 20.31 -32.42 -18.48
CA SER J 281 20.48 -33.82 -18.09
C SER J 281 19.61 -34.12 -16.91
N TYR J 282 19.48 -33.14 -16.02
CA TYR J 282 18.64 -33.28 -14.82
C TYR J 282 17.16 -33.46 -15.22
N ASN J 283 16.66 -32.57 -16.09
CA ASN J 283 15.28 -32.65 -16.56
C ASN J 283 14.96 -34.02 -17.14
N LYS J 284 15.86 -34.55 -17.96
CA LYS J 284 15.66 -35.87 -18.55
C LYS J 284 15.56 -36.93 -17.45
N ALA J 285 16.52 -36.92 -16.53
CA ALA J 285 16.54 -37.91 -15.47
C ALA J 285 15.22 -37.90 -14.73
N LEU J 286 14.77 -36.70 -14.42
CA LEU J 286 13.53 -36.48 -13.71
C LEU J 286 12.35 -37.04 -14.51
N LYS J 287 12.30 -36.69 -15.78
CA LYS J 287 11.21 -37.15 -16.66
C LYS J 287 11.09 -38.69 -16.75
N LYS J 288 12.21 -39.40 -16.74
CA LYS J 288 12.18 -40.87 -16.81
C LYS J 288 12.09 -41.61 -15.48
N ASN J 289 12.21 -40.93 -14.36
CA ASN J 289 12.23 -41.70 -13.12
C ASN J 289 11.39 -41.23 -11.95
N ALA J 290 11.03 -39.96 -11.92
CA ALA J 290 10.23 -39.44 -10.81
C ALA J 290 8.94 -40.25 -10.71
N PRO J 291 8.60 -40.68 -9.50
CA PRO J 291 7.39 -41.48 -9.28
C PRO J 291 6.05 -40.74 -9.25
N TYR J 292 5.87 -39.82 -10.17
CA TYR J 292 4.62 -39.08 -10.24
C TYR J 292 4.25 -38.75 -11.67
N SER J 293 2.96 -38.79 -11.96
CA SER J 293 2.46 -38.52 -13.30
C SER J 293 2.67 -37.12 -13.78
N ILE J 294 2.73 -36.15 -12.88
CA ILE J 294 2.94 -34.78 -13.31
C ILE J 294 4.19 -34.69 -14.18
N PHE J 295 5.20 -35.47 -13.81
CA PHE J 295 6.46 -35.48 -14.52
C PHE J 295 6.45 -36.01 -15.95
N ALA J 296 5.31 -36.50 -16.40
CA ALA J 296 5.23 -37.03 -17.77
C ALA J 296 4.40 -36.15 -18.71
N ILE J 297 4.03 -34.95 -18.25
CA ILE J 297 3.23 -34.08 -19.08
C ILE J 297 4.12 -33.11 -19.85
N LYS J 298 3.99 -33.13 -21.19
CA LYS J 298 4.78 -32.26 -22.05
C LYS J 298 4.69 -30.78 -21.67
N ASN J 299 5.86 -30.16 -21.46
CA ASN J 299 5.98 -28.76 -21.09
C ASN J 299 5.64 -28.49 -19.63
N GLY J 300 5.60 -29.54 -18.82
CA GLY J 300 5.28 -29.36 -17.41
C GLY J 300 6.49 -29.04 -16.55
N PRO J 301 6.26 -28.56 -15.33
CA PRO J 301 7.40 -28.23 -14.45
C PRO J 301 8.32 -29.42 -14.25
N LYS J 302 9.61 -29.17 -14.35
CA LYS J 302 10.57 -30.23 -14.15
C LYS J 302 11.50 -29.80 -13.04
N SER J 303 12.52 -29.02 -13.36
CA SER J 303 13.43 -28.56 -12.32
C SER J 303 12.71 -27.50 -11.52
N HIS J 304 11.66 -26.95 -12.10
CA HIS J 304 10.88 -25.92 -11.42
C HIS J 304 9.92 -26.49 -10.38
N ILE J 305 9.99 -27.79 -10.18
CA ILE J 305 9.10 -28.45 -9.23
C ILE J 305 9.31 -28.01 -7.80
N GLY J 306 10.57 -27.74 -7.43
CA GLY J 306 10.88 -27.32 -6.08
C GLY J 306 10.13 -26.05 -5.67
N ARG J 307 9.96 -25.14 -6.62
CA ARG J 307 9.25 -23.89 -6.38
C ARG J 307 7.78 -24.15 -6.07
N HIS J 308 7.15 -25.02 -6.84
CA HIS J 308 5.75 -25.35 -6.62
C HIS J 308 5.54 -26.00 -5.26
N LEU J 309 6.41 -26.94 -4.89
CA LEU J 309 6.30 -27.61 -3.61
C LEU J 309 6.37 -26.65 -2.43
N MET J 310 7.49 -25.93 -2.28
CA MET J 310 7.61 -25.02 -1.15
C MET J 310 6.50 -23.97 -1.10
N THR J 311 6.23 -23.34 -2.24
CA THR J 311 5.19 -22.34 -2.30
C THR J 311 3.91 -22.88 -1.67
N SER J 312 3.46 -24.03 -2.17
CA SER J 312 2.23 -24.70 -1.69
C SER J 312 2.29 -25.02 -0.20
N PHE J 313 3.42 -25.55 0.24
CA PHE J 313 3.59 -25.89 1.64
C PHE J 313 3.21 -24.69 2.50
N LEU J 314 3.74 -23.53 2.16
CA LEU J 314 3.44 -22.32 2.92
C LEU J 314 1.96 -21.93 2.87
N SER J 315 1.32 -22.06 1.71
CA SER J 315 -0.08 -21.70 1.62
C SER J 315 -0.89 -22.54 2.60
N MET J 316 -0.65 -23.84 2.56
CA MET J 316 -1.34 -24.77 3.44
C MET J 316 -1.09 -24.42 4.92
N LYS J 317 0.17 -24.15 5.26
CA LYS J 317 0.56 -23.80 6.61
C LYS J 317 0.10 -22.39 7.01
N GLY J 318 -0.71 -21.76 6.18
CA GLY J 318 -1.21 -20.43 6.47
C GLY J 318 -0.08 -19.47 6.79
N LEU J 319 0.98 -19.50 5.98
CA LEU J 319 2.13 -18.65 6.18
C LEU J 319 2.50 -17.93 4.90
N THR J 320 1.49 -17.47 4.17
CA THR J 320 1.71 -16.77 2.91
C THR J 320 2.38 -15.42 3.07
N GLU J 321 2.77 -15.08 4.30
CA GLU J 321 3.42 -13.79 4.51
C GLU J 321 4.92 -13.93 4.26
N LEU J 322 5.39 -15.18 4.17
CA LEU J 322 6.81 -15.44 3.92
C LEU J 322 7.06 -15.75 2.45
N THR J 323 6.01 -16.02 1.70
CA THR J 323 6.14 -16.37 0.29
C THR J 323 6.99 -15.46 -0.59
N ASN J 324 6.55 -14.22 -0.82
CA ASN J 324 7.33 -13.31 -1.68
C ASN J 324 8.80 -13.19 -1.30
N VAL J 325 9.10 -13.21 -0.02
CA VAL J 325 10.49 -13.08 0.42
C VAL J 325 11.29 -14.35 0.28
N VAL J 326 10.62 -15.49 0.41
CA VAL J 326 11.30 -16.77 0.29
C VAL J 326 11.57 -17.08 -1.19
N GLY J 327 10.56 -16.85 -2.03
CA GLY J 327 10.74 -17.13 -3.44
C GLY J 327 11.35 -15.99 -4.26
N ASN J 328 11.47 -14.82 -3.63
CA ASN J 328 12.02 -13.61 -4.24
C ASN J 328 11.15 -12.98 -5.33
N TRP J 329 9.91 -12.65 -4.97
CA TRP J 329 8.96 -12.01 -5.87
C TRP J 329 8.88 -10.54 -5.45
N SER J 330 8.42 -9.68 -6.34
CA SER J 330 8.31 -8.25 -6.01
C SER J 330 7.13 -7.99 -5.10
N ASP J 331 7.37 -7.24 -4.04
CA ASP J 331 6.32 -6.91 -3.08
C ASP J 331 6.30 -5.40 -3.05
N LYS J 332 5.23 -4.79 -3.56
CA LYS J 332 5.17 -3.34 -3.56
C LYS J 332 5.35 -2.71 -2.18
N ARG J 333 6.55 -2.16 -1.99
CA ARG J 333 6.99 -1.50 -0.76
C ARG J 333 6.02 -0.41 -0.33
N THR J 343 23.65 2.18 -2.37
CA THR J 343 24.14 0.94 -1.75
C THR J 343 22.98 0.12 -1.20
N HIS J 344 22.27 -0.56 -2.10
CA HIS J 344 21.13 -1.38 -1.71
C HIS J 344 21.48 -2.67 -0.98
N GLN J 345 20.64 -3.02 0.00
CA GLN J 345 20.80 -4.24 0.78
C GLN J 345 19.53 -5.08 0.56
N ILE J 346 19.70 -6.38 0.39
CA ILE J 346 18.58 -7.29 0.16
C ILE J 346 17.81 -7.71 1.42
N THR J 347 16.50 -7.90 1.26
CA THR J 347 15.63 -8.31 2.36
C THR J 347 15.99 -9.72 2.82
N ALA J 348 16.18 -9.88 4.13
CA ALA J 348 16.53 -11.17 4.69
C ALA J 348 15.30 -12.02 4.97
N ILE J 349 15.49 -13.34 4.94
CA ILE J 349 14.43 -14.28 5.23
C ILE J 349 14.38 -14.43 6.76
N PRO J 350 13.20 -14.27 7.36
CA PRO J 350 12.99 -14.39 8.82
C PRO J 350 13.49 -15.70 9.44
N ASP J 351 14.07 -15.61 10.64
CA ASP J 351 14.61 -16.78 11.33
C ASP J 351 13.65 -17.94 11.52
N HIS J 352 12.40 -17.66 11.83
CA HIS J 352 11.46 -18.75 12.06
C HIS J 352 11.32 -19.66 10.85
N TYR J 353 11.38 -19.09 9.66
CA TYR J 353 11.27 -19.91 8.45
C TYR J 353 12.19 -21.14 8.54
N PHE J 354 13.44 -20.93 8.94
CA PHE J 354 14.39 -22.04 9.04
C PHE J 354 14.09 -22.99 10.20
N ALA J 355 13.42 -22.47 11.22
CA ALA J 355 13.05 -23.28 12.39
C ALA J 355 12.03 -24.30 11.94
N LEU J 356 11.09 -23.84 11.11
CA LEU J 356 10.04 -24.69 10.57
C LEU J 356 10.61 -25.78 9.66
N VAL J 357 11.24 -25.36 8.57
CA VAL J 357 11.80 -26.28 7.59
C VAL J 357 12.89 -27.21 8.13
N SER J 358 13.58 -26.80 9.18
CA SER J 358 14.63 -27.64 9.76
C SER J 358 14.00 -28.90 10.38
N ARG J 359 12.70 -28.83 10.65
CA ARG J 359 11.95 -29.93 11.22
C ARG J 359 12.28 -30.20 12.68
N TYR J 360 12.99 -29.27 13.30
CA TYR J 360 13.32 -29.42 14.71
C TYR J 360 12.20 -28.79 15.53
N TYR J 361 11.57 -27.77 14.96
CA TYR J 361 10.47 -27.09 15.63
C TYR J 361 9.16 -27.27 14.89
N ALA J 362 8.08 -26.83 15.52
CA ALA J 362 6.75 -26.91 14.94
C ALA J 362 6.12 -25.55 15.08
N TYR J 363 5.33 -25.16 14.08
CA TYR J 363 4.66 -23.86 14.12
C TYR J 363 3.36 -24.02 14.88
N ASP J 364 3.19 -23.21 15.93
CA ASP J 364 1.97 -23.26 16.72
C ASP J 364 1.03 -22.15 16.24
N PRO J 365 -0.12 -22.54 15.67
CA PRO J 365 -1.09 -21.55 15.17
C PRO J 365 -1.57 -20.56 16.22
N ILE J 366 -2.22 -21.07 17.26
CA ILE J 366 -2.76 -20.25 18.34
C ILE J 366 -1.84 -19.11 18.81
N SER J 367 -0.62 -19.46 19.23
CA SER J 367 0.34 -18.48 19.72
C SER J 367 1.20 -17.86 18.61
N LYS J 368 1.35 -18.58 17.51
CA LYS J 368 2.16 -18.11 16.37
C LYS J 368 3.64 -18.15 16.72
N GLU J 369 4.01 -19.09 17.59
CA GLU J 369 5.40 -19.24 18.01
C GLU J 369 5.89 -20.62 17.62
N MET J 370 7.21 -20.78 17.55
CA MET J 370 7.81 -22.06 17.23
C MET J 370 8.05 -22.87 18.51
N ILE J 371 7.62 -24.13 18.49
CA ILE J 371 7.79 -25.02 19.63
C ILE J 371 8.79 -26.12 19.31
N ALA J 372 9.86 -26.21 20.10
CA ALA J 372 10.84 -27.25 19.89
C ALA J 372 10.11 -28.58 20.13
N LEU J 373 10.65 -29.68 19.63
CA LEU J 373 10.02 -30.99 19.81
C LEU J 373 10.72 -31.72 20.96
N LYS J 374 9.93 -32.47 21.74
CA LYS J 374 10.45 -33.22 22.90
C LYS J 374 11.75 -33.98 22.60
N ASP J 375 11.93 -34.37 21.34
CA ASP J 375 13.11 -35.13 20.91
C ASP J 375 14.40 -34.68 21.61
N GLU J 376 15.08 -35.65 22.22
CA GLU J 376 16.33 -35.43 22.96
C GLU J 376 17.23 -34.27 22.53
N THR J 377 18.32 -34.61 21.85
CA THR J 377 19.31 -33.65 21.39
C THR J 377 18.80 -32.45 20.61
N ASN J 378 18.98 -31.28 21.22
CA ASN J 378 18.59 -30.01 20.62
C ASN J 378 19.77 -29.50 19.77
N PRO J 379 19.46 -28.92 18.60
CA PRO J 379 20.47 -28.39 17.68
C PRO J 379 21.34 -27.25 18.22
N ILE J 380 20.75 -26.34 18.99
CA ILE J 380 21.51 -25.21 19.54
C ILE J 380 22.65 -25.76 20.37
N GLU J 381 22.37 -26.86 21.05
CA GLU J 381 23.34 -27.52 21.89
C GLU J 381 24.51 -28.02 21.08
N GLU J 382 24.25 -28.92 20.11
CA GLU J 382 25.32 -29.46 19.28
C GLU J 382 26.18 -28.36 18.66
N TRP J 383 25.54 -27.26 18.24
CA TRP J 383 26.29 -26.16 17.66
C TRP J 383 27.40 -25.78 18.62
N GLN J 384 27.07 -25.72 19.91
CA GLN J 384 28.02 -25.36 20.95
C GLN J 384 29.13 -26.40 21.10
N HIS J 385 28.74 -27.67 21.16
CA HIS J 385 29.74 -28.74 21.29
C HIS J 385 30.73 -28.65 20.14
N ILE J 386 30.26 -28.14 19.00
CA ILE J 386 31.11 -28.02 17.82
C ILE J 386 31.96 -26.76 17.84
N GLU J 387 31.36 -25.62 18.17
CA GLU J 387 32.11 -24.37 18.22
C GLU J 387 33.30 -24.51 19.16
N GLN J 388 33.15 -25.40 20.13
CA GLN J 388 34.21 -25.66 21.10
C GLN J 388 35.54 -26.07 20.48
N LEU J 389 35.75 -27.37 20.34
CA LEU J 389 36.99 -27.88 19.78
C LEU J 389 37.49 -27.03 18.60
N LYS J 390 38.71 -26.54 18.71
CA LYS J 390 39.32 -25.68 17.69
C LYS J 390 40.50 -26.32 16.94
N GLY J 391 40.85 -25.72 15.81
CA GLY J 391 41.97 -26.19 14.99
C GLY J 391 41.73 -27.43 14.12
N SER J 392 40.55 -27.53 13.52
CA SER J 392 40.23 -28.67 12.67
C SER J 392 40.57 -28.43 11.20
N ALA J 393 41.87 -28.45 10.87
CA ALA J 393 42.32 -28.25 9.49
C ALA J 393 41.80 -29.38 8.59
N GLU J 394 41.05 -30.29 9.19
CA GLU J 394 40.48 -31.44 8.50
C GLU J 394 39.59 -30.98 7.36
N GLY J 395 38.82 -29.92 7.60
CA GLY J 395 37.94 -29.40 6.57
C GLY J 395 38.69 -29.26 5.26
N SER J 396 39.92 -28.76 5.33
CA SER J 396 40.73 -28.57 4.14
C SER J 396 41.09 -29.88 3.43
N ILE J 397 41.15 -30.96 4.19
CA ILE J 397 41.50 -32.25 3.60
C ILE J 397 40.38 -32.92 2.80
N ARG J 398 39.15 -32.89 3.28
CA ARG J 398 38.06 -33.54 2.56
C ARG J 398 37.40 -32.75 1.44
N TYR J 399 37.73 -31.46 1.33
CA TYR J 399 37.14 -30.62 0.28
C TYR J 399 38.21 -29.93 -0.56
N PRO J 400 39.25 -30.69 -0.96
CA PRO J 400 40.34 -30.14 -1.76
C PRO J 400 39.96 -29.18 -2.89
N ALA J 401 39.11 -29.60 -3.82
CA ALA J 401 38.74 -28.74 -4.95
C ALA J 401 38.07 -27.42 -4.59
N TRP J 402 37.67 -27.27 -3.32
CA TRP J 402 37.01 -26.04 -2.89
C TRP J 402 37.88 -25.25 -1.92
N ASN J 403 39.11 -25.71 -1.80
CA ASN J 403 40.14 -25.15 -0.95
C ASN J 403 40.61 -23.81 -1.53
N GLY J 404 40.51 -22.74 -0.73
CA GLY J 404 40.92 -21.43 -1.21
C GLY J 404 39.79 -20.61 -1.83
N ILE J 405 38.68 -21.28 -2.14
CA ILE J 405 37.53 -20.60 -2.73
C ILE J 405 36.46 -20.36 -1.66
N ILE J 406 36.16 -21.40 -0.90
CA ILE J 406 35.18 -21.29 0.17
C ILE J 406 35.94 -21.07 1.47
N SER J 407 35.52 -20.07 2.24
CA SER J 407 36.17 -19.73 3.50
C SER J 407 36.51 -20.97 4.32
N GLN J 408 37.70 -20.98 4.89
CA GLN J 408 38.16 -22.09 5.71
C GLN J 408 37.23 -22.35 6.89
N GLU J 409 36.58 -21.30 7.37
CA GLU J 409 35.67 -21.42 8.50
C GLU J 409 34.55 -22.42 8.21
N VAL J 410 33.91 -22.26 7.05
CA VAL J 410 32.81 -23.10 6.61
C VAL J 410 33.20 -24.57 6.37
N LEU J 411 34.21 -24.80 5.53
CA LEU J 411 34.64 -26.17 5.24
C LEU J 411 35.06 -26.89 6.53
N ASP J 412 35.54 -26.15 7.53
CA ASP J 412 35.92 -26.78 8.79
C ASP J 412 34.70 -27.09 9.62
N TYR J 413 33.64 -26.29 9.46
CA TYR J 413 32.39 -26.48 10.18
C TYR J 413 31.65 -27.68 9.61
N LEU J 414 31.41 -27.65 8.29
CA LEU J 414 30.71 -28.76 7.65
C LEU J 414 31.45 -30.03 7.98
N SER J 415 32.77 -29.96 7.87
CA SER J 415 33.64 -31.09 8.15
C SER J 415 33.36 -31.65 9.55
N SER J 416 33.29 -30.77 10.52
CA SER J 416 33.03 -31.18 11.90
C SER J 416 31.62 -31.71 12.12
N TYR J 417 30.63 -31.08 11.48
CA TYR J 417 29.26 -31.53 11.62
C TYR J 417 29.11 -32.97 11.13
N ILE J 418 29.55 -33.19 9.90
CA ILE J 418 29.47 -34.49 9.24
C ILE J 418 30.20 -35.62 9.95
N ASN J 419 31.36 -35.33 10.52
CA ASN J 419 32.12 -36.36 11.20
C ASN J 419 31.58 -36.61 12.63
N ARG J 420 30.90 -35.62 13.18
CA ARG J 420 30.33 -35.72 14.52
C ARG J 420 28.90 -36.23 14.50
N ARG J 421 28.52 -36.94 13.43
CA ARG J 421 27.16 -37.46 13.35
C ARG J 421 27.07 -38.94 12.99
N ILE J 422 26.72 -39.74 14.00
CA ILE J 422 26.57 -41.19 13.82
C ILE J 422 25.15 -41.62 14.19
N PRO K 1 -35.79 -23.62 -18.13
CA PRO K 1 -34.60 -22.75 -17.98
C PRO K 1 -33.79 -22.71 -19.28
N GLN K 2 -34.02 -21.68 -20.08
CA GLN K 2 -33.35 -21.50 -21.37
C GLN K 2 -31.83 -21.59 -21.36
N PHE K 3 -31.16 -21.10 -20.32
CA PHE K 3 -29.70 -21.19 -20.30
C PHE K 3 -29.28 -22.65 -20.54
N ASP K 4 -30.04 -23.58 -19.96
CA ASP K 4 -29.77 -24.99 -20.14
C ASP K 4 -29.92 -25.30 -21.61
N ILE K 5 -31.01 -24.81 -22.20
CA ILE K 5 -31.30 -25.02 -23.62
C ILE K 5 -30.11 -24.63 -24.47
N LEU K 6 -29.65 -23.39 -24.27
CA LEU K 6 -28.52 -22.88 -25.01
C LEU K 6 -27.38 -23.88 -24.95
N CYS K 7 -26.97 -24.25 -23.75
CA CYS K 7 -25.88 -25.19 -23.56
C CYS K 7 -26.04 -26.40 -24.47
N LYS K 8 -27.30 -26.77 -24.73
CA LYS K 8 -27.59 -27.91 -25.59
C LYS K 8 -27.59 -27.54 -27.06
N THR K 9 -28.02 -26.31 -27.38
CA THR K 9 -28.04 -25.86 -28.77
C THR K 9 -26.62 -25.77 -29.34
N PRO K 10 -26.40 -26.36 -30.52
CA PRO K 10 -25.08 -26.32 -31.15
C PRO K 10 -24.70 -24.93 -31.62
N PRO K 11 -23.42 -24.59 -31.55
CA PRO K 11 -22.93 -23.28 -31.98
C PRO K 11 -23.42 -22.86 -33.37
N LYS K 12 -22.97 -23.55 -34.43
CA LYS K 12 -23.39 -23.20 -35.79
C LYS K 12 -24.91 -23.14 -35.86
N VAL K 13 -25.56 -24.08 -35.17
CA VAL K 13 -27.01 -24.14 -35.12
C VAL K 13 -27.54 -22.81 -34.61
N LEU K 14 -26.72 -22.13 -33.82
CA LEU K 14 -27.11 -20.86 -33.24
C LEU K 14 -26.84 -19.70 -34.18
N VAL K 15 -25.61 -19.63 -34.69
CA VAL K 15 -25.25 -18.56 -35.60
C VAL K 15 -26.19 -18.54 -36.78
N ARG K 16 -26.85 -19.68 -37.00
CA ARG K 16 -27.79 -19.83 -38.11
C ARG K 16 -29.08 -19.10 -37.76
N GLN K 17 -29.81 -19.66 -36.80
CA GLN K 17 -31.09 -19.11 -36.36
C GLN K 17 -31.03 -17.59 -36.25
N PHE K 18 -29.90 -17.09 -35.76
CA PHE K 18 -29.71 -15.65 -35.60
C PHE K 18 -29.80 -14.93 -36.92
N VAL K 19 -29.18 -15.50 -37.96
CA VAL K 19 -29.21 -14.88 -39.28
C VAL K 19 -30.58 -15.11 -39.94
N GLU K 20 -31.34 -16.04 -39.39
CA GLU K 20 -32.68 -16.38 -39.89
C GLU K 20 -33.78 -15.45 -39.39
N ARG K 21 -33.40 -14.44 -38.63
CA ARG K 21 -34.36 -13.48 -38.08
C ARG K 21 -34.27 -12.16 -38.81
N PHE K 22 -33.29 -12.03 -39.70
CA PHE K 22 -33.08 -10.79 -40.44
C PHE K 22 -33.46 -10.87 -41.91
N GLU K 23 -33.63 -12.09 -42.43
CA GLU K 23 -34.03 -12.27 -43.82
C GLU K 23 -35.56 -12.23 -43.83
N ARG K 24 -36.13 -12.52 -42.66
CA ARG K 24 -37.57 -12.51 -42.45
C ARG K 24 -37.87 -11.43 -41.42
N PRO K 25 -37.40 -10.19 -41.67
CA PRO K 25 -37.59 -9.04 -40.77
C PRO K 25 -38.97 -8.93 -40.12
N SER K 26 -38.99 -9.02 -38.80
CA SER K 26 -40.24 -8.94 -38.04
C SER K 26 -40.01 -8.48 -36.60
N GLY K 27 -41.10 -8.09 -35.95
CA GLY K 27 -41.01 -7.64 -34.57
C GLY K 27 -41.25 -8.81 -33.63
N GLU K 28 -41.39 -10.01 -34.21
CA GLU K 28 -41.64 -11.21 -33.43
C GLU K 28 -40.44 -12.15 -33.39
N LYS K 29 -39.70 -12.20 -34.49
CA LYS K 29 -38.52 -13.07 -34.58
C LYS K 29 -37.26 -12.40 -34.02
N ILE K 30 -37.24 -11.07 -34.09
CA ILE K 30 -36.09 -10.30 -33.58
C ILE K 30 -36.20 -10.02 -32.09
N ALA K 31 -37.41 -9.72 -31.64
CA ALA K 31 -37.66 -9.42 -30.23
C ALA K 31 -37.47 -10.64 -29.31
N LEU K 32 -37.00 -11.75 -29.87
CA LEU K 32 -36.81 -12.96 -29.08
C LEU K 32 -35.37 -13.50 -29.11
N CYS K 33 -34.54 -12.95 -29.98
CA CYS K 33 -33.15 -13.39 -30.09
C CYS K 33 -32.34 -12.99 -28.86
N ALA K 34 -33.03 -12.36 -27.91
CA ALA K 34 -32.43 -11.90 -26.67
C ALA K 34 -31.27 -12.78 -26.19
N ALA K 35 -31.59 -14.04 -25.90
CA ALA K 35 -30.62 -15.02 -25.41
C ALA K 35 -29.49 -15.31 -26.39
N GLU K 36 -29.81 -15.41 -27.68
CA GLU K 36 -28.81 -15.68 -28.69
C GLU K 36 -27.85 -14.51 -28.78
N LEU K 37 -28.42 -13.30 -28.87
CA LEU K 37 -27.63 -12.08 -28.94
C LEU K 37 -26.60 -12.10 -27.81
N THR K 38 -27.06 -12.42 -26.60
CA THR K 38 -26.19 -12.48 -25.43
C THR K 38 -25.01 -13.43 -25.64
N TYR K 39 -25.31 -14.70 -25.91
CA TYR K 39 -24.29 -15.72 -26.13
C TYR K 39 -23.30 -15.31 -27.20
N LEU K 40 -23.81 -14.67 -28.23
CA LEU K 40 -22.97 -14.23 -29.32
C LEU K 40 -21.96 -13.20 -28.83
N CYS K 41 -22.47 -12.08 -28.32
CA CYS K 41 -21.62 -11.00 -27.83
C CYS K 41 -20.48 -11.49 -26.94
N TRP K 42 -20.80 -12.40 -26.02
CA TRP K 42 -19.77 -12.92 -25.13
C TRP K 42 -18.63 -13.58 -25.91
N MET K 43 -18.92 -14.69 -26.58
CA MET K 43 -17.91 -15.42 -27.36
C MET K 43 -17.10 -14.51 -28.27
N ILE K 44 -17.74 -13.46 -28.78
CA ILE K 44 -17.10 -12.50 -29.66
C ILE K 44 -15.98 -11.74 -28.95
N THR K 45 -16.35 -11.12 -27.83
CA THR K 45 -15.41 -10.33 -27.05
C THR K 45 -14.44 -11.12 -26.18
N HIS K 46 -14.78 -12.35 -25.82
CA HIS K 46 -13.88 -13.11 -24.98
C HIS K 46 -13.09 -14.16 -25.75
N ASN K 47 -13.25 -14.16 -27.07
CA ASN K 47 -12.53 -15.09 -27.93
C ASN K 47 -12.95 -16.56 -27.73
N GLY K 48 -14.26 -16.78 -27.68
CA GLY K 48 -14.76 -18.14 -27.50
C GLY K 48 -14.54 -18.81 -26.15
N THR K 49 -14.53 -18.02 -25.07
CA THR K 49 -14.37 -18.57 -23.73
C THR K 49 -15.75 -18.79 -23.13
N ALA K 50 -15.89 -19.87 -22.36
CA ALA K 50 -17.15 -20.20 -21.73
C ALA K 50 -17.70 -19.01 -20.97
N ILE K 51 -18.98 -19.10 -20.61
CA ILE K 51 -19.66 -18.08 -19.85
C ILE K 51 -20.36 -18.84 -18.73
N LYS K 52 -20.34 -18.28 -17.51
CA LYS K 52 -20.99 -18.93 -16.38
C LYS K 52 -22.50 -18.66 -16.39
N ARG K 53 -23.24 -19.52 -15.71
CA ARG K 53 -24.71 -19.41 -15.63
C ARG K 53 -25.27 -18.07 -15.16
N ALA K 54 -24.86 -17.63 -13.98
CA ALA K 54 -25.35 -16.37 -13.42
C ALA K 54 -24.92 -15.17 -14.24
N THR K 55 -23.67 -15.17 -14.69
CA THR K 55 -23.13 -14.06 -15.47
C THR K 55 -23.96 -13.87 -16.75
N PHE K 56 -24.50 -14.96 -17.27
CA PHE K 56 -25.33 -14.91 -18.48
C PHE K 56 -26.70 -14.31 -18.18
N MET K 57 -27.42 -14.91 -17.26
CA MET K 57 -28.76 -14.42 -16.94
C MET K 57 -28.77 -12.94 -16.57
N SER K 58 -27.66 -12.46 -16.04
CA SER K 58 -27.57 -11.07 -15.67
C SER K 58 -27.51 -10.21 -16.94
N TYR K 59 -26.57 -10.56 -17.82
CA TYR K 59 -26.36 -9.85 -19.09
C TYR K 59 -27.58 -9.99 -19.99
N ASN K 60 -28.32 -11.08 -19.80
CA ASN K 60 -29.53 -11.35 -20.57
C ASN K 60 -30.61 -10.34 -20.18
N THR K 61 -30.84 -10.22 -18.87
CA THR K 61 -31.83 -9.29 -18.36
C THR K 61 -31.57 -7.89 -18.91
N ILE K 62 -30.30 -7.49 -18.94
CA ILE K 62 -29.95 -6.17 -19.44
C ILE K 62 -30.39 -5.93 -20.89
N ILE K 63 -30.04 -6.84 -21.80
CA ILE K 63 -30.42 -6.70 -23.20
C ILE K 63 -31.94 -6.56 -23.34
N SER K 64 -32.68 -7.49 -22.77
CA SER K 64 -34.14 -7.46 -22.82
C SER K 64 -34.71 -6.05 -22.68
N ASN K 65 -34.18 -5.32 -21.70
CA ASN K 65 -34.64 -3.97 -21.43
C ASN K 65 -34.05 -2.86 -22.33
N SER K 66 -32.87 -3.09 -22.88
CA SER K 66 -32.25 -2.10 -23.75
C SER K 66 -32.39 -2.40 -25.22
N LEU K 67 -33.21 -3.40 -25.55
CA LEU K 67 -33.40 -3.80 -26.95
C LEU K 67 -34.25 -2.81 -27.74
N SER K 68 -33.72 -2.38 -28.88
CA SER K 68 -34.40 -1.44 -29.76
C SER K 68 -33.90 -1.58 -31.19
N PHE K 69 -34.79 -1.99 -32.10
CA PHE K 69 -34.41 -2.16 -33.49
C PHE K 69 -35.17 -1.19 -34.40
N ASP K 70 -34.50 -0.70 -35.44
CA ASP K 70 -35.13 0.24 -36.36
C ASP K 70 -36.14 -0.44 -37.27
N ILE K 71 -37.39 0.00 -37.14
CA ILE K 71 -38.51 -0.50 -37.91
C ILE K 71 -38.17 -0.88 -39.36
N VAL K 72 -37.69 0.10 -40.14
CA VAL K 72 -37.35 -0.16 -41.53
C VAL K 72 -36.05 0.46 -42.03
N ASN K 73 -35.26 1.03 -41.12
CA ASN K 73 -33.97 1.62 -41.48
C ASN K 73 -32.90 0.55 -41.25
N LYS K 74 -33.29 -0.53 -40.59
CA LYS K 74 -32.39 -1.66 -40.31
C LYS K 74 -31.33 -1.38 -39.26
N SER K 75 -31.67 -0.64 -38.20
CA SER K 75 -30.71 -0.35 -37.16
C SER K 75 -31.06 -1.19 -35.94
N LEU K 76 -30.10 -1.35 -35.04
CA LEU K 76 -30.35 -2.13 -33.82
C LEU K 76 -29.42 -1.71 -32.70
N GLN K 77 -29.90 -1.85 -31.46
CA GLN K 77 -29.14 -1.49 -30.27
C GLN K 77 -29.63 -2.09 -28.96
N PHE K 78 -28.77 -2.05 -27.96
CA PHE K 78 -29.05 -2.60 -26.65
C PHE K 78 -27.87 -2.30 -25.73
N LYS K 79 -28.02 -2.57 -24.44
CA LYS K 79 -26.97 -2.34 -23.45
C LYS K 79 -26.19 -3.62 -23.21
N TYR K 80 -24.88 -3.52 -23.07
CA TYR K 80 -24.03 -4.67 -22.85
C TYR K 80 -22.67 -4.25 -22.22
N LYS K 81 -22.34 -4.87 -21.09
CA LYS K 81 -21.10 -4.58 -20.36
C LYS K 81 -19.82 -4.84 -21.14
N THR K 82 -19.39 -3.89 -21.97
CA THR K 82 -18.16 -4.06 -22.72
C THR K 82 -17.41 -2.76 -22.91
N GLN K 83 -16.09 -2.88 -22.99
CA GLN K 83 -15.21 -1.75 -23.23
C GLN K 83 -14.73 -1.82 -24.66
N LYS K 84 -15.32 -2.73 -25.43
CA LYS K 84 -14.97 -2.92 -26.83
C LYS K 84 -16.22 -2.90 -27.69
N ALA K 85 -16.99 -1.82 -27.61
CA ALA K 85 -18.19 -1.71 -28.42
C ALA K 85 -17.79 -1.69 -29.90
N THR K 86 -16.67 -1.05 -30.20
CA THR K 86 -16.14 -0.96 -31.57
C THR K 86 -16.02 -2.32 -32.25
N ILE K 87 -15.10 -3.15 -31.79
CA ILE K 87 -14.88 -4.45 -32.39
C ILE K 87 -16.16 -5.28 -32.45
N LEU K 88 -16.93 -5.27 -31.36
CA LEU K 88 -18.17 -6.04 -31.32
C LEU K 88 -19.09 -5.57 -32.45
N GLU K 89 -18.95 -4.31 -32.82
CA GLU K 89 -19.74 -3.76 -33.91
C GLU K 89 -19.29 -4.48 -35.18
N ALA K 90 -18.02 -4.27 -35.53
CA ALA K 90 -17.42 -4.88 -36.72
C ALA K 90 -17.72 -6.38 -36.82
N SER K 91 -17.81 -7.05 -35.67
CA SER K 91 -18.08 -8.47 -35.67
C SER K 91 -19.55 -8.74 -35.97
N LEU K 92 -20.44 -8.07 -35.25
CA LEU K 92 -21.87 -8.24 -35.47
C LEU K 92 -22.27 -7.89 -36.91
N LYS K 93 -21.56 -6.93 -37.49
CA LYS K 93 -21.81 -6.50 -38.86
C LYS K 93 -21.61 -7.66 -39.84
N LYS K 94 -20.44 -8.30 -39.78
CA LYS K 94 -20.11 -9.42 -40.64
C LYS K 94 -21.00 -10.65 -40.41
N LEU K 95 -22.18 -10.44 -39.86
CA LEU K 95 -23.13 -11.52 -39.61
C LEU K 95 -24.40 -11.18 -40.38
N ILE K 96 -24.92 -9.98 -40.15
CA ILE K 96 -26.10 -9.53 -40.87
C ILE K 96 -25.73 -8.20 -41.53
N PRO K 97 -24.75 -8.22 -42.46
CA PRO K 97 -24.21 -7.10 -43.23
C PRO K 97 -25.21 -6.07 -43.79
N ALA K 98 -26.50 -6.34 -43.61
CA ALA K 98 -27.53 -5.43 -44.12
C ALA K 98 -28.01 -4.48 -43.02
N TRP K 99 -27.46 -4.61 -41.81
CA TRP K 99 -27.89 -3.77 -40.70
C TRP K 99 -26.76 -2.98 -40.02
N GLU K 100 -27.15 -2.08 -39.11
CA GLU K 100 -26.24 -1.22 -38.36
C GLU K 100 -26.56 -1.34 -36.86
N PHE K 101 -25.72 -2.09 -36.15
CA PHE K 101 -25.90 -2.29 -34.71
C PHE K 101 -25.16 -1.25 -33.88
N THR K 102 -25.68 -0.98 -32.69
CA THR K 102 -25.09 -0.02 -31.76
C THR K 102 -25.13 -0.53 -30.32
N ILE K 103 -23.94 -0.58 -29.71
CA ILE K 103 -23.80 -1.06 -28.33
C ILE K 103 -23.90 0.10 -27.33
N ILE K 104 -24.91 0.07 -26.49
CA ILE K 104 -25.11 1.11 -25.51
C ILE K 104 -24.56 0.69 -24.15
N PRO K 105 -23.91 1.63 -23.44
CA PRO K 105 -23.32 1.39 -22.11
C PRO K 105 -24.35 1.05 -21.05
N TYR K 106 -23.86 0.53 -19.92
CA TYR K 106 -24.72 0.17 -18.80
C TYR K 106 -24.25 0.93 -17.56
N TYR K 107 -25.11 1.80 -17.05
CA TYR K 107 -24.81 2.60 -15.85
C TYR K 107 -25.85 2.20 -14.82
N GLY K 108 -26.43 1.01 -15.02
CA GLY K 108 -27.47 0.47 -14.15
C GLY K 108 -27.53 1.00 -12.73
N GLN K 109 -26.36 1.30 -12.18
CA GLN K 109 -26.26 1.80 -10.83
C GLN K 109 -27.01 3.12 -10.57
N LYS K 110 -26.93 4.04 -11.53
CA LYS K 110 -27.57 5.35 -11.36
C LYS K 110 -28.40 5.85 -12.56
N HIS K 111 -29.69 6.08 -12.32
CA HIS K 111 -30.61 6.57 -13.34
C HIS K 111 -31.36 7.78 -12.81
N GLN K 112 -31.38 8.87 -13.57
CA GLN K 112 -32.10 10.06 -13.13
C GLN K 112 -33.60 9.95 -13.31
N SER K 113 -34.36 10.39 -12.32
CA SER K 113 -35.81 10.31 -12.36
C SER K 113 -36.48 11.63 -12.71
N ASP K 114 -37.80 11.59 -12.82
CA ASP K 114 -38.54 12.80 -13.15
C ASP K 114 -38.85 13.51 -11.83
N ILE K 115 -38.76 14.84 -11.85
CA ILE K 115 -39.02 15.63 -10.66
C ILE K 115 -40.28 15.18 -9.95
N THR K 116 -41.38 15.06 -10.70
CA THR K 116 -42.67 14.64 -10.13
C THR K 116 -42.58 13.25 -9.51
N ASP K 117 -41.58 12.49 -9.96
CA ASP K 117 -41.34 11.15 -9.43
C ASP K 117 -40.56 11.27 -8.11
N ILE K 118 -39.42 11.95 -8.17
CA ILE K 118 -38.61 12.16 -6.99
C ILE K 118 -39.47 12.79 -5.92
N VAL K 119 -40.17 13.86 -6.27
CA VAL K 119 -41.02 14.56 -5.30
C VAL K 119 -42.06 13.62 -4.70
N SER K 120 -42.73 12.86 -5.55
CA SER K 120 -43.76 11.95 -5.08
C SER K 120 -43.22 11.03 -3.99
N SER K 121 -42.02 10.49 -4.22
CA SER K 121 -41.39 9.61 -3.24
C SER K 121 -41.17 10.39 -1.95
N LEU K 122 -40.41 11.48 -2.06
CA LEU K 122 -40.10 12.32 -0.91
C LEU K 122 -41.33 12.61 -0.04
N GLN K 123 -42.42 13.02 -0.66
CA GLN K 123 -43.65 13.33 0.06
C GLN K 123 -44.15 12.10 0.79
N LEU K 124 -44.07 10.96 0.11
CA LEU K 124 -44.52 9.70 0.68
C LEU K 124 -43.72 9.44 1.95
N GLN K 125 -42.41 9.24 1.77
CA GLN K 125 -41.49 8.97 2.86
C GLN K 125 -41.68 9.94 4.03
N PHE K 126 -42.13 11.15 3.73
CA PHE K 126 -42.35 12.15 4.76
C PHE K 126 -43.46 11.77 5.73
N GLU K 127 -44.60 11.34 5.20
CA GLU K 127 -45.74 10.98 6.04
C GLU K 127 -45.67 9.57 6.64
N SER K 128 -44.86 8.70 6.04
CA SER K 128 -44.69 7.35 6.54
C SER K 128 -44.00 7.34 7.90
N ASN K 136 -28.89 -2.07 3.18
CA ASN K 136 -27.44 -2.05 3.36
C ASN K 136 -27.08 -1.45 4.71
N SER K 137 -27.17 -0.13 4.79
CA SER K 137 -26.87 0.63 6.00
C SER K 137 -27.75 0.24 7.16
N HIS K 138 -29.06 0.29 6.94
CA HIS K 138 -30.04 -0.07 7.96
C HIS K 138 -29.77 -1.50 8.44
N SER K 139 -29.59 -2.42 7.50
CA SER K 139 -29.32 -3.81 7.80
C SER K 139 -28.14 -4.00 8.75
N LYS K 140 -27.01 -3.39 8.42
CA LYS K 140 -25.81 -3.50 9.23
C LYS K 140 -26.03 -3.00 10.65
N LYS K 141 -26.83 -1.95 10.78
CA LYS K 141 -27.14 -1.38 12.08
C LYS K 141 -27.93 -2.36 12.92
N MET K 142 -28.95 -2.95 12.31
CA MET K 142 -29.79 -3.90 13.01
C MET K 142 -28.95 -5.02 13.59
N LEU K 143 -28.17 -5.67 12.73
CA LEU K 143 -27.31 -6.77 13.15
C LEU K 143 -26.31 -6.26 14.19
N LYS K 144 -25.89 -5.02 14.02
CA LYS K 144 -24.93 -4.40 14.92
C LYS K 144 -25.51 -4.32 16.36
N ALA K 145 -26.80 -4.03 16.45
CA ALA K 145 -27.51 -3.89 17.72
C ALA K 145 -27.87 -5.24 18.35
N LEU K 146 -28.30 -6.18 17.51
CA LEU K 146 -28.68 -7.52 17.98
C LEU K 146 -27.57 -8.15 18.83
N LEU K 147 -26.36 -8.15 18.28
CA LEU K 147 -25.21 -8.72 18.97
C LEU K 147 -25.02 -8.07 20.34
N SER K 148 -25.37 -6.80 20.45
CA SER K 148 -25.22 -6.05 21.69
C SER K 148 -26.49 -6.02 22.55
N GLU K 149 -27.19 -7.14 22.65
CA GLU K 149 -28.41 -7.18 23.44
C GLU K 149 -28.65 -8.49 24.19
N GLY K 150 -28.10 -8.57 25.40
CA GLY K 150 -28.27 -9.74 26.25
C GLY K 150 -27.96 -11.10 25.68
N GLU K 151 -28.66 -11.48 24.61
CA GLU K 151 -28.48 -12.77 23.96
C GLU K 151 -27.13 -12.93 23.29
N SER K 152 -26.61 -14.17 23.33
CA SER K 152 -25.33 -14.50 22.72
C SER K 152 -25.56 -15.11 21.35
N ILE K 153 -24.51 -15.17 20.54
CA ILE K 153 -24.61 -15.73 19.20
C ILE K 153 -25.23 -17.11 19.33
N TRP K 154 -24.72 -17.88 20.29
CA TRP K 154 -25.22 -19.22 20.53
C TRP K 154 -26.71 -19.27 20.89
N GLU K 155 -27.21 -18.19 21.49
CA GLU K 155 -28.63 -18.13 21.85
C GLU K 155 -29.44 -17.64 20.66
N ILE K 156 -28.90 -16.67 19.94
CA ILE K 156 -29.55 -16.12 18.77
C ILE K 156 -29.69 -17.20 17.70
N THR K 157 -28.76 -18.14 17.68
CA THR K 157 -28.81 -19.21 16.70
C THR K 157 -29.90 -20.18 17.11
N GLU K 158 -29.92 -20.52 18.40
CA GLU K 158 -30.92 -21.45 18.91
C GLU K 158 -32.34 -21.00 18.54
N LYS K 159 -32.64 -19.72 18.78
CA LYS K 159 -33.97 -19.20 18.45
C LYS K 159 -34.25 -19.30 16.96
N ILE K 160 -33.22 -19.04 16.14
CA ILE K 160 -33.38 -19.12 14.70
C ILE K 160 -33.56 -20.56 14.27
N LEU K 161 -32.76 -21.44 14.86
CA LEU K 161 -32.84 -22.85 14.53
C LEU K 161 -34.21 -23.44 14.90
N ASN K 162 -34.61 -23.29 16.16
CA ASN K 162 -35.88 -23.82 16.64
C ASN K 162 -37.10 -23.23 15.96
N SER K 163 -37.01 -21.98 15.53
CA SER K 163 -38.14 -21.34 14.88
C SER K 163 -38.63 -22.05 13.62
N PHE K 164 -37.94 -23.10 13.19
CA PHE K 164 -38.35 -23.84 11.99
C PHE K 164 -39.14 -25.10 12.36
N GLU K 165 -39.02 -25.50 13.62
CA GLU K 165 -39.63 -26.71 14.17
C GLU K 165 -41.12 -26.96 13.88
N TYR K 166 -41.97 -26.00 14.19
CA TYR K 166 -43.41 -26.17 13.96
C TYR K 166 -43.98 -25.37 12.81
N THR K 167 -43.15 -24.64 12.06
CA THR K 167 -43.65 -23.85 10.93
C THR K 167 -43.49 -24.65 9.65
N SER K 168 -42.76 -25.75 9.75
CA SER K 168 -42.50 -26.60 8.60
C SER K 168 -43.70 -27.45 8.20
N ARG K 169 -44.08 -27.38 6.92
CA ARG K 169 -45.20 -28.17 6.44
C ARG K 169 -44.81 -29.65 6.44
N PHE K 170 -43.73 -29.96 5.73
CA PHE K 170 -43.24 -31.33 5.62
C PHE K 170 -42.11 -31.58 6.63
N THR K 171 -41.68 -32.84 6.73
CA THR K 171 -40.62 -33.17 7.65
C THR K 171 -39.30 -33.04 6.91
N LYS K 172 -39.35 -33.12 5.59
CA LYS K 172 -38.16 -33.01 4.77
C LYS K 172 -37.61 -31.59 4.79
N THR K 173 -38.50 -30.61 4.65
CA THR K 173 -38.08 -29.21 4.67
C THR K 173 -37.53 -28.85 6.04
N LYS K 174 -38.24 -29.21 7.10
CA LYS K 174 -37.77 -28.91 8.45
C LYS K 174 -36.33 -29.34 8.56
N THR K 175 -36.05 -30.54 8.04
CA THR K 175 -34.72 -31.13 8.07
C THR K 175 -33.72 -30.36 7.19
N LEU K 176 -34.20 -29.86 6.05
CA LEU K 176 -33.34 -29.10 5.15
C LEU K 176 -33.00 -27.77 5.78
N TYR K 177 -33.97 -26.87 5.85
CA TYR K 177 -33.77 -25.56 6.45
C TYR K 177 -32.86 -25.65 7.67
N GLN K 178 -33.31 -26.40 8.66
CA GLN K 178 -32.58 -26.60 9.91
C GLN K 178 -31.11 -26.98 9.68
N PHE K 179 -30.85 -27.76 8.65
CA PHE K 179 -29.49 -28.21 8.33
C PHE K 179 -28.68 -27.07 7.72
N LEU K 180 -29.20 -26.52 6.63
CA LEU K 180 -28.59 -25.42 5.90
C LEU K 180 -28.12 -24.33 6.84
N PHE K 181 -29.03 -23.87 7.70
CA PHE K 181 -28.68 -22.82 8.64
C PHE K 181 -27.45 -23.25 9.44
N LEU K 182 -27.63 -24.24 10.31
CA LEU K 182 -26.53 -24.71 11.14
C LEU K 182 -25.30 -24.98 10.30
N ALA K 183 -25.51 -25.35 9.03
CA ALA K 183 -24.41 -25.63 8.12
C ALA K 183 -23.57 -24.37 7.89
N THR K 184 -24.21 -23.33 7.36
CA THR K 184 -23.52 -22.08 7.09
C THR K 184 -22.82 -21.54 8.34
N PHE K 185 -23.54 -21.46 9.45
CA PHE K 185 -22.96 -20.93 10.68
C PHE K 185 -21.67 -21.61 11.08
N ILE K 186 -21.65 -22.94 11.00
CA ILE K 186 -20.48 -23.73 11.37
C ILE K 186 -19.25 -23.56 10.45
N ASN K 187 -19.49 -23.49 9.14
CA ASN K 187 -18.41 -23.35 8.16
C ASN K 187 -18.26 -21.91 7.71
N CYS K 188 -19.08 -21.03 8.26
CA CYS K 188 -19.04 -19.62 7.90
C CYS K 188 -19.13 -19.53 6.40
N GLY K 189 -20.09 -20.26 5.83
CA GLY K 189 -20.23 -20.25 4.39
C GLY K 189 -21.50 -19.64 3.82
N ARG K 190 -21.53 -19.50 2.50
CA ARG K 190 -22.68 -18.95 1.80
C ARG K 190 -23.61 -20.12 1.51
N PHE K 191 -24.63 -19.88 0.69
CA PHE K 191 -25.56 -20.94 0.32
C PHE K 191 -24.84 -21.85 -0.65
N SER K 192 -24.28 -21.23 -1.68
CA SER K 192 -23.56 -21.97 -2.70
C SER K 192 -22.44 -22.81 -2.09
N ASP K 193 -21.81 -22.31 -1.04
CA ASP K 193 -20.71 -23.07 -0.42
C ASP K 193 -21.23 -24.37 0.16
N ILE K 194 -22.51 -24.41 0.52
CA ILE K 194 -23.10 -25.61 1.09
C ILE K 194 -23.75 -26.46 0.00
N LYS K 195 -24.44 -25.84 -0.94
CA LYS K 195 -25.09 -26.57 -2.02
C LYS K 195 -24.13 -27.36 -2.92
N ASN K 196 -23.13 -26.69 -3.48
CA ASN K 196 -22.18 -27.32 -4.38
C ASN K 196 -21.24 -28.38 -3.82
N VAL K 197 -21.34 -28.68 -2.54
CA VAL K 197 -20.51 -29.70 -1.93
C VAL K 197 -20.63 -31.00 -2.72
N ASP K 198 -19.50 -31.66 -2.95
CA ASP K 198 -19.48 -32.93 -3.66
C ASP K 198 -19.60 -34.02 -2.62
N PRO K 199 -20.79 -34.66 -2.51
CA PRO K 199 -20.96 -35.73 -1.52
C PRO K 199 -19.88 -36.81 -1.52
N LYS K 200 -19.47 -37.26 -2.70
CA LYS K 200 -18.45 -38.30 -2.78
C LYS K 200 -17.15 -37.99 -2.04
N SER K 201 -17.01 -36.78 -1.54
CA SER K 201 -15.78 -36.38 -0.86
C SER K 201 -15.80 -36.42 0.67
N PHE K 202 -16.91 -36.87 1.26
CA PHE K 202 -16.97 -36.96 2.71
C PHE K 202 -15.90 -37.94 3.19
N LYS K 203 -15.15 -37.56 4.22
CA LYS K 203 -14.12 -38.43 4.78
C LYS K 203 -13.73 -38.00 6.19
N LEU K 204 -13.34 -38.95 7.01
CA LEU K 204 -12.95 -38.66 8.38
C LEU K 204 -11.53 -38.13 8.43
N VAL K 205 -11.36 -37.06 9.21
CA VAL K 205 -10.07 -36.42 9.39
C VAL K 205 -9.86 -36.36 10.89
N GLN K 206 -8.62 -36.23 11.32
CA GLN K 206 -8.33 -36.19 12.75
C GLN K 206 -8.24 -34.78 13.30
N ASN K 207 -8.27 -34.69 14.63
CA ASN K 207 -8.21 -33.43 15.35
C ASN K 207 -7.74 -33.74 16.78
N LYS K 208 -6.75 -33.01 17.26
CA LYS K 208 -6.23 -33.24 18.61
C LYS K 208 -7.16 -32.77 19.73
N TYR K 209 -8.45 -32.65 19.43
CA TYR K 209 -9.42 -32.20 20.42
C TYR K 209 -10.70 -33.04 20.44
N LEU K 210 -11.24 -33.29 19.25
CA LEU K 210 -12.47 -34.08 19.14
C LEU K 210 -12.22 -35.48 18.61
N GLY K 211 -10.95 -35.82 18.41
CA GLY K 211 -10.61 -37.13 17.89
C GLY K 211 -10.70 -37.11 16.38
N VAL K 212 -11.92 -37.16 15.85
CA VAL K 212 -12.12 -37.12 14.41
C VAL K 212 -13.21 -36.14 14.01
N ILE K 213 -13.42 -36.00 12.70
CA ILE K 213 -14.43 -35.09 12.16
C ILE K 213 -14.78 -35.53 10.75
N ILE K 214 -15.87 -34.98 10.23
CA ILE K 214 -16.35 -35.26 8.90
C ILE K 214 -15.93 -34.11 8.00
N GLN K 215 -15.34 -34.42 6.83
CA GLN K 215 -14.88 -33.38 5.92
C GLN K 215 -15.40 -33.62 4.51
N CYS K 216 -15.59 -32.53 3.76
CA CYS K 216 -16.01 -32.66 2.37
C CYS K 216 -15.45 -31.48 1.57
N LEU K 217 -15.67 -31.45 0.26
CA LEU K 217 -15.12 -30.38 -0.57
C LEU K 217 -16.10 -29.63 -1.47
N VAL K 218 -15.87 -28.33 -1.64
CA VAL K 218 -16.67 -27.49 -2.52
C VAL K 218 -15.67 -26.93 -3.53
N THR K 219 -15.99 -27.00 -4.81
CA THR K 219 -15.09 -26.54 -5.85
C THR K 219 -15.64 -25.29 -6.54
N GLU K 220 -16.91 -25.32 -6.89
CA GLU K 220 -17.54 -24.18 -7.53
C GLU K 220 -17.94 -23.16 -6.50
N THR K 221 -17.11 -22.15 -6.33
CA THR K 221 -17.38 -21.08 -5.36
C THR K 221 -17.43 -19.74 -6.07
N LYS K 222 -17.74 -18.68 -5.32
CA LYS K 222 -17.83 -17.34 -5.89
C LYS K 222 -16.47 -16.81 -6.34
N THR K 223 -15.43 -17.07 -5.55
CA THR K 223 -14.11 -16.63 -5.93
C THR K 223 -13.39 -17.72 -6.72
N SER K 224 -14.09 -18.82 -6.98
CA SER K 224 -13.51 -19.94 -7.72
C SER K 224 -12.36 -20.64 -6.98
N VAL K 225 -12.18 -20.28 -5.72
CA VAL K 225 -11.14 -20.88 -4.89
C VAL K 225 -11.82 -21.92 -4.00
N SER K 226 -11.58 -23.19 -4.31
CA SER K 226 -12.17 -24.30 -3.56
C SER K 226 -11.94 -24.23 -2.05
N ARG K 227 -12.77 -24.92 -1.29
CA ARG K 227 -12.64 -24.92 0.16
C ARG K 227 -13.22 -26.20 0.76
N HIS K 228 -12.95 -26.42 2.04
CA HIS K 228 -13.47 -27.58 2.74
C HIS K 228 -14.67 -27.21 3.61
N ILE K 229 -15.54 -28.19 3.85
CA ILE K 229 -16.72 -28.01 4.67
C ILE K 229 -16.63 -29.07 5.77
N TYR K 230 -16.96 -28.67 6.99
CA TYR K 230 -16.90 -29.62 8.10
C TYR K 230 -18.20 -29.84 8.86
N PHE K 231 -18.24 -30.94 9.62
CA PHE K 231 -19.37 -31.33 10.46
C PHE K 231 -18.74 -32.06 11.63
N PHE K 232 -19.08 -31.67 12.85
CA PHE K 232 -18.47 -32.31 14.01
C PHE K 232 -19.40 -32.42 15.21
N SER K 233 -18.87 -33.00 16.29
CA SER K 233 -19.61 -33.21 17.53
C SER K 233 -19.58 -31.98 18.44
N ALA K 234 -20.77 -31.48 18.79
CA ALA K 234 -20.87 -30.31 19.68
C ALA K 234 -21.47 -30.71 21.01
N ARG K 235 -20.84 -30.26 22.10
CA ARG K 235 -21.32 -30.57 23.45
C ARG K 235 -22.37 -29.55 23.87
N GLY K 236 -23.56 -30.03 24.19
CA GLY K 236 -24.64 -29.14 24.60
C GLY K 236 -25.98 -29.52 24.01
N ARG K 237 -26.89 -28.56 23.98
CA ARG K 237 -28.23 -28.80 23.45
C ARG K 237 -28.30 -28.82 21.92
N ILE K 238 -27.17 -28.58 21.26
CA ILE K 238 -27.13 -28.60 19.80
C ILE K 238 -25.90 -29.39 19.34
N ASP K 239 -26.15 -30.40 18.49
CA ASP K 239 -25.07 -31.24 17.99
C ASP K 239 -25.19 -31.36 16.48
N PRO K 240 -24.25 -30.73 15.75
CA PRO K 240 -24.21 -30.74 14.28
C PRO K 240 -24.40 -32.13 13.68
N LEU K 241 -23.67 -33.11 14.22
CA LEU K 241 -23.75 -34.48 13.74
C LEU K 241 -25.18 -34.97 13.76
N VAL K 242 -25.95 -34.49 14.73
CA VAL K 242 -27.35 -34.87 14.86
C VAL K 242 -28.18 -34.32 13.70
N TYR K 243 -27.98 -33.04 13.36
CA TYR K 243 -28.74 -32.44 12.28
C TYR K 243 -28.31 -32.98 10.93
N LEU K 244 -27.07 -33.43 10.84
CA LEU K 244 -26.55 -34.02 9.61
C LEU K 244 -27.29 -35.34 9.40
N ASP K 245 -27.35 -36.11 10.48
CA ASP K 245 -28.04 -37.40 10.53
C ASP K 245 -29.46 -37.22 10.03
N GLU K 246 -30.20 -36.37 10.73
CA GLU K 246 -31.57 -36.10 10.39
C GLU K 246 -31.68 -35.58 8.96
N PHE K 247 -30.60 -34.98 8.45
CA PHE K 247 -30.63 -34.47 7.08
C PHE K 247 -30.57 -35.60 6.06
N LEU K 248 -29.54 -36.43 6.19
CA LEU K 248 -29.31 -37.56 5.30
C LEU K 248 -30.51 -38.49 5.16
N ARG K 249 -31.14 -38.79 6.29
CA ARG K 249 -32.29 -39.69 6.32
C ARG K 249 -33.51 -39.24 5.53
N ASN K 250 -33.86 -37.95 5.62
CA ASN K 250 -35.02 -37.46 4.88
C ASN K 250 -34.67 -36.84 3.52
N SER K 251 -33.38 -36.84 3.18
CA SER K 251 -32.97 -36.25 1.91
C SER K 251 -32.18 -37.24 1.07
N GLU K 252 -32.07 -36.95 -0.22
CA GLU K 252 -31.38 -37.81 -1.15
C GLU K 252 -30.48 -37.01 -2.11
N PRO K 253 -29.50 -37.68 -2.75
CA PRO K 253 -28.56 -37.08 -3.69
C PRO K 253 -29.20 -36.19 -4.76
N VAL K 254 -28.41 -35.29 -5.34
CA VAL K 254 -28.91 -34.38 -6.38
C VAL K 254 -27.96 -34.27 -7.56
N LEU K 255 -28.52 -34.41 -8.75
CA LEU K 255 -27.77 -34.34 -10.00
C LEU K 255 -27.16 -32.97 -10.21
N LYS K 256 -25.83 -32.91 -10.15
CA LYS K 256 -25.07 -31.67 -10.34
C LYS K 256 -25.47 -30.92 -11.61
N ARG K 257 -25.97 -29.70 -11.44
CA ARG K 257 -26.40 -28.88 -12.57
C ARG K 257 -25.21 -28.33 -13.37
N VAL K 258 -25.44 -28.10 -14.65
CA VAL K 258 -24.42 -27.56 -15.54
C VAL K 258 -24.42 -26.05 -15.42
N ASN K 259 -23.24 -25.47 -15.20
CA ASN K 259 -23.16 -24.04 -15.02
C ASN K 259 -22.24 -23.25 -15.95
N ARG K 260 -22.37 -23.49 -17.26
CA ARG K 260 -21.59 -22.77 -18.27
C ARG K 260 -21.57 -23.41 -19.65
N THR K 261 -21.20 -22.61 -20.65
CA THR K 261 -21.15 -23.05 -22.04
C THR K 261 -19.84 -23.76 -22.38
N GLY K 262 -19.45 -24.72 -21.56
CA GLY K 262 -18.22 -25.45 -21.81
C GLY K 262 -18.46 -26.66 -22.69
N ASN K 267 -14.49 -32.12 -17.71
CA ASN K 267 -14.42 -32.20 -16.25
C ASN K 267 -15.73 -32.73 -15.65
N LYS K 268 -15.67 -33.35 -14.48
CA LYS K 268 -16.88 -33.91 -13.89
C LYS K 268 -17.19 -33.65 -12.43
N GLN K 269 -18.33 -34.21 -12.04
CA GLN K 269 -18.95 -34.16 -10.72
C GLN K 269 -20.41 -34.34 -11.06
N GLU K 270 -20.97 -35.49 -10.73
CA GLU K 270 -22.37 -35.73 -11.07
C GLU K 270 -23.36 -35.27 -10.03
N TYR K 271 -22.96 -35.25 -8.77
CA TYR K 271 -23.86 -34.85 -7.69
C TYR K 271 -23.46 -33.60 -6.92
N GLN K 272 -24.46 -32.96 -6.32
CA GLN K 272 -24.26 -31.78 -5.50
C GLN K 272 -25.13 -31.98 -4.28
N LEU K 273 -24.55 -31.75 -3.11
CA LEU K 273 -25.22 -31.92 -1.83
C LEU K 273 -26.65 -31.38 -1.66
N LEU K 274 -27.01 -30.32 -2.38
CA LEU K 274 -28.36 -29.76 -2.24
C LEU K 274 -28.97 -29.27 -3.55
N LYS K 275 -30.25 -28.92 -3.49
CA LYS K 275 -31.00 -28.41 -4.66
C LYS K 275 -30.75 -26.93 -4.86
N ASP K 276 -30.88 -26.47 -6.09
CA ASP K 276 -30.66 -25.07 -6.40
C ASP K 276 -31.74 -24.15 -5.87
N ASN K 277 -33.00 -24.59 -5.90
CA ASN K 277 -34.08 -23.72 -5.43
C ASN K 277 -34.36 -23.80 -3.96
N LEU K 278 -33.62 -24.63 -3.24
CA LEU K 278 -33.81 -24.74 -1.81
C LEU K 278 -33.71 -23.35 -1.17
N VAL K 279 -32.74 -22.56 -1.63
CA VAL K 279 -32.51 -21.21 -1.11
C VAL K 279 -33.77 -20.32 -1.14
N ARG K 280 -34.69 -20.58 -2.08
CA ARG K 280 -35.91 -19.77 -2.16
C ARG K 280 -36.84 -20.02 -0.97
N SER K 281 -37.19 -21.29 -0.76
CA SER K 281 -38.08 -21.66 0.32
C SER K 281 -37.45 -21.34 1.68
N TYR K 282 -36.13 -21.31 1.72
CA TYR K 282 -35.41 -21.00 2.94
C TYR K 282 -35.50 -19.50 3.26
N ASN K 283 -35.54 -18.68 2.21
CA ASN K 283 -35.65 -17.24 2.41
C ASN K 283 -37.08 -16.94 2.86
N LYS K 284 -38.05 -17.48 2.13
CA LYS K 284 -39.44 -17.26 2.49
C LYS K 284 -39.67 -17.72 3.92
N ALA K 285 -39.04 -18.83 4.30
CA ALA K 285 -39.20 -19.35 5.66
C ALA K 285 -38.73 -18.32 6.70
N LEU K 286 -37.47 -17.94 6.64
CA LEU K 286 -36.93 -16.97 7.58
C LEU K 286 -37.74 -15.68 7.55
N LYS K 287 -38.14 -15.27 6.35
CA LYS K 287 -38.92 -14.06 6.16
C LYS K 287 -40.14 -14.05 7.07
N LYS K 288 -41.04 -15.00 6.85
CA LYS K 288 -42.28 -15.11 7.65
C LYS K 288 -42.01 -15.52 9.09
N ASN K 289 -41.41 -16.69 9.24
CA ASN K 289 -41.09 -17.24 10.54
C ASN K 289 -39.96 -16.44 11.23
N ALA K 290 -39.83 -15.17 10.86
CA ALA K 290 -38.80 -14.27 11.39
C ALA K 290 -38.73 -14.14 12.92
N PRO K 291 -37.71 -14.76 13.54
CA PRO K 291 -37.55 -14.70 15.00
C PRO K 291 -36.84 -13.42 15.46
N TYR K 292 -36.55 -12.54 14.52
CA TYR K 292 -35.92 -11.25 14.80
C TYR K 292 -36.35 -10.25 13.74
N SER K 293 -36.33 -8.96 14.09
CA SER K 293 -36.74 -7.90 13.19
C SER K 293 -35.85 -7.71 11.95
N ILE K 294 -34.58 -8.09 12.07
CA ILE K 294 -33.62 -7.94 10.97
C ILE K 294 -34.03 -8.68 9.70
N PHE K 295 -34.73 -9.80 9.85
CA PHE K 295 -35.17 -10.55 8.69
C PHE K 295 -36.42 -9.95 8.07
N ALA K 296 -36.89 -8.84 8.64
CA ALA K 296 -38.09 -8.17 8.13
C ALA K 296 -37.71 -7.12 7.09
N ILE K 297 -36.44 -6.72 7.12
CA ILE K 297 -35.89 -5.71 6.22
C ILE K 297 -35.79 -6.22 4.79
N LYS K 298 -36.28 -5.43 3.83
CA LYS K 298 -36.22 -5.85 2.43
C LYS K 298 -34.81 -5.75 1.81
N ASN K 299 -34.39 -6.83 1.17
CA ASN K 299 -33.08 -6.90 0.52
C ASN K 299 -31.99 -7.10 1.55
N GLY K 300 -32.40 -7.34 2.79
CA GLY K 300 -31.45 -7.57 3.85
C GLY K 300 -30.93 -8.99 3.77
N PRO K 301 -30.03 -9.39 4.67
CA PRO K 301 -29.49 -10.75 4.65
C PRO K 301 -30.48 -11.81 5.08
N LYS K 302 -30.50 -12.92 4.36
CA LYS K 302 -31.38 -14.06 4.67
C LYS K 302 -30.47 -15.23 4.96
N SER K 303 -30.03 -15.91 3.91
CA SER K 303 -29.15 -17.06 4.07
C SER K 303 -27.74 -16.60 4.47
N HIS K 304 -27.39 -15.40 4.04
CA HIS K 304 -26.09 -14.84 4.33
C HIS K 304 -25.93 -14.62 5.84
N ILE K 305 -27.05 -14.74 6.56
CA ILE K 305 -27.05 -14.54 7.99
C ILE K 305 -26.17 -15.52 8.74
N GLY K 306 -26.17 -16.76 8.28
CA GLY K 306 -25.36 -17.78 8.94
C GLY K 306 -23.90 -17.41 8.92
N ARG K 307 -23.48 -16.73 7.86
CA ARG K 307 -22.10 -16.32 7.72
C ARG K 307 -21.77 -15.12 8.62
N HIS K 308 -22.60 -14.09 8.56
CA HIS K 308 -22.39 -12.91 9.37
C HIS K 308 -22.34 -13.28 10.85
N LEU K 309 -23.23 -14.19 11.25
CA LEU K 309 -23.27 -14.60 12.63
C LEU K 309 -21.94 -15.18 13.07
N MET K 310 -21.48 -16.25 12.41
CA MET K 310 -20.20 -16.85 12.80
C MET K 310 -19.06 -15.85 12.68
N THR K 311 -19.21 -14.91 11.75
CA THR K 311 -18.18 -13.89 11.56
C THR K 311 -18.00 -13.17 12.89
N SER K 312 -19.09 -12.58 13.37
CA SER K 312 -19.09 -11.85 14.64
C SER K 312 -18.54 -12.69 15.78
N PHE K 313 -19.11 -13.87 15.97
CA PHE K 313 -18.68 -14.75 17.04
C PHE K 313 -17.17 -14.85 17.15
N LEU K 314 -16.50 -14.99 16.00
CA LEU K 314 -15.04 -15.13 15.98
C LEU K 314 -14.26 -13.85 16.27
N SER K 315 -14.77 -12.71 15.78
CA SER K 315 -14.10 -11.44 16.02
C SER K 315 -14.16 -11.07 17.49
N MET K 316 -15.35 -11.20 18.06
CA MET K 316 -15.57 -10.87 19.46
C MET K 316 -14.68 -11.71 20.38
N LYS K 317 -14.01 -12.72 19.83
CA LYS K 317 -13.13 -13.56 20.66
C LYS K 317 -11.67 -13.18 20.39
N GLY K 318 -11.50 -12.10 19.63
CA GLY K 318 -10.17 -11.62 19.27
C GLY K 318 -9.64 -12.37 18.06
N LEU K 319 -10.13 -13.60 17.89
CA LEU K 319 -9.74 -14.48 16.81
C LEU K 319 -10.23 -14.00 15.45
N THR K 320 -10.00 -12.74 15.12
CA THR K 320 -10.47 -12.22 13.85
C THR K 320 -9.60 -12.76 12.72
N GLU K 321 -8.31 -12.88 12.96
CA GLU K 321 -7.42 -13.39 11.92
C GLU K 321 -7.94 -14.74 11.44
N LEU K 322 -8.44 -15.53 12.37
CA LEU K 322 -8.97 -16.87 12.06
C LEU K 322 -10.15 -16.82 11.09
N THR K 323 -10.78 -15.66 10.98
CA THR K 323 -11.93 -15.46 10.09
C THR K 323 -11.59 -15.67 8.63
N ASN K 324 -10.59 -14.94 8.15
CA ASN K 324 -10.14 -15.01 6.75
C ASN K 324 -10.08 -16.45 6.24
N VAL K 325 -9.46 -17.31 7.04
CA VAL K 325 -9.32 -18.71 6.69
C VAL K 325 -10.67 -19.42 6.59
N VAL K 326 -11.42 -19.40 7.70
CA VAL K 326 -12.72 -20.04 7.76
C VAL K 326 -13.71 -19.55 6.71
N GLY K 327 -13.66 -18.27 6.36
CA GLY K 327 -14.57 -17.73 5.38
C GLY K 327 -14.06 -17.81 3.93
N ASN K 328 -12.86 -18.35 3.77
CA ASN K 328 -12.25 -18.50 2.46
C ASN K 328 -12.09 -17.17 1.76
N TRP K 329 -11.44 -16.23 2.45
CA TRP K 329 -11.20 -14.92 1.86
C TRP K 329 -10.02 -15.02 0.93
N SER K 330 -10.15 -14.41 -0.23
CA SER K 330 -9.08 -14.45 -1.22
C SER K 330 -7.79 -13.83 -0.68
N ASP K 331 -6.71 -14.60 -0.72
CA ASP K 331 -5.42 -14.13 -0.23
C ASP K 331 -4.83 -13.00 -1.07
N LYS K 332 -4.03 -12.16 -0.42
CA LYS K 332 -3.45 -11.02 -1.11
C LYS K 332 -1.95 -10.90 -0.85
N ARG K 333 -1.47 -11.55 0.20
CA ARG K 333 -0.05 -11.47 0.56
C ARG K 333 0.89 -12.01 -0.52
N ALA K 334 0.57 -13.17 -1.07
CA ALA K 334 1.39 -13.75 -2.11
C ALA K 334 1.10 -13.07 -3.42
N SER K 335 2.16 -12.83 -4.19
CA SER K 335 2.10 -12.20 -5.50
C SER K 335 1.12 -12.86 -6.46
N ALA K 336 0.55 -12.05 -7.33
CA ALA K 336 -0.41 -12.52 -8.33
C ALA K 336 -0.01 -13.82 -9.07
N VAL K 337 1.16 -13.84 -9.68
CA VAL K 337 1.59 -15.02 -10.42
C VAL K 337 1.83 -16.22 -9.52
N ALA K 338 2.34 -15.99 -8.32
CA ALA K 338 2.60 -17.09 -7.40
C ALA K 338 1.33 -17.84 -7.02
N ARG K 339 0.21 -17.12 -7.00
CA ARG K 339 -1.11 -17.67 -6.65
C ARG K 339 -1.75 -18.38 -7.81
N THR K 340 -1.48 -17.85 -9.00
CA THR K 340 -1.99 -18.32 -10.27
C THR K 340 -1.34 -19.58 -10.87
N THR K 341 -0.03 -19.76 -10.67
CA THR K 341 0.63 -20.91 -11.27
C THR K 341 1.41 -21.80 -10.31
N TYR K 342 1.61 -21.35 -9.08
CA TYR K 342 2.37 -22.16 -8.12
C TYR K 342 1.61 -22.68 -6.87
N THR K 343 0.41 -22.17 -6.62
CA THR K 343 -0.32 -22.58 -5.43
C THR K 343 -1.20 -23.77 -5.75
N HIS K 344 -0.88 -24.92 -5.19
CA HIS K 344 -1.64 -26.11 -5.52
C HIS K 344 -2.34 -26.82 -4.36
N GLN K 345 -2.39 -26.16 -3.21
CA GLN K 345 -3.03 -26.70 -2.02
C GLN K 345 -3.68 -25.55 -1.25
N ILE K 346 -4.94 -25.71 -0.84
CA ILE K 346 -5.59 -24.62 -0.11
C ILE K 346 -5.27 -24.62 1.38
N THR K 347 -5.33 -23.44 1.99
CA THR K 347 -5.07 -23.28 3.42
C THR K 347 -6.08 -24.09 4.22
N ALA K 348 -5.59 -24.76 5.25
CA ALA K 348 -6.43 -25.59 6.09
C ALA K 348 -6.81 -24.90 7.40
N ILE K 349 -8.07 -25.05 7.80
CA ILE K 349 -8.57 -24.48 9.05
C ILE K 349 -7.77 -25.09 10.23
N PRO K 350 -7.23 -24.24 11.11
CA PRO K 350 -6.45 -24.72 12.27
C PRO K 350 -7.28 -25.59 13.20
N ASP K 351 -6.63 -26.62 13.77
CA ASP K 351 -7.28 -27.56 14.68
C ASP K 351 -7.98 -26.96 15.90
N HIS K 352 -7.43 -25.89 16.46
CA HIS K 352 -8.04 -25.28 17.62
C HIS K 352 -9.30 -24.48 17.29
N TYR K 353 -9.70 -24.47 16.02
CA TYR K 353 -10.88 -23.72 15.63
C TYR K 353 -12.14 -24.44 16.10
N PHE K 354 -12.24 -25.70 15.71
CA PHE K 354 -13.40 -26.52 16.04
C PHE K 354 -13.52 -26.78 17.53
N ALA K 355 -12.40 -26.76 18.24
CA ALA K 355 -12.43 -26.99 19.68
C ALA K 355 -13.28 -25.89 20.32
N LEU K 356 -13.16 -24.68 19.78
CA LEU K 356 -13.91 -23.54 20.27
C LEU K 356 -15.37 -23.55 19.82
N VAL K 357 -15.63 -24.13 18.66
CA VAL K 357 -17.00 -24.16 18.18
C VAL K 357 -17.75 -25.42 18.62
N SER K 358 -17.01 -26.39 19.15
CA SER K 358 -17.60 -27.65 19.63
C SER K 358 -18.14 -27.44 21.04
N ARG K 359 -17.72 -26.34 21.65
CA ARG K 359 -18.13 -25.97 23.00
C ARG K 359 -17.54 -26.82 24.10
N TYR K 360 -16.66 -27.74 23.73
CA TYR K 360 -15.99 -28.58 24.72
C TYR K 360 -14.84 -27.80 25.33
N TYR K 361 -14.43 -26.73 24.66
CA TYR K 361 -13.34 -25.91 25.14
C TYR K 361 -13.67 -24.42 25.10
N ALA K 362 -12.77 -23.62 25.63
CA ALA K 362 -12.91 -22.16 25.66
C ALA K 362 -11.57 -21.55 25.28
N TYR K 363 -11.59 -20.32 24.78
CA TYR K 363 -10.33 -19.71 24.40
C TYR K 363 -9.74 -18.88 25.52
N ASP K 364 -8.41 -18.97 25.67
CA ASP K 364 -7.71 -18.23 26.69
C ASP K 364 -7.01 -17.04 26.05
N PRO K 365 -7.71 -15.90 25.93
CA PRO K 365 -7.17 -14.69 25.33
C PRO K 365 -5.77 -14.29 25.81
N ILE K 366 -5.45 -14.65 27.05
CA ILE K 366 -4.14 -14.31 27.61
C ILE K 366 -3.05 -15.34 27.30
N SER K 367 -2.91 -16.38 28.15
CA SER K 367 -1.89 -17.40 27.92
C SER K 367 -2.04 -18.05 26.54
N LYS K 368 -3.20 -17.83 25.92
CA LYS K 368 -3.51 -18.36 24.60
C LYS K 368 -3.52 -19.89 24.59
N GLU K 369 -4.59 -20.47 25.11
CA GLU K 369 -4.74 -21.93 25.18
C GLU K 369 -6.21 -22.31 25.10
N MET K 370 -6.46 -23.59 24.82
CA MET K 370 -7.81 -24.09 24.75
C MET K 370 -8.09 -24.82 26.07
N ILE K 371 -8.74 -24.12 26.99
CA ILE K 371 -9.07 -24.68 28.30
C ILE K 371 -10.25 -25.64 28.18
N ALA K 372 -10.04 -26.87 28.64
CA ALA K 372 -11.09 -27.88 28.60
C ALA K 372 -12.15 -27.53 29.64
N LEU K 373 -13.42 -27.59 29.22
CA LEU K 373 -14.52 -27.28 30.13
C LEU K 373 -15.00 -28.55 30.82
N LYS K 374 -15.00 -28.52 32.15
CA LYS K 374 -15.42 -29.65 32.98
C LYS K 374 -16.76 -30.26 32.57
N ASP K 375 -16.72 -31.46 32.01
CA ASP K 375 -17.92 -32.16 31.58
C ASP K 375 -17.67 -33.67 31.69
N GLU K 376 -18.75 -34.44 31.82
CA GLU K 376 -18.66 -35.89 31.95
C GLU K 376 -18.46 -36.58 30.61
N THR K 377 -18.96 -35.96 29.54
CA THR K 377 -18.83 -36.50 28.19
C THR K 377 -17.53 -36.06 27.51
N ASN K 378 -16.59 -37.00 27.37
CA ASN K 378 -15.31 -36.72 26.75
C ASN K 378 -15.38 -37.09 25.26
N PRO K 379 -15.08 -36.12 24.37
CA PRO K 379 -15.12 -36.36 22.92
C PRO K 379 -14.22 -37.51 22.43
N ILE K 380 -12.98 -37.55 22.91
CA ILE K 380 -12.04 -38.60 22.50
C ILE K 380 -12.39 -39.99 23.02
N GLU K 381 -13.15 -40.06 24.11
CA GLU K 381 -13.55 -41.34 24.68
C GLU K 381 -14.80 -41.89 24.01
N GLU K 382 -15.75 -41.02 23.68
CA GLU K 382 -16.97 -41.46 23.00
C GLU K 382 -16.52 -41.85 21.61
N TRP K 383 -15.29 -41.43 21.31
CA TRP K 383 -14.62 -41.68 20.03
C TRP K 383 -13.91 -43.04 20.08
N GLN K 384 -13.28 -43.32 21.21
CA GLN K 384 -12.53 -44.57 21.41
C GLN K 384 -13.38 -45.84 21.41
N HIS K 385 -14.62 -45.73 21.91
CA HIS K 385 -15.56 -46.87 21.97
C HIS K 385 -16.16 -47.17 20.61
N ILE K 386 -16.69 -46.13 19.96
CA ILE K 386 -17.31 -46.28 18.64
C ILE K 386 -16.25 -46.62 17.60
N GLU K 387 -15.00 -46.64 18.03
CA GLU K 387 -13.88 -46.97 17.15
C GLU K 387 -13.72 -48.48 17.08
N GLN K 388 -13.69 -49.10 18.27
CA GLN K 388 -13.53 -50.53 18.43
C GLN K 388 -14.55 -51.34 17.61
N SER K 396 -23.99 -47.77 8.25
CA SER K 396 -24.00 -48.90 7.32
C SER K 396 -25.12 -48.71 6.28
N ILE K 397 -26.34 -49.07 6.66
CA ILE K 397 -27.47 -48.92 5.76
C ILE K 397 -28.62 -48.25 6.50
N ARG K 398 -28.25 -47.43 7.47
CA ARG K 398 -29.21 -46.65 8.24
C ARG K 398 -29.48 -45.43 7.38
N TYR K 399 -28.51 -45.13 6.52
CA TYR K 399 -28.58 -44.00 5.60
C TYR K 399 -28.63 -44.53 4.18
N PRO K 400 -29.74 -45.16 3.78
CA PRO K 400 -29.83 -45.68 2.41
C PRO K 400 -29.89 -44.51 1.44
N ALA K 401 -29.61 -44.80 0.16
CA ALA K 401 -29.61 -43.78 -0.89
C ALA K 401 -28.30 -43.04 -0.91
N TRP K 402 -27.67 -42.92 0.26
CA TRP K 402 -26.39 -42.23 0.35
C TRP K 402 -25.24 -43.23 0.30
N ASN K 403 -25.55 -44.52 0.46
CA ASN K 403 -24.51 -45.54 0.42
C ASN K 403 -24.11 -45.82 -1.04
N GLY K 404 -22.81 -46.03 -1.26
CA GLY K 404 -22.30 -46.26 -2.60
C GLY K 404 -21.86 -44.92 -3.18
N ILE K 405 -22.31 -43.86 -2.52
CA ILE K 405 -22.01 -42.49 -2.91
C ILE K 405 -21.17 -41.87 -1.78
N ILE K 406 -21.69 -41.95 -0.57
CA ILE K 406 -20.97 -41.42 0.59
C ILE K 406 -20.11 -42.56 1.14
N SER K 407 -18.86 -42.25 1.42
CA SER K 407 -17.92 -43.24 1.96
C SER K 407 -18.52 -44.05 3.12
N GLN K 408 -18.43 -45.37 3.02
CA GLN K 408 -18.95 -46.26 4.05
C GLN K 408 -18.26 -45.91 5.37
N GLU K 409 -16.96 -45.66 5.28
CA GLU K 409 -16.13 -45.29 6.42
C GLU K 409 -16.85 -44.27 7.30
N VAL K 410 -17.51 -43.33 6.64
CA VAL K 410 -18.24 -42.24 7.29
C VAL K 410 -19.64 -42.62 7.74
N LEU K 411 -20.40 -43.26 6.86
CA LEU K 411 -21.75 -43.69 7.20
C LEU K 411 -21.69 -44.62 8.41
N ASP K 412 -20.56 -45.32 8.54
CA ASP K 412 -20.36 -46.23 9.65
C ASP K 412 -20.10 -45.40 10.92
N TYR K 413 -19.24 -44.39 10.79
CA TYR K 413 -18.91 -43.53 11.92
C TYR K 413 -20.16 -42.83 12.45
N LEU K 414 -20.88 -42.17 11.54
CA LEU K 414 -22.08 -41.43 11.90
C LEU K 414 -23.10 -42.29 12.63
N SER K 415 -23.42 -43.42 12.03
CA SER K 415 -24.40 -44.35 12.59
C SER K 415 -24.14 -44.68 14.05
N SER K 416 -23.00 -45.29 14.33
CA SER K 416 -22.66 -45.69 15.69
C SER K 416 -22.59 -44.53 16.68
N TYR K 417 -22.42 -43.31 16.17
CA TYR K 417 -22.36 -42.16 17.07
C TYR K 417 -23.74 -41.81 17.60
N ILE K 418 -24.73 -41.83 16.70
CA ILE K 418 -26.10 -41.50 17.07
C ILE K 418 -26.66 -42.36 18.18
N ASN K 419 -26.10 -43.56 18.36
CA ASN K 419 -26.54 -44.49 19.39
C ASN K 419 -25.69 -44.45 20.65
N ARG K 420 -24.38 -44.66 20.48
CA ARG K 420 -23.45 -44.64 21.60
C ARG K 420 -23.67 -43.44 22.51
N ARG K 421 -24.04 -42.31 21.93
CA ARG K 421 -24.27 -41.10 22.72
C ARG K 421 -25.75 -40.73 22.83
N ILE K 422 -26.24 -40.67 24.07
CA ILE K 422 -27.64 -40.32 24.33
C ILE K 422 -27.87 -38.84 24.07
N PRO L 1 25.07 37.04 -13.16
CA PRO L 1 23.97 36.06 -12.98
C PRO L 1 22.60 36.68 -13.32
N GLN L 2 22.18 36.51 -14.57
CA GLN L 2 20.91 37.05 -15.06
C GLN L 2 19.66 36.82 -14.19
N PHE L 3 19.53 35.65 -13.60
CA PHE L 3 18.37 35.38 -12.75
C PHE L 3 18.26 36.54 -11.76
N ASP L 4 19.39 36.89 -11.14
CA ASP L 4 19.41 37.99 -10.19
C ASP L 4 18.83 39.22 -10.88
N ILE L 5 19.27 39.44 -12.11
CA ILE L 5 18.81 40.58 -12.92
C ILE L 5 17.29 40.56 -13.04
N LEU L 6 16.76 39.43 -13.50
CA LEU L 6 15.32 39.27 -13.67
C LEU L 6 14.61 39.74 -12.41
N CYS L 7 14.96 39.12 -11.29
CA CYS L 7 14.37 39.45 -9.98
C CYS L 7 14.23 40.94 -9.80
N LYS L 8 15.23 41.69 -10.27
CA LYS L 8 15.25 43.13 -10.16
C LYS L 8 14.37 43.78 -11.22
N THR L 9 14.36 43.21 -12.42
CA THR L 9 13.54 43.77 -13.49
C THR L 9 12.07 43.79 -13.12
N PRO L 10 11.40 44.93 -13.31
CA PRO L 10 9.97 45.03 -12.97
C PRO L 10 9.10 44.24 -13.94
N PRO L 11 7.98 43.68 -13.43
CA PRO L 11 7.05 42.88 -14.25
C PRO L 11 6.60 43.58 -15.54
N LYS L 12 5.91 44.71 -15.41
CA LYS L 12 5.44 45.46 -16.57
C LYS L 12 6.60 45.83 -17.48
N VAL L 13 7.74 46.14 -16.86
CA VAL L 13 8.97 46.51 -17.57
C VAL L 13 9.40 45.33 -18.44
N LEU L 14 9.00 44.13 -18.03
CA LEU L 14 9.35 42.92 -18.75
C LEU L 14 8.33 42.61 -19.85
N VAL L 15 7.04 42.68 -19.52
CA VAL L 15 5.99 42.42 -20.50
C VAL L 15 6.15 43.40 -21.65
N ARG L 16 6.81 44.51 -21.36
CA ARG L 16 7.06 45.54 -22.36
C ARG L 16 8.15 45.06 -23.33
N GLN L 17 9.38 44.94 -22.83
CA GLN L 17 10.54 44.52 -23.63
C GLN L 17 10.24 43.32 -24.54
N PHE L 18 9.42 42.41 -24.03
CA PHE L 18 9.06 41.20 -24.77
C PHE L 18 8.27 41.57 -26.02
N VAL L 19 7.33 42.51 -25.88
CA VAL L 19 6.52 42.93 -27.01
C VAL L 19 7.36 43.81 -27.96
N GLU L 20 8.49 44.31 -27.44
CA GLU L 20 9.41 45.17 -28.19
C GLU L 20 10.39 44.42 -29.10
N ARG L 21 10.22 43.11 -29.18
CA ARG L 21 11.10 42.27 -30.00
C ARG L 21 10.34 41.74 -31.21
N PHE L 22 9.05 42.06 -31.28
CA PHE L 22 8.21 41.60 -32.38
C PHE L 22 7.77 42.72 -33.34
N GLU L 23 7.90 43.97 -32.88
CA GLU L 23 7.55 45.12 -33.71
C GLU L 23 8.79 45.39 -34.56
N ARG L 24 9.93 44.94 -34.05
CA ARG L 24 11.24 45.09 -34.70
C ARG L 24 11.78 43.68 -35.00
N PRO L 25 10.98 42.85 -35.72
CA PRO L 25 11.33 41.47 -36.09
C PRO L 25 12.78 41.23 -36.54
N SER L 26 13.52 40.50 -35.73
CA SER L 26 14.92 40.22 -36.04
C SER L 26 15.39 38.90 -35.45
N GLY L 27 16.56 38.45 -35.91
CA GLY L 27 17.12 37.21 -35.41
C GLY L 27 18.06 37.49 -34.25
N GLU L 28 18.14 38.77 -33.86
CA GLU L 28 19.01 39.17 -32.76
C GLU L 28 18.24 39.55 -31.48
N LYS L 29 17.11 40.21 -31.65
CA LYS L 29 16.30 40.64 -30.51
C LYS L 29 15.42 39.51 -29.98
N ILE L 30 15.00 38.60 -30.88
CA ILE L 30 14.16 37.47 -30.48
C ILE L 30 14.99 36.32 -29.88
N ALA L 31 16.16 36.08 -30.44
CA ALA L 31 17.04 35.00 -29.98
C ALA L 31 17.67 35.24 -28.60
N LEU L 32 17.23 36.30 -27.91
CA LEU L 32 17.78 36.62 -26.60
C LEU L 32 16.72 36.74 -25.49
N CYS L 33 15.45 36.69 -25.89
CA CYS L 33 14.34 36.78 -24.92
C CYS L 33 14.19 35.44 -24.21
N ALA L 34 15.19 34.57 -24.39
CA ALA L 34 15.21 33.24 -23.78
C ALA L 34 14.75 33.28 -22.32
N ALA L 35 15.38 34.17 -21.56
CA ALA L 35 15.08 34.34 -20.13
C ALA L 35 13.68 34.94 -19.85
N GLU L 36 13.26 35.89 -20.69
CA GLU L 36 11.95 36.52 -20.52
C GLU L 36 10.84 35.53 -20.85
N LEU L 37 11.04 34.79 -21.93
CA LEU L 37 10.07 33.80 -22.38
C LEU L 37 9.82 32.82 -21.23
N THR L 38 10.89 32.43 -20.55
CA THR L 38 10.81 31.52 -19.41
C THR L 38 9.92 32.15 -18.32
N TYR L 39 10.38 33.25 -17.75
CA TYR L 39 9.64 33.96 -16.70
C TYR L 39 8.16 34.15 -17.04
N LEU L 40 7.87 34.42 -18.31
CA LEU L 40 6.49 34.62 -18.72
C LEU L 40 5.69 33.33 -18.58
N CYS L 41 6.12 32.31 -19.32
CA CYS L 41 5.46 31.01 -19.31
C CYS L 41 5.07 30.54 -17.92
N TRP L 42 6.00 30.64 -16.97
CA TRP L 42 5.74 30.21 -15.59
C TRP L 42 4.55 30.95 -14.96
N MET L 43 4.71 32.24 -14.73
CA MET L 43 3.65 33.05 -14.12
C MET L 43 2.30 32.83 -14.79
N ILE L 44 2.34 32.47 -16.07
CA ILE L 44 1.13 32.24 -16.86
C ILE L 44 0.41 30.98 -16.38
N THR L 45 1.13 29.86 -16.39
CA THR L 45 0.56 28.58 -15.98
C THR L 45 0.43 28.42 -14.48
N HIS L 46 1.22 29.17 -13.72
CA HIS L 46 1.16 29.07 -12.26
C HIS L 46 0.38 30.19 -11.60
N ASN L 47 -0.33 30.98 -12.40
CA ASN L 47 -1.13 32.07 -11.88
C ASN L 47 -0.30 33.07 -11.05
N GLY L 48 0.82 33.50 -11.61
CA GLY L 48 1.66 34.48 -10.91
C GLY L 48 2.34 34.05 -9.62
N THR L 49 2.67 32.76 -9.50
CA THR L 49 3.36 32.26 -8.31
C THR L 49 4.87 32.34 -8.54
N ALA L 50 5.62 32.69 -7.51
CA ALA L 50 7.07 32.82 -7.63
C ALA L 50 7.70 31.56 -8.22
N ILE L 51 8.94 31.69 -8.67
CA ILE L 51 9.68 30.56 -9.25
C ILE L 51 11.04 30.51 -8.58
N LYS L 52 11.50 29.28 -8.31
CA LYS L 52 12.79 29.10 -7.66
C LYS L 52 13.96 29.26 -8.64
N ARG L 53 15.10 29.68 -8.09
CA ARG L 53 16.33 29.92 -8.85
C ARG L 53 16.71 28.72 -9.74
N ALA L 54 17.02 27.60 -9.10
CA ALA L 54 17.39 26.39 -9.80
C ALA L 54 16.31 25.90 -10.75
N THR L 55 15.05 26.02 -10.35
CA THR L 55 13.96 25.59 -11.22
C THR L 55 13.92 26.43 -12.48
N PHE L 56 14.30 27.70 -12.34
CA PHE L 56 14.31 28.59 -13.47
C PHE L 56 15.41 28.23 -14.47
N MET L 57 16.65 28.25 -14.00
CA MET L 57 17.80 27.95 -14.84
C MET L 57 17.71 26.61 -15.58
N SER L 58 16.91 25.70 -15.04
CA SER L 58 16.74 24.40 -15.68
C SER L 58 15.84 24.60 -16.89
N TYR L 59 14.69 25.23 -16.66
CA TYR L 59 13.71 25.51 -17.70
C TYR L 59 14.29 26.43 -18.75
N ASN L 60 15.19 27.30 -18.32
CA ASN L 60 15.83 28.24 -19.22
C ASN L 60 16.68 27.48 -20.23
N THR L 61 17.58 26.65 -19.71
CA THR L 61 18.47 25.86 -20.56
C THR L 61 17.67 25.12 -21.61
N ILE L 62 16.47 24.68 -21.25
CA ILE L 62 15.64 23.94 -22.18
C ILE L 62 15.16 24.77 -23.36
N ILE L 63 14.60 25.95 -23.08
CA ILE L 63 14.14 26.82 -24.14
C ILE L 63 15.27 27.09 -25.12
N SER L 64 16.39 27.58 -24.59
CA SER L 64 17.57 27.89 -25.38
C SER L 64 17.73 26.89 -26.54
N ASN L 65 17.79 25.62 -26.18
CA ASN L 65 17.98 24.55 -27.16
C ASN L 65 16.77 24.25 -28.02
N SER L 66 15.58 24.52 -27.52
CA SER L 66 14.38 24.23 -28.30
C SER L 66 13.79 25.45 -29.00
N LEU L 67 14.52 26.56 -29.01
CA LEU L 67 14.05 27.79 -29.65
C LEU L 67 14.12 27.74 -31.18
N SER L 68 13.01 28.08 -31.82
CA SER L 68 12.91 28.11 -33.28
C SER L 68 11.75 29.01 -33.72
N PHE L 69 12.07 30.11 -34.40
CA PHE L 69 11.03 31.03 -34.86
C PHE L 69 10.95 31.09 -36.38
N ASP L 70 9.74 31.24 -36.92
CA ASP L 70 9.56 31.29 -38.36
C ASP L 70 10.08 32.59 -38.97
N ILE L 71 11.05 32.44 -39.86
CA ILE L 71 11.70 33.56 -40.55
C ILE L 71 10.74 34.70 -40.90
N VAL L 72 9.68 34.39 -41.65
CA VAL L 72 8.73 35.42 -42.06
C VAL L 72 7.24 35.05 -42.08
N ASN L 73 6.90 33.85 -41.60
CA ASN L 73 5.48 33.48 -41.61
C ASN L 73 4.85 33.60 -40.22
N LYS L 74 5.60 34.20 -39.29
CA LYS L 74 5.12 34.44 -37.91
C LYS L 74 4.74 33.20 -37.10
N SER L 75 5.59 32.87 -36.12
CA SER L 75 5.39 31.73 -35.23
C SER L 75 6.65 31.45 -34.40
N LEU L 76 6.48 30.72 -33.28
CA LEU L 76 7.62 30.37 -32.42
C LEU L 76 7.47 28.97 -31.82
N GLN L 77 8.60 28.30 -31.64
CA GLN L 77 8.60 26.95 -31.07
C GLN L 77 9.69 26.77 -30.03
N PHE L 78 9.38 25.98 -29.01
CA PHE L 78 10.33 25.67 -27.95
C PHE L 78 9.74 24.64 -26.98
N LYS L 79 10.62 23.98 -26.23
CA LYS L 79 10.23 22.97 -25.26
C LYS L 79 10.05 23.59 -23.88
N TYR L 80 9.01 23.17 -23.18
CA TYR L 80 8.72 23.69 -21.85
C TYR L 80 7.83 22.73 -21.07
N LYS L 81 8.28 22.33 -19.89
CA LYS L 81 7.54 21.39 -19.04
C LYS L 81 6.13 21.83 -18.62
N THR L 82 5.12 21.54 -19.45
CA THR L 82 3.75 21.91 -19.11
C THR L 82 2.73 20.92 -19.65
N GLN L 83 1.61 20.79 -18.93
CA GLN L 83 0.53 19.90 -19.34
C GLN L 83 -0.64 20.75 -19.82
N LYS L 84 -0.36 22.03 -20.02
CA LYS L 84 -1.35 22.98 -20.50
C LYS L 84 -0.75 23.83 -21.61
N ALA L 85 -0.34 23.17 -22.70
CA ALA L 85 0.22 23.88 -23.83
C ALA L 85 -0.87 24.78 -24.39
N THR L 86 -2.09 24.24 -24.41
CA THR L 86 -3.28 24.93 -24.89
C THR L 86 -3.44 26.36 -24.35
N ILE L 87 -3.75 26.46 -23.07
CA ILE L 87 -3.95 27.77 -22.45
C ILE L 87 -2.74 28.69 -22.60
N LEU L 88 -1.54 28.16 -22.42
CA LEU L 88 -0.32 28.96 -22.54
C LEU L 88 -0.22 29.54 -23.94
N GLU L 89 -0.86 28.87 -24.89
CA GLU L 89 -0.88 29.33 -26.27
C GLU L 89 -1.79 30.57 -26.31
N ALA L 90 -3.03 30.39 -25.87
CA ALA L 90 -4.04 31.45 -25.84
C ALA L 90 -3.54 32.70 -25.11
N SER L 91 -2.72 32.48 -24.08
CA SER L 91 -2.16 33.58 -23.32
C SER L 91 -1.06 34.26 -24.12
N LEU L 92 -0.07 33.48 -24.55
CA LEU L 92 1.04 34.02 -25.35
C LEU L 92 0.55 34.77 -26.58
N LYS L 93 -0.57 34.31 -27.15
CA LYS L 93 -1.17 34.94 -28.32
C LYS L 93 -1.60 36.37 -27.99
N LYS L 94 -2.40 36.54 -26.93
CA LYS L 94 -2.87 37.85 -26.53
C LYS L 94 -1.77 38.81 -26.06
N LEU L 95 -0.55 38.59 -26.54
CA LEU L 95 0.60 39.44 -26.21
C LEU L 95 1.14 40.02 -27.51
N ILE L 96 1.47 39.14 -28.45
CA ILE L 96 1.96 39.55 -29.76
C ILE L 96 1.08 38.80 -30.77
N PRO L 97 -0.24 39.08 -30.76
CA PRO L 97 -1.23 38.45 -31.66
C PRO L 97 -0.81 38.23 -33.11
N ALA L 98 0.20 38.97 -33.56
CA ALA L 98 0.66 38.83 -34.94
C ALA L 98 1.40 37.51 -35.20
N TRP L 99 1.61 36.72 -34.15
CA TRP L 99 2.33 35.46 -34.28
C TRP L 99 1.55 34.21 -33.84
N GLU L 100 2.11 33.05 -34.18
CA GLU L 100 1.54 31.74 -33.85
C GLU L 100 2.58 30.88 -33.11
N PHE L 101 2.54 30.90 -31.79
CA PHE L 101 3.50 30.12 -31.00
C PHE L 101 3.11 28.66 -30.89
N THR L 102 4.07 27.83 -30.51
CA THR L 102 3.85 26.40 -30.34
C THR L 102 4.72 25.83 -29.20
N ILE L 103 4.08 25.11 -28.29
CA ILE L 103 4.78 24.52 -27.15
C ILE L 103 5.11 23.07 -27.40
N ILE L 104 6.41 22.77 -27.42
CA ILE L 104 6.91 21.43 -27.67
C ILE L 104 7.24 20.72 -26.36
N PRO L 105 6.78 19.48 -26.20
CA PRO L 105 7.03 18.67 -25.00
C PRO L 105 8.53 18.48 -24.74
N TYR L 106 8.86 17.88 -23.59
CA TYR L 106 10.25 17.61 -23.21
C TYR L 106 10.37 16.16 -22.75
N TYR L 107 11.14 15.37 -23.48
CA TYR L 107 11.31 13.94 -23.16
C TYR L 107 12.71 13.60 -22.68
N GLY L 108 13.16 14.22 -21.60
CA GLY L 108 14.49 13.96 -21.07
C GLY L 108 15.53 13.76 -22.16
N GLN L 109 15.39 14.54 -23.25
CA GLN L 109 16.28 14.50 -24.41
C GLN L 109 16.82 13.11 -24.77
N LYS L 110 15.98 12.09 -24.61
CA LYS L 110 16.39 10.71 -24.92
C LYS L 110 16.28 10.48 -26.42
N HIS L 111 16.85 11.41 -27.20
CA HIS L 111 16.82 11.36 -28.66
C HIS L 111 17.66 10.24 -29.27
N GLN L 112 16.98 9.31 -29.95
CA GLN L 112 17.64 8.18 -30.59
C GLN L 112 18.81 8.67 -31.42
N SER L 113 20.02 8.51 -30.87
CA SER L 113 21.23 8.93 -31.55
C SER L 113 21.26 8.34 -32.94
N ASP L 114 22.25 8.73 -33.72
CA ASP L 114 22.39 8.23 -35.08
C ASP L 114 23.13 6.90 -35.02
N ILE L 115 22.75 5.95 -35.88
CA ILE L 115 23.37 4.63 -35.87
C ILE L 115 24.89 4.71 -35.89
N THR L 116 25.41 5.56 -36.76
CA THR L 116 26.85 5.75 -36.87
C THR L 116 27.42 6.25 -35.54
N ASP L 117 26.60 6.98 -34.80
CA ASP L 117 27.00 7.50 -33.50
C ASP L 117 27.03 6.38 -32.49
N ILE L 118 25.94 5.62 -32.44
CA ILE L 118 25.83 4.51 -31.52
C ILE L 118 26.95 3.49 -31.81
N VAL L 119 27.06 3.10 -33.07
CA VAL L 119 28.08 2.14 -33.45
C VAL L 119 29.46 2.63 -33.05
N SER L 120 29.76 3.88 -33.38
CA SER L 120 31.07 4.46 -33.06
C SER L 120 31.42 4.24 -31.59
N SER L 121 30.49 4.58 -30.70
CA SER L 121 30.71 4.40 -29.26
C SER L 121 30.99 2.93 -28.98
N LEU L 122 30.06 2.08 -29.37
CA LEU L 122 30.19 0.64 -29.15
C LEU L 122 31.57 0.12 -29.53
N GLN L 123 32.01 0.47 -30.73
CA GLN L 123 33.33 0.04 -31.22
C GLN L 123 34.42 0.55 -30.28
N LEU L 124 34.28 1.81 -29.87
CA LEU L 124 35.25 2.42 -28.97
C LEU L 124 35.33 1.61 -27.68
N GLN L 125 34.20 1.54 -26.97
CA GLN L 125 34.10 0.81 -25.71
C GLN L 125 34.65 -0.61 -25.82
N PHE L 126 34.51 -1.21 -27.00
CA PHE L 126 34.99 -2.57 -27.24
C PHE L 126 36.49 -2.71 -27.04
N GLU L 127 37.26 -1.83 -27.68
CA GLU L 127 38.72 -1.86 -27.60
C GLU L 127 39.33 -1.31 -26.29
N SER L 128 38.60 -0.44 -25.61
CA SER L 128 39.07 0.14 -24.35
C SER L 128 39.20 -0.93 -23.28
N SER L 137 24.76 2.86 -11.49
CA SER L 137 24.94 1.44 -11.22
C SER L 137 26.36 1.11 -10.80
N HIS L 138 27.31 1.50 -11.64
CA HIS L 138 28.71 1.26 -11.37
C HIS L 138 29.07 1.90 -10.03
N SER L 139 28.68 3.17 -9.86
CA SER L 139 28.95 3.92 -8.63
C SER L 139 28.50 3.19 -7.37
N LYS L 140 27.26 2.71 -7.40
CA LYS L 140 26.69 1.99 -6.25
C LYS L 140 27.49 0.74 -5.94
N LYS L 141 27.96 0.07 -6.99
CA LYS L 141 28.75 -1.13 -6.81
C LYS L 141 30.07 -0.80 -6.10
N MET L 142 30.76 0.22 -6.58
CA MET L 142 32.02 0.64 -6.00
C MET L 142 31.87 0.88 -4.50
N LEU L 143 30.97 1.80 -4.15
CA LEU L 143 30.72 2.12 -2.75
C LEU L 143 30.31 0.86 -1.99
N LYS L 144 29.65 -0.05 -2.70
CA LYS L 144 29.18 -1.29 -2.11
C LYS L 144 30.37 -2.17 -1.68
N ALA L 145 31.41 -2.17 -2.51
CA ALA L 145 32.63 -2.96 -2.25
C ALA L 145 33.57 -2.32 -1.24
N LEU L 146 33.67 -1.00 -1.27
CA LEU L 146 34.53 -0.25 -0.35
C LEU L 146 34.23 -0.57 1.11
N LEU L 147 32.94 -0.49 1.46
CA LEU L 147 32.47 -0.76 2.82
C LEU L 147 32.85 -2.17 3.24
N SER L 148 32.92 -3.07 2.27
CA SER L 148 33.26 -4.47 2.53
C SER L 148 34.73 -4.81 2.28
N GLU L 149 35.63 -3.92 2.71
CA GLU L 149 37.05 -4.16 2.52
C GLU L 149 37.92 -3.64 3.66
N GLY L 150 38.13 -4.49 4.66
CA GLY L 150 38.96 -4.16 5.82
C GLY L 150 38.72 -2.87 6.56
N GLU L 151 38.85 -1.74 5.86
CA GLU L 151 38.66 -0.42 6.44
C GLU L 151 37.23 -0.16 6.92
N SER L 152 37.12 0.62 7.99
CA SER L 152 35.84 0.98 8.57
C SER L 152 35.47 2.36 8.08
N ILE L 153 34.20 2.73 8.25
CA ILE L 153 33.74 4.04 7.82
C ILE L 153 34.61 5.10 8.48
N TRP L 154 34.92 4.88 9.76
CA TRP L 154 35.75 5.81 10.49
C TRP L 154 37.17 5.93 9.91
N GLU L 155 37.64 4.85 9.30
CA GLU L 155 38.98 4.85 8.70
C GLU L 155 38.91 5.46 7.31
N ILE L 156 37.86 5.13 6.58
CA ILE L 156 37.66 5.62 5.22
C ILE L 156 37.50 7.12 5.26
N THR L 157 36.94 7.62 6.35
CA THR L 157 36.73 9.05 6.52
C THR L 157 38.06 9.72 6.79
N GLU L 158 38.84 9.14 7.69
CA GLU L 158 40.15 9.67 8.06
C GLU L 158 41.01 9.89 6.80
N LYS L 159 41.10 8.87 5.95
CA LYS L 159 41.88 8.97 4.72
C LYS L 159 41.36 10.09 3.81
N ILE L 160 40.03 10.24 3.77
CA ILE L 160 39.43 11.28 2.94
C ILE L 160 39.69 12.64 3.56
N LEU L 161 39.55 12.71 4.87
CA LEU L 161 39.74 13.96 5.58
C LEU L 161 41.17 14.48 5.45
N ASN L 162 42.13 13.62 5.82
CA ASN L 162 43.55 13.98 5.76
C ASN L 162 44.09 14.28 4.37
N SER L 163 43.54 13.61 3.36
CA SER L 163 43.99 13.80 1.98
C SER L 163 43.86 15.24 1.49
N PHE L 164 43.29 16.13 2.31
CA PHE L 164 43.14 17.53 1.91
C PHE L 164 44.25 18.39 2.50
N GLU L 165 44.77 17.98 3.65
CA GLU L 165 45.81 18.73 4.35
C GLU L 165 46.98 19.33 3.54
N TYR L 166 47.53 18.59 2.60
CA TYR L 166 48.66 19.11 1.81
C TYR L 166 48.32 19.43 0.36
N THR L 167 47.32 18.74 -0.16
CA THR L 167 46.87 18.94 -1.52
C THR L 167 46.37 20.38 -1.70
N SER L 168 45.96 20.96 -0.58
CA SER L 168 45.43 22.33 -0.52
C SER L 168 46.49 23.41 -0.70
N ARG L 169 46.22 24.35 -1.61
CA ARG L 169 47.14 25.45 -1.84
C ARG L 169 47.14 26.37 -0.63
N PHE L 170 46.12 27.23 -0.53
CA PHE L 170 45.99 28.16 0.59
C PHE L 170 45.74 27.42 1.88
N THR L 171 45.33 28.15 2.92
CA THR L 171 45.04 27.55 4.23
C THR L 171 43.54 27.63 4.52
N LYS L 172 42.89 28.63 3.91
CA LYS L 172 41.46 28.84 4.09
C LYS L 172 40.68 27.68 3.47
N THR L 173 41.07 27.28 2.27
CA THR L 173 40.41 26.17 1.58
C THR L 173 40.58 24.86 2.36
N LYS L 174 41.80 24.58 2.81
CA LYS L 174 42.06 23.37 3.57
C LYS L 174 41.04 23.31 4.70
N THR L 175 40.81 24.48 5.29
CA THR L 175 39.87 24.65 6.40
C THR L 175 38.43 24.42 5.95
N LEU L 176 38.08 24.93 4.78
CA LEU L 176 36.75 24.76 4.22
C LEU L 176 36.47 23.31 3.88
N TYR L 177 37.10 22.83 2.82
CA TYR L 177 36.95 21.44 2.39
C TYR L 177 36.85 20.51 3.60
N GLN L 178 37.92 20.49 4.39
CA GLN L 178 38.01 19.65 5.59
C GLN L 178 36.80 19.79 6.53
N PHE L 179 36.22 20.98 6.60
CA PHE L 179 35.04 21.25 7.44
C PHE L 179 33.82 20.63 6.78
N LEU L 180 33.51 21.10 5.58
CA LEU L 180 32.38 20.62 4.79
C LEU L 180 32.26 19.10 4.86
N PHE L 181 33.32 18.39 4.47
CA PHE L 181 33.27 16.94 4.50
C PHE L 181 32.76 16.47 5.87
N LEU L 182 33.59 16.61 6.89
CA LEU L 182 33.23 16.18 8.24
C LEU L 182 31.80 16.67 8.57
N ALA L 183 31.45 17.85 8.04
CA ALA L 183 30.12 18.42 8.28
C ALA L 183 29.04 17.46 7.82
N THR L 184 28.98 17.23 6.52
CA THR L 184 28.00 16.33 5.95
C THR L 184 27.94 14.97 6.66
N PHE L 185 29.09 14.31 6.77
CA PHE L 185 29.13 13.01 7.42
C PHE L 185 28.46 12.96 8.80
N ILE L 186 28.66 14.02 9.58
CA ILE L 186 28.09 14.10 10.93
C ILE L 186 26.58 14.34 10.94
N ASN L 187 26.12 15.24 10.08
CA ASN L 187 24.71 15.57 9.98
C ASN L 187 24.02 14.82 8.85
N CYS L 188 24.75 13.89 8.24
CA CYS L 188 24.21 13.09 7.15
C CYS L 188 23.48 14.03 6.19
N GLY L 189 24.08 15.17 5.87
CA GLY L 189 23.44 16.10 4.97
C GLY L 189 24.06 16.27 3.60
N ARG L 190 23.40 17.10 2.78
CA ARG L 190 23.85 17.42 1.43
C ARG L 190 24.73 18.63 1.54
N PHE L 191 25.03 19.25 0.41
CA PHE L 191 25.86 20.46 0.39
C PHE L 191 24.99 21.61 0.85
N SER L 192 23.86 21.78 0.17
CA SER L 192 22.92 22.83 0.49
C SER L 192 22.52 22.77 1.97
N ASP L 193 22.37 21.57 2.52
CA ASP L 193 21.99 21.49 3.92
C ASP L 193 23.04 22.15 4.81
N ILE L 194 24.29 22.18 4.36
CA ILE L 194 25.35 22.81 5.16
C ILE L 194 25.54 24.27 4.77
N LYS L 195 25.47 24.56 3.48
CA LYS L 195 25.62 25.93 3.00
C LYS L 195 24.60 26.90 3.59
N ASN L 196 23.32 26.64 3.32
CA ASN L 196 22.24 27.50 3.79
C ASN L 196 22.07 27.72 5.29
N VAL L 197 22.79 26.98 6.12
CA VAL L 197 22.68 27.15 7.57
C VAL L 197 22.70 28.64 7.93
N ASP L 198 21.81 29.05 8.81
CA ASP L 198 21.74 30.44 9.25
C ASP L 198 22.61 30.57 10.49
N PRO L 199 23.79 31.19 10.36
CA PRO L 199 24.71 31.36 11.49
C PRO L 199 24.06 31.91 12.75
N LYS L 200 23.20 32.91 12.61
CA LYS L 200 22.52 33.51 13.77
C LYS L 200 21.72 32.54 14.63
N SER L 201 21.63 31.27 14.21
CA SER L 201 20.87 30.31 14.98
C SER L 201 21.70 29.36 15.85
N PHE L 202 23.01 29.51 15.86
CA PHE L 202 23.84 28.63 16.69
C PHE L 202 23.47 28.84 18.14
N LYS L 203 23.34 27.73 18.88
CA LYS L 203 22.99 27.77 20.29
C LYS L 203 23.35 26.44 20.94
N LEU L 204 23.55 26.47 22.25
CA LEU L 204 23.89 25.25 22.96
C LEU L 204 22.62 24.51 23.38
N VAL L 205 22.64 23.20 23.21
CA VAL L 205 21.52 22.34 23.58
C VAL L 205 22.11 21.26 24.48
N GLN L 206 21.29 20.62 25.31
CA GLN L 206 21.80 19.59 26.20
C GLN L 206 21.70 18.18 25.64
N ASN L 207 22.40 17.25 26.29
CA ASN L 207 22.42 15.85 25.90
C ASN L 207 22.86 15.03 27.10
N LYS L 208 22.09 14.00 27.44
CA LYS L 208 22.41 13.16 28.59
C LYS L 208 23.62 12.27 28.39
N TYR L 209 24.52 12.68 27.51
CA TYR L 209 25.72 11.90 27.22
C TYR L 209 26.97 12.78 27.12
N LEU L 210 26.87 13.84 26.34
CA LEU L 210 27.99 14.76 26.13
C LEU L 210 27.82 16.05 26.90
N GLY L 211 26.73 16.17 27.65
CA GLY L 211 26.50 17.40 28.40
C GLY L 211 25.80 18.41 27.51
N VAL L 212 26.53 19.06 26.62
CA VAL L 212 25.95 20.05 25.71
C VAL L 212 26.44 19.84 24.29
N ILE L 213 25.87 20.61 23.36
CA ILE L 213 26.19 20.52 21.94
C ILE L 213 25.87 21.85 21.26
N ILE L 214 26.41 22.03 20.05
CA ILE L 214 26.17 23.23 19.26
C ILE L 214 25.08 22.90 18.24
N GLN L 215 24.06 23.77 18.11
CA GLN L 215 22.95 23.53 17.19
C GLN L 215 22.68 24.75 16.31
N CYS L 216 22.29 24.50 15.05
CA CYS L 216 21.95 25.60 14.16
C CYS L 216 20.81 25.16 13.25
N LEU L 217 20.31 26.06 12.41
CA LEU L 217 19.17 25.72 11.55
C LEU L 217 19.28 26.02 10.06
N VAL L 218 18.76 25.10 9.25
CA VAL L 218 18.75 25.26 7.80
C VAL L 218 17.28 25.27 7.45
N THR L 219 16.88 26.22 6.62
CA THR L 219 15.48 26.36 6.22
C THR L 219 15.23 26.05 4.74
N GLU L 220 16.11 26.54 3.88
CA GLU L 220 15.99 26.29 2.45
C GLU L 220 16.61 24.97 2.07
N THR L 221 15.77 23.94 2.01
CA THR L 221 16.23 22.60 1.66
C THR L 221 15.56 22.11 0.39
N LYS L 222 16.05 20.96 -0.08
CA LYS L 222 15.53 20.37 -1.30
C LYS L 222 14.05 20.04 -1.18
N THR L 223 13.65 19.44 -0.06
CA THR L 223 12.26 19.09 0.16
C THR L 223 11.51 20.23 0.81
N SER L 224 12.23 21.31 1.11
CA SER L 224 11.68 22.50 1.74
C SER L 224 11.32 22.30 3.22
N VAL L 225 11.62 21.13 3.75
CA VAL L 225 11.34 20.84 5.14
C VAL L 225 12.63 21.12 5.91
N SER L 226 12.60 22.19 6.70
CA SER L 226 13.75 22.63 7.49
C SER L 226 14.31 21.54 8.40
N ARG L 227 15.57 21.71 8.79
CA ARG L 227 16.23 20.75 9.67
C ARG L 227 17.31 21.39 10.55
N HIS L 228 17.78 20.62 11.53
CA HIS L 228 18.83 21.10 12.40
C HIS L 228 20.18 20.51 12.00
N ILE L 229 21.24 21.25 12.30
CA ILE L 229 22.59 20.80 12.01
C ILE L 229 23.33 20.82 13.34
N TYR L 230 24.14 19.80 13.58
CA TYR L 230 24.88 19.72 14.84
C TYR L 230 26.40 19.64 14.68
N PHE L 231 27.09 19.88 15.79
CA PHE L 231 28.55 19.86 15.89
C PHE L 231 28.82 19.49 17.34
N PHE L 232 29.65 18.48 17.57
CA PHE L 232 29.91 18.08 18.94
C PHE L 232 31.34 17.59 19.20
N SER L 233 31.57 17.17 20.43
CA SER L 233 32.88 16.67 20.84
C SER L 233 33.05 15.17 20.63
N ALA L 234 34.01 14.81 19.79
CA ALA L 234 34.27 13.41 19.51
C ALA L 234 35.58 12.97 20.19
N ARG L 235 35.52 11.79 20.83
CA ARG L 235 36.68 11.23 21.52
C ARG L 235 37.54 10.42 20.55
N GLY L 236 38.81 10.81 20.43
CA GLY L 236 39.70 10.11 19.52
C GLY L 236 40.58 11.05 18.72
N ARG L 237 41.05 10.58 17.57
CA ARG L 237 41.92 11.38 16.72
C ARG L 237 41.19 12.43 15.89
N ILE L 238 39.86 12.43 15.97
CA ILE L 238 39.07 13.42 15.24
C ILE L 238 38.03 14.03 16.17
N ASP L 239 37.99 15.35 16.21
CA ASP L 239 37.05 16.09 17.06
C ASP L 239 36.43 17.21 16.24
N PRO L 240 35.16 17.03 15.83
CA PRO L 240 34.40 17.99 15.03
C PRO L 240 34.53 19.42 15.52
N LEU L 241 34.45 19.59 16.84
CA LEU L 241 34.56 20.91 17.46
C LEU L 241 35.86 21.59 17.04
N VAL L 242 36.90 20.78 16.85
CA VAL L 242 38.21 21.28 16.44
C VAL L 242 38.16 21.81 15.00
N TYR L 243 37.55 21.06 14.10
CA TYR L 243 37.45 21.48 12.71
C TYR L 243 36.52 22.68 12.55
N LEU L 244 35.58 22.82 13.48
CA LEU L 244 34.67 23.96 13.45
C LEU L 244 35.47 25.20 13.82
N ASP L 245 36.24 25.05 14.90
CA ASP L 245 37.12 26.09 15.41
C ASP L 245 37.99 26.63 14.29
N GLU L 246 38.73 25.72 13.68
CA GLU L 246 39.62 26.03 12.57
C GLU L 246 38.84 26.63 11.40
N PHE L 247 37.58 26.27 11.27
CA PHE L 247 36.76 26.80 10.20
C PHE L 247 36.49 28.29 10.43
N LEU L 248 35.83 28.57 11.56
CA LEU L 248 35.46 29.93 11.94
C LEU L 248 36.59 30.94 11.85
N ARG L 249 37.77 30.53 12.31
CA ARG L 249 38.93 31.41 12.32
C ARG L 249 39.45 31.85 10.96
N ASN L 250 39.48 30.96 9.98
CA ASN L 250 39.97 31.30 8.65
C ASN L 250 38.84 31.66 7.68
N SER L 251 37.61 31.62 8.17
CA SER L 251 36.47 31.94 7.33
C SER L 251 35.61 33.07 7.92
N GLU L 252 34.77 33.65 7.07
CA GLU L 252 33.90 34.75 7.49
C GLU L 252 32.48 34.64 6.91
N PRO L 253 31.50 35.30 7.53
CA PRO L 253 30.09 35.30 7.10
C PRO L 253 29.87 35.54 5.60
N VAL L 254 28.73 35.10 5.09
CA VAL L 254 28.38 35.24 3.68
C VAL L 254 26.97 35.78 3.47
N LEU L 255 26.84 36.80 2.63
CA LEU L 255 25.54 37.39 2.36
C LEU L 255 24.63 36.38 1.67
N LYS L 256 23.54 36.01 2.35
CA LYS L 256 22.56 35.07 1.84
C LYS L 256 22.05 35.48 0.44
N ARG L 257 22.24 34.60 -0.53
CA ARG L 257 21.83 34.88 -1.91
C ARG L 257 20.31 34.77 -2.08
N VAL L 258 19.77 35.49 -3.05
CA VAL L 258 18.33 35.46 -3.34
C VAL L 258 18.04 34.29 -4.27
N ASN L 259 17.07 33.45 -3.90
CA ASN L 259 16.74 32.28 -4.70
C ASN L 259 15.33 32.12 -5.24
N ARG L 260 14.79 33.18 -5.86
CA ARG L 260 13.47 33.14 -6.45
C ARG L 260 12.86 34.51 -6.73
N THR L 261 11.89 34.52 -7.65
CA THR L 261 11.22 35.75 -8.06
C THR L 261 10.09 36.18 -7.12
N GLY L 262 10.42 36.34 -5.84
CA GLY L 262 9.42 36.76 -4.88
C GLY L 262 9.37 38.26 -4.71
N SER L 265 8.64 39.06 -2.19
CA SER L 265 8.28 38.82 -0.80
C SER L 265 9.17 39.64 0.13
N SER L 266 9.01 39.46 1.43
CA SER L 266 9.79 40.20 2.43
C SER L 266 10.38 39.36 3.57
N ASN L 267 10.27 38.03 3.48
CA ASN L 267 10.84 37.14 4.50
C ASN L 267 12.35 37.37 4.52
N LYS L 268 13.02 37.09 5.64
CA LYS L 268 14.44 37.34 5.70
C LYS L 268 15.40 36.25 6.14
N GLN L 269 16.67 36.62 6.10
CA GLN L 269 17.84 35.84 6.45
C GLN L 269 18.90 36.52 5.60
N GLU L 270 19.82 37.22 6.24
CA GLU L 270 20.87 37.93 5.50
C GLU L 270 22.12 37.10 5.24
N TYR L 271 22.44 36.21 6.16
CA TYR L 271 23.66 35.38 6.05
C TYR L 271 23.46 33.87 5.87
N GLN L 272 24.39 33.24 5.18
CA GLN L 272 24.37 31.79 4.95
C GLN L 272 25.77 31.27 5.26
N LEU L 273 25.83 30.25 6.11
CA LEU L 273 27.11 29.66 6.55
C LEU L 273 28.26 29.48 5.54
N LEU L 274 27.95 29.31 4.26
CA LEU L 274 29.00 29.11 3.26
C LEU L 274 28.69 29.75 1.91
N LYS L 275 29.69 29.77 1.04
CA LYS L 275 29.57 30.34 -0.30
C LYS L 275 28.89 29.35 -1.23
N ASP L 276 28.32 29.85 -2.31
CA ASP L 276 27.63 28.99 -3.25
C ASP L 276 28.56 28.16 -4.13
N ASN L 277 29.67 28.74 -4.57
CA ASN L 277 30.59 28.02 -5.42
C ASN L 277 31.59 27.13 -4.70
N LEU L 278 31.56 27.13 -3.36
CA LEU L 278 32.49 26.30 -2.61
C LEU L 278 32.42 24.86 -3.10
N VAL L 279 31.22 24.39 -3.41
CA VAL L 279 31.00 23.03 -3.87
C VAL L 279 31.86 22.70 -5.11
N ARG L 280 32.12 23.69 -5.94
CA ARG L 280 32.92 23.46 -7.14
C ARG L 280 34.33 23.02 -6.82
N SER L 281 35.05 23.89 -6.11
CA SER L 281 36.43 23.61 -5.73
C SER L 281 36.51 22.38 -4.82
N TYR L 282 35.39 22.03 -4.19
CA TYR L 282 35.35 20.88 -3.31
C TYR L 282 35.29 19.60 -4.16
N ASN L 283 34.55 19.64 -5.25
CA ASN L 283 34.45 18.49 -6.13
C ASN L 283 35.79 18.25 -6.81
N LYS L 284 36.31 19.29 -7.47
CA LYS L 284 37.59 19.20 -8.14
C LYS L 284 38.67 18.69 -7.19
N ALA L 285 38.56 19.04 -5.92
CA ALA L 285 39.53 18.61 -4.90
C ALA L 285 39.47 17.09 -4.72
N LEU L 286 38.27 16.58 -4.44
CA LEU L 286 38.08 15.14 -4.25
C LEU L 286 38.46 14.39 -5.52
N LYS L 287 38.05 14.96 -6.65
CA LYS L 287 38.33 14.39 -7.96
C LYS L 287 39.82 14.07 -8.11
N LYS L 288 40.67 15.10 -8.13
CA LYS L 288 42.11 14.92 -8.26
C LYS L 288 42.72 14.21 -7.06
N ASN L 289 42.58 14.83 -5.89
CA ASN L 289 43.10 14.29 -4.64
C ASN L 289 42.31 13.05 -4.17
N ALA L 290 41.73 12.32 -5.13
CA ALA L 290 40.93 11.11 -4.86
C ALA L 290 41.64 9.99 -4.10
N PRO L 291 41.36 9.84 -2.80
CA PRO L 291 41.99 8.79 -1.98
C PRO L 291 41.34 7.42 -2.19
N TYR L 292 40.39 7.35 -3.13
CA TYR L 292 39.69 6.11 -3.47
C TYR L 292 39.26 6.15 -4.95
N SER L 293 39.12 4.97 -5.54
CA SER L 293 38.75 4.85 -6.95
C SER L 293 37.35 5.35 -7.28
N ILE L 294 36.46 5.30 -6.30
CA ILE L 294 35.07 5.71 -6.50
C ILE L 294 34.90 7.17 -6.92
N PHE L 295 35.83 8.04 -6.51
CA PHE L 295 35.76 9.45 -6.86
C PHE L 295 36.28 9.69 -8.27
N ALA L 296 36.77 8.64 -8.91
CA ALA L 296 37.30 8.74 -10.26
C ALA L 296 36.19 8.57 -11.30
N ILE L 297 35.08 8.00 -10.86
CA ILE L 297 33.93 7.74 -11.72
C ILE L 297 33.21 9.01 -12.15
N LYS L 298 32.94 9.16 -13.44
CA LYS L 298 32.27 10.37 -13.90
C LYS L 298 30.78 10.35 -13.57
N ASN L 299 30.30 11.49 -13.04
CA ASN L 299 28.91 11.70 -12.64
C ASN L 299 28.60 10.96 -11.35
N GLY L 300 29.64 10.46 -10.70
CA GLY L 300 29.47 9.74 -9.45
C GLY L 300 29.35 10.71 -8.29
N PRO L 301 29.17 10.19 -7.07
CA PRO L 301 29.04 11.03 -5.88
C PRO L 301 30.34 11.72 -5.44
N LYS L 302 30.25 13.02 -5.25
CA LYS L 302 31.38 13.83 -4.80
C LYS L 302 31.07 14.28 -3.37
N SER L 303 30.32 15.37 -3.26
CA SER L 303 29.93 15.90 -1.95
C SER L 303 28.89 14.99 -1.29
N HIS L 304 28.06 14.36 -2.12
CA HIS L 304 27.01 13.47 -1.62
C HIS L 304 27.63 12.31 -0.84
N ILE L 305 28.93 12.11 -1.03
CA ILE L 305 29.66 11.03 -0.36
C ILE L 305 29.55 11.08 1.16
N GLY L 306 29.58 12.28 1.71
CA GLY L 306 29.48 12.44 3.16
C GLY L 306 28.18 11.86 3.68
N ARG L 307 27.12 12.01 2.90
CA ARG L 307 25.81 11.50 3.28
C ARG L 307 25.77 9.97 3.17
N HIS L 308 26.12 9.47 1.99
CA HIS L 308 26.13 8.02 1.75
C HIS L 308 26.95 7.30 2.82
N LEU L 309 28.07 7.89 3.21
CA LEU L 309 28.92 7.29 4.23
C LEU L 309 28.21 7.12 5.56
N MET L 310 27.74 8.22 6.12
CA MET L 310 27.03 8.17 7.40
C MET L 310 25.81 7.27 7.28
N THR L 311 25.20 7.25 6.10
CA THR L 311 24.04 6.41 5.85
C THR L 311 24.44 5.00 6.19
N SER L 312 25.45 4.48 5.48
CA SER L 312 25.95 3.12 5.68
C SER L 312 26.30 2.83 7.14
N PHE L 313 27.11 3.71 7.73
CA PHE L 313 27.53 3.55 9.11
C PHE L 313 26.37 3.17 10.02
N LEU L 314 25.27 3.90 9.89
CA LEU L 314 24.07 3.70 10.69
C LEU L 314 23.31 2.40 10.44
N SER L 315 23.14 2.04 9.16
CA SER L 315 22.43 0.81 8.82
C SER L 315 23.17 -0.41 9.34
N MET L 316 24.48 -0.40 9.15
CA MET L 316 25.32 -1.50 9.58
C MET L 316 25.26 -1.72 11.09
N LYS L 317 24.66 -0.76 11.80
CA LYS L 317 24.52 -0.86 13.25
C LYS L 317 23.07 -1.22 13.59
N GLY L 318 22.33 -1.66 12.57
CA GLY L 318 20.93 -2.02 12.77
C GLY L 318 20.08 -0.77 12.88
N LEU L 319 20.70 0.32 13.31
CA LEU L 319 20.04 1.60 13.50
C LEU L 319 19.62 2.26 12.19
N THR L 320 18.99 1.49 11.31
CA THR L 320 18.54 2.04 10.03
C THR L 320 17.38 3.00 10.21
N GLU L 321 16.47 2.66 11.12
CA GLU L 321 15.32 3.52 11.36
C GLU L 321 15.81 4.93 11.69
N LEU L 322 16.84 5.00 12.53
CA LEU L 322 17.42 6.26 12.94
C LEU L 322 17.87 7.11 11.76
N THR L 323 18.03 6.48 10.61
CA THR L 323 18.48 7.17 9.40
C THR L 323 17.48 8.21 8.94
N ASN L 324 16.28 7.76 8.63
CA ASN L 324 15.19 8.63 8.16
C ASN L 324 15.21 10.00 8.83
N VAL L 325 15.32 9.99 10.15
CA VAL L 325 15.34 11.22 10.92
C VAL L 325 16.56 12.06 10.58
N VAL L 326 17.75 11.50 10.85
CA VAL L 326 19.02 12.18 10.62
C VAL L 326 19.17 12.75 9.22
N GLY L 327 18.67 12.04 8.22
CA GLY L 327 18.76 12.52 6.86
C GLY L 327 17.62 13.45 6.45
N ASN L 328 16.65 13.62 7.34
CA ASN L 328 15.50 14.49 7.05
C ASN L 328 14.71 13.96 5.89
N TRP L 329 14.31 12.70 5.96
CA TRP L 329 13.52 12.10 4.90
C TRP L 329 12.08 12.57 5.08
N SER L 330 11.41 12.86 3.97
CA SER L 330 10.03 13.32 4.03
C SER L 330 9.12 12.27 4.66
N ASP L 331 8.37 12.65 5.67
CA ASP L 331 7.47 11.71 6.32
C ASP L 331 6.29 11.35 5.42
N LYS L 332 5.76 10.15 5.63
CA LYS L 332 4.67 9.64 4.81
C LYS L 332 3.56 9.01 5.62
N ARG L 333 3.84 8.71 6.88
CA ARG L 333 2.86 8.08 7.75
C ARG L 333 1.65 8.97 8.02
N ALA L 334 1.90 10.23 8.34
CA ALA L 334 0.82 11.16 8.60
C ALA L 334 0.21 11.63 7.29
N SER L 335 -1.11 11.78 7.30
CA SER L 335 -1.87 12.22 6.13
C SER L 335 -1.36 13.53 5.54
N ALA L 336 -1.60 13.68 4.24
CA ALA L 336 -1.19 14.87 3.49
C ALA L 336 -1.60 16.22 4.11
N VAL L 337 -2.88 16.39 4.40
CA VAL L 337 -3.36 17.64 4.97
C VAL L 337 -2.81 17.86 6.38
N ALA L 338 -2.69 16.78 7.14
CA ALA L 338 -2.16 16.85 8.50
C ALA L 338 -0.74 17.46 8.47
N ARG L 339 0.06 17.04 7.50
CA ARG L 339 1.43 17.54 7.35
C ARG L 339 1.48 18.98 6.83
N THR L 340 0.52 19.28 5.95
CA THR L 340 0.37 20.57 5.30
C THR L 340 -0.19 21.75 6.13
N THR L 341 -1.09 21.47 7.06
CA THR L 341 -1.66 22.57 7.83
C THR L 341 -1.60 22.44 9.35
N TYR L 342 -1.22 21.27 9.86
CA TYR L 342 -1.16 21.09 11.31
C TYR L 342 0.19 20.81 11.94
N THR L 343 1.19 20.48 11.13
CA THR L 343 2.51 20.19 11.64
C THR L 343 3.32 21.47 11.73
N HIS L 344 3.69 21.88 12.94
CA HIS L 344 4.45 23.11 13.12
C HIS L 344 5.78 22.95 13.87
N GLN L 345 6.22 21.71 14.05
CA GLN L 345 7.48 21.40 14.74
C GLN L 345 8.11 20.16 14.08
N ILE L 346 9.39 20.27 13.71
CA ILE L 346 10.10 19.16 13.06
C ILE L 346 10.64 18.12 14.04
N THR L 347 10.76 16.88 13.57
CA THR L 347 11.25 15.80 14.40
C THR L 347 12.67 16.10 14.86
N ALA L 348 12.96 15.79 16.11
CA ALA L 348 14.29 16.03 16.68
C ALA L 348 15.10 14.74 16.72
N ILE L 349 16.39 14.85 16.38
CA ILE L 349 17.32 13.70 16.42
C ILE L 349 17.41 13.17 17.87
N PRO L 350 17.30 11.85 18.05
CA PRO L 350 17.36 11.24 19.40
C PRO L 350 18.72 11.43 20.08
N ASP L 351 18.69 11.67 21.38
CA ASP L 351 19.90 11.90 22.14
C ASP L 351 20.96 10.81 22.02
N HIS L 352 20.54 9.55 22.03
CA HIS L 352 21.48 8.45 21.94
C HIS L 352 22.11 8.33 20.55
N TYR L 353 21.88 9.31 19.69
CA TYR L 353 22.46 9.27 18.37
C TYR L 353 23.90 9.73 18.44
N PHE L 354 24.08 10.95 18.93
CA PHE L 354 25.39 11.55 19.03
C PHE L 354 26.33 10.77 19.94
N ALA L 355 25.76 10.08 20.92
CA ALA L 355 26.55 9.26 21.83
C ALA L 355 27.36 8.25 21.02
N LEU L 356 26.73 7.69 19.99
CA LEU L 356 27.36 6.70 19.13
C LEU L 356 28.34 7.32 18.11
N VAL L 357 28.10 8.56 17.72
CA VAL L 357 28.98 9.20 16.75
C VAL L 357 30.09 10.00 17.42
N SER L 358 29.98 10.17 18.73
CA SER L 358 31.00 10.88 19.50
C SER L 358 32.13 9.90 19.83
N ARG L 359 31.82 8.62 19.70
CA ARG L 359 32.77 7.55 19.96
C ARG L 359 33.03 7.29 21.43
N TYR L 360 32.33 8.01 22.31
CA TYR L 360 32.50 7.82 23.74
C TYR L 360 31.71 6.58 24.17
N TYR L 361 30.74 6.20 23.36
CA TYR L 361 29.91 5.04 23.66
C TYR L 361 29.84 4.10 22.47
N ALA L 362 29.14 2.99 22.68
CA ALA L 362 28.97 1.99 21.63
C ALA L 362 27.54 1.49 21.76
N TYR L 363 26.98 0.96 20.67
CA TYR L 363 25.62 0.45 20.73
C TYR L 363 25.55 -1.02 21.12
N ASP L 364 24.57 -1.34 21.94
CA ASP L 364 24.34 -2.70 22.42
C ASP L 364 23.16 -3.29 21.66
N PRO L 365 23.40 -3.83 20.45
CA PRO L 365 22.34 -4.43 19.64
C PRO L 365 21.38 -5.34 20.39
N ILE L 366 21.84 -5.94 21.49
CA ILE L 366 20.99 -6.82 22.26
C ILE L 366 20.15 -6.10 23.33
N SER L 367 20.70 -5.94 24.54
CA SER L 367 19.97 -5.27 25.61
C SER L 367 19.54 -3.87 25.20
N LYS L 368 20.11 -3.40 24.10
CA LYS L 368 19.80 -2.07 23.56
C LYS L 368 20.17 -0.95 24.54
N GLU L 369 21.47 -0.68 24.65
CA GLU L 369 21.97 0.35 25.56
C GLU L 369 23.21 1.00 24.97
N MET L 370 23.59 2.14 25.53
CA MET L 370 24.78 2.85 25.10
C MET L 370 25.87 2.59 26.14
N ILE L 371 26.70 1.59 25.87
CA ILE L 371 27.78 1.22 26.78
C ILE L 371 28.91 2.24 26.71
N ALA L 372 29.25 2.80 27.86
CA ALA L 372 30.31 3.79 27.94
C ALA L 372 31.64 3.07 27.70
N LEU L 373 32.50 3.68 26.89
CA LEU L 373 33.80 3.08 26.60
C LEU L 373 34.86 3.63 27.56
N LYS L 374 35.51 2.73 28.28
CA LYS L 374 36.53 3.11 29.26
C LYS L 374 37.59 4.07 28.71
N ASP L 375 37.55 5.31 29.21
CA ASP L 375 38.50 6.33 28.79
C ASP L 375 38.72 7.28 29.97
N GLU L 376 39.85 7.99 29.95
CA GLU L 376 40.19 8.92 31.02
C GLU L 376 39.47 10.27 30.87
N THR L 377 39.22 10.65 29.62
CA THR L 377 38.53 11.91 29.30
C THR L 377 37.00 11.78 29.32
N ASN L 378 36.37 12.35 30.35
CA ASN L 378 34.91 12.31 30.48
C ASN L 378 34.28 13.56 29.88
N PRO L 379 33.30 13.37 28.96
CA PRO L 379 32.61 14.47 28.28
C PRO L 379 32.00 15.48 29.25
N ILE L 380 31.18 14.97 30.16
CA ILE L 380 30.47 15.77 31.14
C ILE L 380 31.37 16.49 32.15
N GLU L 381 32.57 15.96 32.38
CA GLU L 381 33.49 16.58 33.32
C GLU L 381 34.30 17.68 32.66
N GLU L 382 34.70 17.47 31.41
CA GLU L 382 35.45 18.48 30.67
C GLU L 382 34.45 19.60 30.41
N TRP L 383 33.18 19.24 30.60
CA TRP L 383 32.03 20.12 30.43
C TRP L 383 31.78 20.93 31.71
N GLN L 384 31.91 20.25 32.85
CA GLN L 384 31.68 20.87 34.15
C GLN L 384 32.69 21.96 34.53
N HIS L 385 33.93 21.81 34.07
CA HIS L 385 34.99 22.77 34.34
C HIS L 385 34.87 24.03 33.49
N ILE L 386 34.71 23.82 32.18
CA ILE L 386 34.58 24.92 31.23
C ILE L 386 33.26 25.65 31.45
N GLU L 387 32.46 25.13 32.37
CA GLU L 387 31.15 25.71 32.71
C GLU L 387 31.33 26.82 33.75
N GLN L 388 32.04 26.48 34.82
CA GLN L 388 32.34 27.38 35.92
C GLN L 388 32.91 28.73 35.44
N SER L 396 35.04 34.24 23.06
CA SER L 396 34.85 35.67 23.27
C SER L 396 35.14 36.43 21.98
N ILE L 397 36.41 36.76 21.78
CA ILE L 397 36.81 37.48 20.58
C ILE L 397 37.97 36.73 19.89
N ARG L 398 38.02 35.42 20.14
CA ARG L 398 39.03 34.56 19.53
C ARG L 398 38.51 34.31 18.12
N TYR L 399 37.20 34.43 17.98
CA TYR L 399 36.53 34.24 16.70
C TYR L 399 35.94 35.58 16.24
N PRO L 400 36.81 36.55 15.91
CA PRO L 400 36.30 37.85 15.46
C PRO L 400 35.54 37.66 14.13
N ALA L 401 34.77 38.67 13.73
CA ALA L 401 33.99 38.61 12.51
C ALA L 401 32.71 37.77 12.69
N TRP L 402 32.77 36.80 13.59
CA TRP L 402 31.61 35.95 13.88
C TRP L 402 30.88 36.43 15.12
N ASN L 403 31.50 37.36 15.87
CA ASN L 403 30.87 37.90 17.07
C ASN L 403 29.84 38.96 16.66
N GLY L 404 28.71 38.99 17.36
CA GLY L 404 27.66 39.93 17.04
C GLY L 404 26.70 39.28 16.05
N ILE L 405 27.15 38.16 15.47
CA ILE L 405 26.37 37.38 14.52
C ILE L 405 26.12 36.00 15.14
N ILE L 406 27.17 35.40 15.66
CA ILE L 406 27.05 34.10 16.32
C ILE L 406 26.88 34.41 17.79
N SER L 407 25.96 33.69 18.43
CA SER L 407 25.68 33.87 19.84
C SER L 407 26.96 33.80 20.68
N GLN L 408 27.15 34.81 21.54
CA GLN L 408 28.32 34.87 22.41
C GLN L 408 28.34 33.58 23.24
N GLU L 409 27.17 33.20 23.75
CA GLU L 409 26.99 32.00 24.54
C GLU L 409 27.83 30.84 23.98
N VAL L 410 27.78 30.69 22.65
CA VAL L 410 28.49 29.63 21.94
C VAL L 410 29.98 29.92 21.70
N LEU L 411 30.29 31.13 21.24
CA LEU L 411 31.67 31.53 20.99
C LEU L 411 32.44 31.39 22.29
N ASP L 412 31.75 31.58 23.41
CA ASP L 412 32.37 31.46 24.73
C ASP L 412 32.61 29.98 25.03
N TYR L 413 31.64 29.15 24.69
CA TYR L 413 31.75 27.71 24.92
C TYR L 413 32.87 27.09 24.10
N LEU L 414 32.86 27.37 22.80
CA LEU L 414 33.85 26.84 21.89
C LEU L 414 35.28 27.19 22.32
N SER L 415 35.52 28.48 22.54
CA SER L 415 36.83 28.98 22.95
C SER L 415 37.46 28.18 24.10
N SER L 416 36.82 28.23 25.26
CA SER L 416 37.31 27.54 26.44
C SER L 416 37.49 26.03 26.26
N TYR L 417 36.82 25.45 25.28
CA TYR L 417 36.96 24.01 25.05
C TYR L 417 38.27 23.69 24.35
N ILE L 418 38.64 24.53 23.38
CA ILE L 418 39.87 24.34 22.62
C ILE L 418 41.10 24.34 23.52
N ASN L 419 41.00 25.01 24.66
CA ASN L 419 42.10 25.12 25.62
C ASN L 419 42.11 24.06 26.73
N ARG L 420 41.09 24.06 27.59
CA ARG L 420 40.99 23.07 28.67
C ARG L 420 41.41 21.70 28.13
N ARG L 421 41.17 21.48 26.83
CA ARG L 421 41.52 20.23 26.18
C ARG L 421 42.78 20.34 25.31
N ILE L 422 43.78 19.51 25.63
CA ILE L 422 45.04 19.50 24.89
C ILE L 422 44.80 19.25 23.40
#